data_6HWN
#
_entry.id   6HWN
#
_cell.length_a   105.976
_cell.length_b   162.786
_cell.length_c   107.948
_cell.angle_alpha   90.00
_cell.angle_beta   116.34
_cell.angle_gamma   90.00
#
_symmetry.space_group_name_H-M   'C 1 2 1'
#
loop_
_entity.id
_entity.type
_entity.pdbx_description
1 polymer 'ATP-dependent Clp protease proteolytic subunit'
2 polymer 'Unknown tripeptide'
3 non-polymer DI(HYDROXYETHYL)ETHER
4 water water
#
loop_
_entity_poly.entity_id
_entity_poly.type
_entity_poly.pdbx_seq_one_letter_code
_entity_poly.pdbx_strand_id
1 'polypeptide(L)'
;MVIPYVIEQTARGERVYDIYSRLLKDRIIFLGTPIDAQVANVVVAQLLFLDAQNPNQEIKLYINSPGGEVDAGLAIYDTM
QFVRAPVSTIVIGMAASMAAVILAAGEKGRRYALPHAKVMIHQPWGGVRGTASDIAIQAQEILKAKKLLNEILAKHTGQP
LEKVEKDTDRDYYLSAQEALEYGLIDQVVTREEALEHHHHHHHH
;
A,B,C,D,E,F,G
2 'polypeptide(L)' (UNK)(UNK)(UNK) H,I,J,K,L,M,N
#
loop_
_chem_comp.id
_chem_comp.type
_chem_comp.name
_chem_comp.formula
PEG non-polymer DI(HYDROXYETHYL)ETHER 'C4 H10 O3'
#
# COMPACT_ATOMS: atom_id res chain seq x y z
N VAL A 2 6.25 -8.16 7.66
CA VAL A 2 5.69 -8.87 8.81
C VAL A 2 6.44 -8.50 10.08
N ILE A 3 6.05 -7.41 10.71
CA ILE A 3 6.69 -6.94 11.94
C ILE A 3 5.72 -7.14 13.09
N PRO A 4 6.07 -7.96 14.09
CA PRO A 4 5.13 -8.30 15.16
C PRO A 4 4.92 -7.18 16.18
N TYR A 5 3.97 -7.42 17.10
CA TYR A 5 3.51 -6.41 18.03
C TYR A 5 3.53 -6.84 19.50
N VAL A 6 3.55 -5.82 20.39
CA VAL A 6 3.37 -5.86 21.84
C VAL A 6 2.43 -4.77 22.32
N ILE A 7 1.73 -5.10 23.41
CA ILE A 7 0.76 -4.24 24.05
C ILE A 7 1.29 -3.81 25.42
N ARG A 15 0.40 2.31 23.63
CA ARG A 15 0.05 1.02 24.20
C ARG A 15 0.43 -0.12 23.26
N VAL A 16 0.46 0.15 21.95
CA VAL A 16 0.78 -0.84 20.94
C VAL A 16 2.15 -0.51 20.35
N TYR A 17 3.01 -1.53 20.28
CA TYR A 17 4.37 -1.41 19.75
C TYR A 17 4.60 -2.46 18.68
N ASP A 18 5.23 -2.06 17.58
CA ASP A 18 5.96 -3.06 16.82
C ASP A 18 7.23 -3.43 17.58
N ILE A 19 7.85 -4.55 17.18
CA ILE A 19 8.95 -5.09 17.98
C ILE A 19 10.13 -4.12 18.04
N TYR A 20 10.39 -3.39 16.96
CA TYR A 20 11.50 -2.44 16.98
C TYR A 20 11.18 -1.25 17.85
N SER A 21 9.93 -0.77 17.82
CA SER A 21 9.52 0.31 18.73
C SER A 21 9.59 -0.15 20.18
N ARG A 22 9.24 -1.40 20.45
CA ARG A 22 9.33 -1.94 21.81
C ARG A 22 10.78 -1.93 22.30
N LEU A 23 11.72 -2.33 21.43
CA LEU A 23 13.12 -2.31 21.82
C LEU A 23 13.67 -0.89 21.94
N LEU A 24 13.14 0.04 21.14
CA LEU A 24 13.55 1.44 21.26
C LEU A 24 13.24 1.99 22.65
N LYS A 25 12.12 1.56 23.24
CA LYS A 25 11.80 1.93 24.61
C LYS A 25 12.90 1.49 25.58
N ASP A 26 13.62 0.42 25.24
CA ASP A 26 14.76 -0.06 26.02
C ASP A 26 16.09 0.48 25.50
N ARG A 27 16.06 1.56 24.70
CA ARG A 27 17.26 2.25 24.21
C ARG A 27 18.08 1.37 23.26
N ILE A 28 17.38 0.57 22.46
CA ILE A 28 17.99 -0.29 21.46
C ILE A 28 17.57 0.22 20.09
N ILE A 29 18.56 0.44 19.22
CA ILE A 29 18.35 0.87 17.84
C ILE A 29 18.92 -0.20 16.92
N PHE A 30 18.24 -0.47 15.81
CA PHE A 30 18.72 -1.42 14.80
C PHE A 30 19.16 -0.67 13.56
N LEU A 31 20.37 -0.97 13.09
CA LEU A 31 20.86 -0.56 11.77
C LEU A 31 21.00 -1.83 10.94
N GLY A 32 19.90 -2.23 10.29
CA GLY A 32 19.81 -3.54 9.69
C GLY A 32 19.55 -3.55 8.20
N THR A 33 19.85 -2.44 7.55
N THR A 33 19.83 -2.43 7.55
CA THR A 33 19.62 -2.31 6.12
CA THR A 33 19.59 -2.31 6.11
C THR A 33 20.83 -1.67 5.45
C THR A 33 20.79 -1.63 5.45
N PRO A 34 20.90 -1.65 4.11
CA PRO A 34 21.83 -0.74 3.45
C PRO A 34 21.51 0.69 3.84
N ILE A 35 22.53 1.53 3.84
CA ILE A 35 22.46 2.87 4.40
C ILE A 35 22.26 3.87 3.26
N ASP A 36 21.13 4.58 3.29
CA ASP A 36 20.96 5.76 2.44
C ASP A 36 20.54 6.92 3.33
N ALA A 37 20.21 8.05 2.72
CA ALA A 37 19.85 9.24 3.50
C ALA A 37 18.69 8.96 4.44
N GLN A 38 17.68 8.22 3.96
CA GLN A 38 16.49 8.02 4.78
C GLN A 38 16.80 7.13 5.97
N VAL A 39 17.65 6.12 5.79
CA VAL A 39 18.04 5.29 6.92
C VAL A 39 18.83 6.09 7.93
N ALA A 40 19.77 6.92 7.45
CA ALA A 40 20.56 7.74 8.36
C ALA A 40 19.67 8.70 9.15
N ASN A 41 18.69 9.32 8.48
CA ASN A 41 17.83 10.28 9.17
C ASN A 41 17.08 9.62 10.31
N VAL A 42 16.58 8.40 10.10
CA VAL A 42 15.77 7.79 11.15
C VAL A 42 16.64 7.27 12.28
N VAL A 43 17.87 6.85 11.98
CA VAL A 43 18.79 6.44 13.04
C VAL A 43 19.27 7.67 13.82
N VAL A 44 19.57 8.76 13.10
CA VAL A 44 19.93 10.00 13.79
C VAL A 44 18.78 10.46 14.68
N ALA A 45 17.55 10.39 14.17
CA ALA A 45 16.39 10.79 14.96
C ALA A 45 16.28 9.96 16.24
N GLN A 46 16.51 8.65 16.14
CA GLN A 46 16.42 7.81 17.34
C GLN A 46 17.54 8.12 18.31
N LEU A 47 18.76 8.33 17.80
CA LEU A 47 19.87 8.67 18.67
C LEU A 47 19.60 9.97 19.42
N LEU A 48 19.13 10.99 18.71
CA LEU A 48 18.87 12.27 19.36
C LEU A 48 17.75 12.16 20.38
N PHE A 49 16.70 11.40 20.05
CA PHE A 49 15.60 11.22 20.97
C PHE A 49 16.07 10.55 22.26
N LEU A 50 16.77 9.41 22.14
CA LEU A 50 17.22 8.68 23.31
C LEU A 50 18.17 9.53 24.14
N ASP A 51 19.04 10.30 23.48
CA ASP A 51 19.97 11.15 24.22
C ASP A 51 19.23 12.28 24.93
N ALA A 52 18.12 12.76 24.34
CA ALA A 52 17.32 13.78 25.02
C ALA A 52 16.55 13.20 26.20
N GLN A 53 16.16 11.93 26.13
CA GLN A 53 15.47 11.33 27.27
C GLN A 53 16.42 11.13 28.44
N ASN A 54 17.63 10.66 28.17
CA ASN A 54 18.63 10.50 29.22
C ASN A 54 20.01 10.53 28.57
N PRO A 55 20.79 11.59 28.78
CA PRO A 55 22.12 11.66 28.18
C PRO A 55 23.16 10.81 28.90
N ASN A 56 22.78 10.16 30.00
CA ASN A 56 23.70 9.38 30.80
C ASN A 56 23.54 7.87 30.65
N GLN A 57 22.49 7.41 29.99
CA GLN A 57 22.26 5.97 29.85
C GLN A 57 22.77 5.47 28.50
N GLU A 58 23.34 4.26 28.52
CA GLU A 58 23.84 3.62 27.31
C GLU A 58 22.74 3.46 26.27
N ILE A 59 23.14 3.56 25.00
CA ILE A 59 22.35 3.21 23.82
C ILE A 59 23.06 2.04 23.15
N LYS A 60 22.28 1.07 22.70
CA LYS A 60 22.85 -0.03 22.02
C LYS A 60 22.46 0.00 20.57
N LEU A 61 23.43 -0.04 19.68
CA LEU A 61 23.13 -0.03 18.25
C LEU A 61 23.50 -1.39 17.67
N TYR A 62 22.48 -2.19 17.31
CA TYR A 62 22.71 -3.48 16.69
C TYR A 62 22.90 -3.30 15.19
N ILE A 63 23.92 -3.93 14.63
CA ILE A 63 24.33 -3.68 13.25
C ILE A 63 24.29 -4.97 12.46
N ASN A 64 23.59 -4.92 11.32
CA ASN A 64 23.57 -6.00 10.35
C ASN A 64 23.33 -5.34 9.00
N SER A 65 24.41 -4.85 8.40
CA SER A 65 24.30 -3.97 7.24
C SER A 65 25.48 -4.10 6.30
N PRO A 66 25.26 -4.05 4.98
CA PRO A 66 26.38 -4.04 4.04
C PRO A 66 26.99 -2.66 3.81
N GLY A 67 26.60 -1.65 4.55
CA GLY A 67 27.10 -0.30 4.32
C GLY A 67 26.17 0.46 3.40
N GLY A 68 26.74 1.48 2.76
CA GLY A 68 25.96 2.27 1.84
C GLY A 68 26.59 3.63 1.59
N GLU A 69 25.76 4.66 1.44
CA GLU A 69 26.26 5.98 1.06
C GLU A 69 27.16 6.58 2.14
N VAL A 70 28.25 7.18 1.69
CA VAL A 70 29.25 7.73 2.60
C VAL A 70 28.66 8.87 3.43
N ASP A 71 28.04 9.85 2.76
CA ASP A 71 27.49 10.99 3.52
C ASP A 71 26.47 10.52 4.55
N ALA A 72 25.62 9.57 4.16
CA ALA A 72 24.62 9.05 5.09
C ALA A 72 25.28 8.35 6.27
N GLY A 73 26.30 7.52 6.01
CA GLY A 73 26.98 6.83 7.09
C GLY A 73 27.72 7.79 8.02
N LEU A 74 28.28 8.86 7.45
CA LEU A 74 28.98 9.85 8.26
C LEU A 74 28.02 10.65 9.12
N ALA A 75 26.76 10.80 8.69
CA ALA A 75 25.77 11.46 9.54
C ALA A 75 25.49 10.64 10.81
N ILE A 76 25.40 9.32 10.67
CA ILE A 76 25.27 8.45 11.84
C ILE A 76 26.52 8.55 12.70
N TYR A 77 27.69 8.44 12.06
CA TYR A 77 28.96 8.55 12.77
C TYR A 77 29.05 9.85 13.58
N ASP A 78 28.78 10.99 12.94
CA ASP A 78 28.88 12.26 13.65
C ASP A 78 27.87 12.36 14.79
N THR A 79 26.66 11.82 14.60
CA THR A 79 25.66 11.93 15.65
C THR A 79 26.06 11.08 16.85
N MET A 80 26.64 9.90 16.60
CA MET A 80 27.18 9.07 17.67
C MET A 80 28.23 9.82 18.47
N GLN A 81 29.16 10.48 17.77
CA GLN A 81 30.18 11.25 18.49
C GLN A 81 29.56 12.44 19.21
N PHE A 82 28.49 13.00 18.65
CA PHE A 82 27.92 14.22 19.19
C PHE A 82 27.18 13.99 20.50
N VAL A 83 26.32 12.96 20.55
CA VAL A 83 25.45 12.77 21.70
C VAL A 83 26.28 12.44 22.93
N ARG A 84 25.78 12.88 24.10
CA ARG A 84 26.48 12.54 25.34
C ARG A 84 26.30 11.08 25.70
N ALA A 85 25.16 10.49 25.36
CA ALA A 85 24.90 9.11 25.72
C ALA A 85 25.92 8.20 25.05
N PRO A 86 26.55 7.28 25.78
CA PRO A 86 27.48 6.35 25.16
C PRO A 86 26.75 5.36 24.27
N VAL A 87 27.25 5.16 23.06
CA VAL A 87 26.62 4.30 22.07
C VAL A 87 27.44 3.03 21.96
N SER A 88 26.92 1.94 22.50
CA SER A 88 27.53 0.63 22.32
C SER A 88 27.08 0.03 20.98
N THR A 89 28.02 -0.56 20.26
CA THR A 89 27.74 -1.16 18.96
C THR A 89 27.91 -2.67 19.03
N ILE A 90 27.01 -3.39 18.36
CA ILE A 90 27.03 -4.85 18.33
C ILE A 90 26.75 -5.28 16.90
N VAL A 91 27.70 -5.96 16.27
CA VAL A 91 27.45 -6.53 14.96
C VAL A 91 26.91 -7.94 15.15
N ILE A 92 25.73 -8.16 14.60
CA ILE A 92 25.12 -9.46 14.41
C ILE A 92 25.06 -9.67 12.91
N GLY A 93 25.56 -10.80 12.43
CA GLY A 93 25.58 -10.91 10.98
C GLY A 93 26.78 -10.25 10.33
N MET A 94 26.59 -9.08 9.73
N MET A 94 26.61 -9.07 9.72
CA MET A 94 27.65 -8.43 8.98
CA MET A 94 27.68 -8.45 8.95
C MET A 94 27.68 -6.93 9.29
C MET A 94 27.67 -6.93 9.13
N ALA A 95 28.87 -6.35 9.19
CA ALA A 95 29.03 -4.90 9.25
C ALA A 95 30.11 -4.58 8.22
N ALA A 96 29.69 -4.15 7.04
CA ALA A 96 30.62 -3.92 5.96
C ALA A 96 30.67 -2.44 5.61
N SER A 97 31.86 -2.00 5.25
CA SER A 97 32.05 -0.68 4.66
C SER A 97 31.60 0.41 5.62
N MET A 98 30.64 1.28 5.25
CA MET A 98 30.24 2.33 6.19
C MET A 98 29.69 1.73 7.48
N ALA A 99 29.08 0.55 7.42
CA ALA A 99 28.59 -0.07 8.65
C ALA A 99 29.74 -0.55 9.53
N ALA A 100 30.88 -0.91 8.93
CA ALA A 100 32.05 -1.25 9.71
C ALA A 100 32.67 -0.01 10.38
N VAL A 101 32.65 1.12 9.67
CA VAL A 101 33.10 2.38 10.27
C VAL A 101 32.26 2.72 11.50
N ILE A 102 30.93 2.60 11.36
CA ILE A 102 30.02 2.90 12.46
C ILE A 102 30.25 1.91 13.61
N LEU A 103 30.41 0.62 13.30
CA LEU A 103 30.72 -0.35 14.34
C LEU A 103 31.98 0.05 15.11
N ALA A 104 33.06 0.34 14.38
CA ALA A 104 34.31 0.72 15.04
C ALA A 104 34.19 2.02 15.79
N ALA A 105 33.15 2.82 15.50
CA ALA A 105 32.97 4.13 16.11
C ALA A 105 32.18 4.09 17.42
N GLY A 106 31.67 2.92 17.82
CA GLY A 106 31.01 2.81 19.12
C GLY A 106 31.94 3.18 20.26
N GLU A 107 31.31 3.37 21.42
CA GLU A 107 32.04 3.70 22.65
C GLU A 107 33.14 2.67 22.88
N LYS A 108 34.35 3.14 23.05
CA LYS A 108 35.47 2.25 23.23
C LYS A 108 35.25 1.34 24.43
N GLY A 109 35.50 0.05 24.28
CA GLY A 109 35.20 -0.90 25.36
C GLY A 109 33.81 -1.51 25.27
N ARG A 110 32.94 -0.93 24.44
CA ARG A 110 31.56 -1.40 24.33
C ARG A 110 31.25 -1.73 22.88
N ARG A 111 32.26 -2.16 22.12
CA ARG A 111 32.07 -2.60 20.74
C ARG A 111 32.15 -4.11 20.69
N TYR A 112 31.07 -4.76 20.23
CA TYR A 112 30.92 -6.21 20.37
C TYR A 112 30.60 -6.86 19.04
N ALA A 113 30.91 -8.15 18.95
CA ALA A 113 30.54 -8.98 17.81
C ALA A 113 30.11 -10.34 18.32
N LEU A 114 29.07 -10.89 17.69
CA LEU A 114 28.74 -12.28 17.91
C LEU A 114 29.81 -13.15 17.24
N PRO A 115 29.95 -14.41 17.68
CA PRO A 115 31.12 -15.20 17.28
C PRO A 115 31.27 -15.40 15.78
N HIS A 116 30.17 -15.54 15.04
CA HIS A 116 30.26 -15.79 13.61
C HIS A 116 29.95 -14.55 12.77
N ALA A 117 29.86 -13.38 13.41
CA ALA A 117 29.69 -12.15 12.66
C ALA A 117 30.93 -11.83 11.83
N LYS A 118 30.72 -11.06 10.77
CA LYS A 118 31.76 -10.70 9.82
C LYS A 118 31.88 -9.19 9.72
N VAL A 119 33.11 -8.70 9.60
CA VAL A 119 33.38 -7.28 9.37
C VAL A 119 34.16 -7.17 8.06
N MET A 120 33.88 -6.13 7.29
CA MET A 120 34.61 -5.92 6.05
C MET A 120 34.84 -4.43 5.86
N ILE A 121 36.06 -4.07 5.46
CA ILE A 121 36.39 -2.68 5.19
C ILE A 121 36.96 -2.59 3.79
N HIS A 122 36.70 -1.45 3.13
CA HIS A 122 37.17 -1.26 1.75
C HIS A 122 37.01 0.20 1.39
N GLN A 123 37.70 0.61 0.34
CA GLN A 123 37.65 1.99 -0.10
C GLN A 123 36.27 2.26 -0.73
N PRO A 124 35.88 3.53 -0.81
CA PRO A 124 34.54 3.83 -1.31
C PRO A 124 34.40 3.57 -2.80
N TRP A 125 33.15 3.46 -3.21
CA TRP A 125 32.72 3.19 -4.57
C TRP A 125 31.88 4.37 -5.03
N GLY A 126 31.94 4.68 -6.31
CA GLY A 126 31.22 5.84 -6.77
C GLY A 126 30.95 5.80 -8.25
N GLY A 127 30.53 6.94 -8.76
CA GLY A 127 30.31 7.10 -10.18
C GLY A 127 30.39 8.58 -10.48
N VAL A 128 30.70 8.87 -11.74
CA VAL A 128 30.74 10.25 -12.22
C VAL A 128 30.29 10.22 -13.66
N ARG A 129 29.49 11.21 -14.04
CA ARG A 129 29.23 11.52 -15.44
C ARG A 129 29.34 13.02 -15.64
N GLY A 130 29.72 13.42 -16.83
CA GLY A 130 29.71 14.82 -17.17
C GLY A 130 30.90 15.17 -18.03
N THR A 131 31.10 16.48 -18.17
CA THR A 131 32.28 16.99 -18.83
C THR A 131 33.52 16.68 -17.99
N ALA A 132 34.68 16.83 -18.63
CA ALA A 132 35.95 16.62 -17.92
C ALA A 132 36.04 17.50 -16.67
N SER A 133 35.60 18.76 -16.77
CA SER A 133 35.60 19.66 -15.61
C SER A 133 34.75 19.10 -14.48
N ASP A 134 33.54 18.63 -14.79
CA ASP A 134 32.66 18.11 -13.75
C ASP A 134 33.21 16.83 -13.15
N ILE A 135 33.80 15.97 -13.99
CA ILE A 135 34.38 14.71 -13.53
C ILE A 135 35.56 14.96 -12.58
N ALA A 136 36.43 15.93 -12.92
CA ALA A 136 37.53 16.25 -12.01
C ALA A 136 37.00 16.65 -10.63
N ILE A 137 35.93 17.44 -10.59
CA ILE A 137 35.36 17.85 -9.31
C ILE A 137 34.83 16.64 -8.54
N GLN A 138 34.07 15.78 -9.21
N GLN A 138 34.08 15.77 -9.20
CA GLN A 138 33.53 14.63 -8.49
CA GLN A 138 33.53 14.63 -8.49
C GLN A 138 34.65 13.66 -8.07
C GLN A 138 34.61 13.62 -8.10
N ALA A 139 35.68 13.53 -8.88
CA ALA A 139 36.81 12.65 -8.57
C ALA A 139 37.54 13.13 -7.31
N GLN A 140 37.64 14.44 -7.16
CA GLN A 140 38.25 15.02 -5.97
C GLN A 140 37.43 14.64 -4.74
N GLU A 141 36.12 14.72 -4.83
CA GLU A 141 35.30 14.37 -3.72
C GLU A 141 35.45 12.88 -3.33
N ILE A 142 35.47 11.97 -4.28
CA ILE A 142 35.68 10.57 -3.97
C ILE A 142 37.03 10.37 -3.31
N LEU A 143 38.04 11.04 -3.81
CA LEU A 143 39.36 10.92 -3.25
C LEU A 143 39.46 11.42 -1.82
N LYS A 144 38.82 12.54 -1.49
CA LYS A 144 38.77 13.03 -0.13
C LYS A 144 38.03 12.08 0.79
N ALA A 145 36.91 11.55 0.34
CA ALA A 145 36.15 10.57 1.12
C ALA A 145 36.99 9.34 1.41
N LYS A 146 37.72 8.84 0.42
CA LYS A 146 38.58 7.67 0.64
C LYS A 146 39.62 7.98 1.72
N LYS A 147 40.28 9.14 1.63
CA LYS A 147 41.27 9.48 2.63
C LYS A 147 40.64 9.64 4.00
N LEU A 148 39.49 10.31 4.07
CA LEU A 148 38.83 10.56 5.34
C LEU A 148 38.41 9.26 6.02
N LEU A 149 37.84 8.34 5.25
CA LEU A 149 37.40 7.08 5.86
C LEU A 149 38.58 6.27 6.37
N ASN A 150 39.69 6.27 5.64
CA ASN A 150 40.89 5.60 6.13
C ASN A 150 41.40 6.26 7.41
N GLU A 151 41.29 7.59 7.49
CA GLU A 151 41.72 8.30 8.69
C GLU A 151 40.81 7.97 9.88
N ILE A 152 39.50 7.89 9.66
CA ILE A 152 38.57 7.56 10.75
C ILE A 152 38.83 6.14 11.25
N LEU A 153 39.10 5.23 10.31
CA LEU A 153 39.41 3.85 10.65
C LEU A 153 40.70 3.71 11.46
N ALA A 154 41.74 4.43 11.06
CA ALA A 154 43.01 4.40 11.79
C ALA A 154 42.80 4.95 13.20
N LYS A 155 42.00 6.01 13.30
CA LYS A 155 41.72 6.67 14.57
C LYS A 155 40.98 5.79 15.58
N HIS A 156 39.98 5.03 15.13
CA HIS A 156 39.21 4.18 16.03
C HIS A 156 39.82 2.78 16.21
N THR A 157 40.70 2.34 15.32
CA THR A 157 41.37 1.06 15.52
C THR A 157 42.75 1.20 16.15
N GLY A 158 43.37 2.37 16.06
CA GLY A 158 44.75 2.50 16.49
C GLY A 158 45.76 1.99 15.49
N GLN A 159 45.33 1.57 14.29
CA GLN A 159 46.25 1.11 13.27
C GLN A 159 46.95 2.28 12.59
N PRO A 160 48.14 2.10 12.11
CA PRO A 160 48.75 3.21 11.41
C PRO A 160 47.97 3.47 10.14
N LEU A 161 47.91 4.71 9.71
CA LEU A 161 47.14 5.06 8.55
C LEU A 161 47.55 4.33 7.30
N GLU A 162 48.84 4.16 7.09
CA GLU A 162 49.32 3.46 5.97
C GLU A 162 48.87 2.00 5.94
N LYS A 163 48.80 1.34 7.07
CA LYS A 163 48.34 -0.02 7.04
C LYS A 163 46.87 -0.07 6.63
N VAL A 164 46.07 0.82 7.17
CA VAL A 164 44.65 0.87 6.80
C VAL A 164 44.47 1.16 5.30
N GLU A 165 45.25 2.05 4.77
CA GLU A 165 45.17 2.39 3.37
C GLU A 165 45.49 1.18 2.56
N LYS A 166 46.48 0.43 2.96
CA LYS A 166 46.73 -0.79 2.28
C LYS A 166 45.66 -1.84 2.52
N ASP A 167 45.11 -2.00 3.72
CA ASP A 167 44.18 -3.11 3.88
C ASP A 167 42.87 -2.87 3.13
N THR A 168 42.43 -1.61 3.00
CA THR A 168 41.15 -1.29 2.39
C THR A 168 41.21 -1.11 0.88
N ASP A 169 42.36 -1.38 0.25
CA ASP A 169 42.46 -1.22 -1.20
C ASP A 169 41.48 -2.14 -1.94
N ARG A 170 41.29 -3.36 -1.45
CA ARG A 170 40.23 -4.23 -1.93
C ARG A 170 39.43 -4.71 -0.72
N ASP A 171 38.35 -5.46 -0.98
CA ASP A 171 37.50 -5.96 0.11
C ASP A 171 38.35 -6.73 1.11
N TYR A 172 38.30 -6.30 2.37
CA TYR A 172 39.15 -6.84 3.44
C TYR A 172 38.23 -7.41 4.52
N TYR A 173 38.04 -8.73 4.50
CA TYR A 173 37.10 -9.39 5.39
C TYR A 173 37.78 -9.83 6.69
N LEU A 174 37.09 -9.65 7.80
CA LEU A 174 37.58 -10.06 9.11
C LEU A 174 36.52 -10.90 9.81
N SER A 175 36.94 -12.02 10.39
CA SER A 175 36.12 -12.70 11.38
C SER A 175 36.01 -11.84 12.64
N ALA A 176 35.12 -12.24 13.55
CA ALA A 176 34.97 -11.48 14.79
C ALA A 176 36.29 -11.42 15.56
N GLN A 177 36.97 -12.56 15.68
CA GLN A 177 38.25 -12.59 16.40
C GLN A 177 39.30 -11.74 15.68
N GLU A 178 39.33 -11.78 14.34
CA GLU A 178 40.27 -10.96 13.60
C GLU A 178 39.93 -9.48 13.71
N ALA A 179 38.64 -9.15 13.76
CA ALA A 179 38.26 -7.75 13.95
C ALA A 179 38.67 -7.25 15.33
N LEU A 180 38.64 -8.14 16.33
CA LEU A 180 39.13 -7.78 17.65
C LEU A 180 40.62 -7.46 17.62
N GLU A 181 41.39 -8.34 16.98
CA GLU A 181 42.84 -8.14 16.86
C GLU A 181 43.16 -6.89 16.05
N TYR A 182 42.32 -6.57 15.06
CA TYR A 182 42.50 -5.37 14.26
C TYR A 182 42.21 -4.09 15.04
N GLY A 183 41.39 -4.17 16.09
CA GLY A 183 40.99 -2.99 16.85
C GLY A 183 39.64 -2.40 16.44
N LEU A 184 38.87 -3.11 15.64
CA LEU A 184 37.54 -2.64 15.23
C LEU A 184 36.47 -2.92 16.28
N ILE A 185 36.68 -3.90 17.16
CA ILE A 185 35.75 -4.20 18.26
C ILE A 185 36.58 -4.47 19.50
N ASP A 186 35.88 -4.55 20.64
CA ASP A 186 36.54 -4.79 21.91
C ASP A 186 36.32 -6.18 22.47
N GLN A 187 35.28 -6.89 22.03
CA GLN A 187 34.99 -8.18 22.64
C GLN A 187 34.12 -9.01 21.71
N VAL A 188 34.45 -10.29 21.60
CA VAL A 188 33.57 -11.26 20.96
C VAL A 188 32.75 -11.91 22.06
N VAL A 189 31.44 -11.80 22.00
CA VAL A 189 30.57 -12.32 23.05
C VAL A 189 29.86 -13.56 22.54
N THR A 190 29.97 -14.64 23.28
CA THR A 190 29.34 -15.90 22.93
C THR A 190 28.12 -16.22 23.77
N ARG A 191 28.18 -15.99 25.08
CA ARG A 191 27.09 -16.28 26.00
C ARG A 191 26.75 -15.05 26.83
N GLU A 192 25.51 -15.03 27.33
CA GLU A 192 25.01 -13.85 28.03
C GLU A 192 25.57 -13.73 29.44
N GLU A 193 25.80 -14.85 30.15
CA GLU A 193 26.40 -14.78 31.48
C GLU A 193 27.79 -14.14 31.48
N ALA A 194 28.43 -14.07 30.31
CA ALA A 194 29.77 -13.50 30.19
C ALA A 194 29.75 -11.98 30.11
N LEU A 195 28.66 -11.34 30.54
CA LEU A 195 28.54 -9.89 30.44
C LEU A 195 27.98 -9.30 31.73
N UNK B 1 29.49 9.44 -3.49
CA UNK B 1 30.34 8.49 -2.79
C UNK B 1 29.49 7.43 -2.08
N UNK B 2 29.76 6.17 -2.41
CA UNK B 2 29.17 5.02 -1.74
C UNK B 2 30.29 4.17 -1.16
N UNK B 3 30.07 3.68 0.04
CA UNK B 3 30.98 2.70 0.58
C UNK B 3 30.10 1.54 1.04
N VAL C 2 10.02 1.60 7.37
CA VAL C 2 9.89 1.10 8.74
C VAL C 2 10.23 2.20 9.73
N ILE C 3 9.25 2.88 10.30
CA ILE C 3 9.59 3.95 11.23
C ILE C 3 8.98 3.65 12.61
N PRO C 4 9.81 3.64 13.64
CA PRO C 4 9.41 3.22 14.97
C PRO C 4 8.55 4.27 15.66
N TYR C 5 7.99 3.87 16.79
CA TYR C 5 7.02 4.67 17.51
C TYR C 5 7.44 4.86 18.97
N VAL C 6 6.90 5.92 19.56
CA VAL C 6 6.98 6.33 20.96
C VAL C 6 5.63 6.77 21.50
N ILE C 7 5.48 6.57 22.81
CA ILE C 7 4.32 6.94 23.59
C ILE C 7 4.69 8.06 24.55
N GLU C 8 3.72 8.92 24.84
CA GLU C 8 3.81 9.98 25.86
C GLU C 8 5.17 10.68 25.91
N ARG C 15 -0.79 8.52 24.36
CA ARG C 15 -0.43 9.28 23.17
C ARG C 15 0.68 8.58 22.39
N VAL C 16 0.44 8.25 21.13
CA VAL C 16 1.37 7.47 20.31
C VAL C 16 1.90 8.33 19.17
N TYR C 17 3.22 8.39 19.06
CA TYR C 17 3.92 9.21 18.06
C TYR C 17 4.84 8.33 17.24
N ASP C 18 4.89 8.56 15.93
CA ASP C 18 6.06 8.13 15.19
C ASP C 18 7.24 9.02 15.56
N ILE C 19 8.45 8.57 15.23
CA ILE C 19 9.63 9.26 15.77
C ILE C 19 9.71 10.69 15.26
N TYR C 20 9.32 10.92 14.00
CA TYR C 20 9.42 12.28 13.46
C TYR C 20 8.36 13.19 14.08
N SER C 21 7.15 12.66 14.27
CA SER C 21 6.11 13.41 14.96
C SER C 21 6.50 13.70 16.40
N ARG C 22 7.16 12.73 17.05
CA ARG C 22 7.63 12.93 18.41
C ARG C 22 8.63 14.08 18.48
N LEU C 23 9.55 14.15 17.51
CA LEU C 23 10.52 15.25 17.50
C LEU C 23 9.86 16.57 17.13
N LEU C 24 8.83 16.53 16.27
CA LEU C 24 8.08 17.75 15.96
C LEU C 24 7.47 18.35 17.21
N LYS C 25 7.02 17.51 18.16
CA LYS C 25 6.53 18.01 19.44
C LYS C 25 7.60 18.83 20.18
N ASP C 26 8.88 18.53 19.92
CA ASP C 26 10.00 19.28 20.48
C ASP C 26 10.50 20.36 19.53
N ARG C 27 9.68 20.77 18.55
CA ARG C 27 9.99 21.86 17.62
C ARG C 27 11.16 21.52 16.68
N ILE C 28 11.24 20.25 16.28
CA ILE C 28 12.28 19.77 15.38
C ILE C 28 11.62 19.34 14.07
N ILE C 29 12.13 19.86 12.95
CA ILE C 29 11.67 19.50 11.61
C ILE C 29 12.83 18.90 10.84
N PHE C 30 12.55 17.86 10.06
CA PHE C 30 13.55 17.23 9.22
C PHE C 30 13.32 17.59 7.77
N LEU C 31 14.37 18.07 7.11
CA LEU C 31 14.39 18.24 5.65
C LEU C 31 15.41 17.22 5.16
N GLY C 32 14.92 15.99 4.90
CA GLY C 32 15.86 14.88 4.73
C GLY C 32 15.74 14.17 3.41
N THR C 33 15.13 14.85 2.44
N THR C 33 15.10 14.81 2.45
CA THR C 33 14.83 14.27 1.15
CA THR C 33 14.82 14.25 1.13
C THR C 33 15.16 15.31 0.06
C THR C 33 15.12 15.30 0.06
N PRO C 34 15.24 14.87 -1.19
CA PRO C 34 15.22 15.86 -2.29
C PRO C 34 13.96 16.71 -2.19
N ILE C 35 14.05 17.95 -2.67
CA ILE C 35 13.03 18.96 -2.45
C ILE C 35 12.15 19.07 -3.69
N ASP C 36 10.88 18.74 -3.53
CA ASP C 36 9.87 19.08 -4.53
C ASP C 36 8.73 19.82 -3.83
N ALA C 37 7.65 20.10 -4.56
CA ALA C 37 6.56 20.89 -4.00
C ALA C 37 6.00 20.25 -2.74
N GLN C 38 5.79 18.96 -2.79
CA GLN C 38 5.24 18.24 -1.66
C GLN C 38 6.12 18.28 -0.45
N VAL C 39 7.41 18.12 -0.64
CA VAL C 39 8.31 18.27 0.49
C VAL C 39 8.23 19.69 1.01
N ALA C 40 8.23 20.68 0.11
CA ALA C 40 8.15 22.07 0.55
C ALA C 40 6.86 22.34 1.31
N ASN C 41 5.73 21.82 0.82
CA ASN C 41 4.45 22.08 1.48
C ASN C 41 4.43 21.52 2.90
N VAL C 42 5.00 20.32 3.10
CA VAL C 42 4.94 19.74 4.45
C VAL C 42 5.88 20.47 5.39
N VAL C 43 7.02 20.95 4.89
CA VAL C 43 7.93 21.72 5.72
C VAL C 43 7.33 23.08 6.04
N VAL C 44 6.72 23.73 5.05
CA VAL C 44 6.02 24.98 5.30
C VAL C 44 4.92 24.78 6.32
N ALA C 45 4.15 23.69 6.19
CA ALA C 45 3.08 23.43 7.14
C ALA C 45 3.61 23.31 8.56
N GLN C 46 4.72 22.59 8.76
CA GLN C 46 5.26 22.42 10.09
C GLN C 46 5.81 23.73 10.66
N LEU C 47 6.49 24.52 9.83
CA LEU C 47 7.00 25.80 10.29
C LEU C 47 5.85 26.71 10.74
N LEU C 48 4.77 26.79 9.95
CA LEU C 48 3.63 27.62 10.33
C LEU C 48 2.96 27.10 11.60
N PHE C 49 2.83 25.78 11.72
CA PHE C 49 2.25 25.21 12.93
C PHE C 49 3.06 25.56 14.17
N LEU C 50 4.38 25.31 14.13
CA LEU C 50 5.22 25.58 15.28
C LEU C 50 5.22 27.07 15.64
N ASP C 51 5.28 27.92 14.61
CA ASP C 51 5.27 29.35 14.88
C ASP C 51 3.93 29.81 15.47
N ALA C 52 2.83 29.17 15.07
CA ALA C 52 1.52 29.50 15.65
C ALA C 52 1.43 29.03 17.10
N GLN C 53 2.02 27.89 17.42
CA GLN C 53 2.03 27.42 18.81
C GLN C 53 2.84 28.36 19.70
N ASN C 54 3.98 28.84 19.23
CA ASN C 54 4.79 29.77 20.00
C ASN C 54 5.70 30.53 19.05
N PRO C 55 5.43 31.81 18.80
CA PRO C 55 6.26 32.58 17.85
C PRO C 55 7.60 33.02 18.41
N ASN C 56 7.88 32.76 19.69
CA ASN C 56 9.11 33.18 20.29
C ASN C 56 10.09 32.04 20.59
N GLN C 57 9.69 30.79 20.44
CA GLN C 57 10.57 29.67 20.74
C GLN C 57 11.29 29.20 19.49
N GLU C 58 12.55 28.81 19.66
CA GLU C 58 13.37 28.33 18.55
C GLU C 58 12.72 27.13 17.88
N ILE C 59 12.92 27.04 16.56
CA ILE C 59 12.62 25.85 15.77
C ILE C 59 13.94 25.32 15.23
N LYS C 60 14.12 24.00 15.23
CA LYS C 60 15.33 23.37 14.72
C LYS C 60 15.01 22.64 13.42
N LEU C 61 15.73 23.00 12.36
CA LEU C 61 15.55 22.37 11.05
C LEU C 61 16.81 21.56 10.74
N TYR C 62 16.71 20.24 10.85
CA TYR C 62 17.81 19.35 10.50
C TYR C 62 17.77 19.10 9.00
N ILE C 63 18.93 19.18 8.35
CA ILE C 63 19.00 19.12 6.90
C ILE C 63 19.93 17.98 6.50
N ASN C 64 19.44 17.11 5.61
CA ASN C 64 20.24 16.07 4.97
C ASN C 64 19.58 15.86 3.60
N SER C 65 19.97 16.69 2.64
CA SER C 65 19.24 16.76 1.39
C SER C 65 20.14 17.17 0.24
N PRO C 66 19.97 16.59 -0.94
CA PRO C 66 20.70 17.05 -2.12
C PRO C 66 20.10 18.28 -2.79
N GLY C 67 19.08 18.90 -2.22
CA GLY C 67 18.44 20.04 -2.84
C GLY C 67 17.24 19.60 -3.69
N GLY C 68 16.90 20.45 -4.66
CA GLY C 68 15.81 20.14 -5.55
C GLY C 68 15.25 21.35 -6.29
N GLU C 69 13.94 21.34 -6.49
CA GLU C 69 13.29 22.37 -7.31
C GLU C 69 13.43 23.74 -6.67
N VAL C 70 13.72 24.74 -7.51
CA VAL C 70 14.02 26.07 -6.99
C VAL C 70 12.78 26.67 -6.31
N ASP C 71 11.64 26.67 -7.01
CA ASP C 71 10.43 27.27 -6.44
C ASP C 71 10.06 26.63 -5.12
N ALA C 72 10.16 25.30 -5.04
CA ALA C 72 9.87 24.59 -3.79
C ALA C 72 10.83 25.02 -2.70
N GLY C 73 12.13 25.10 -3.01
CA GLY C 73 13.10 25.50 -2.01
C GLY C 73 12.89 26.94 -1.55
N LEU C 74 12.49 27.82 -2.46
CA LEU C 74 12.26 29.20 -2.09
C LEU C 74 11.02 29.36 -1.21
N ALA C 75 10.03 28.47 -1.36
CA ALA C 75 8.87 28.52 -0.48
C ALA C 75 9.28 28.21 0.95
N ILE C 76 10.19 27.25 1.13
CA ILE C 76 10.76 26.98 2.45
C ILE C 76 11.57 28.19 2.92
N TYR C 77 12.43 28.72 2.06
CA TYR C 77 13.22 29.88 2.42
C TYR C 77 12.33 31.04 2.87
N ASP C 78 11.31 31.36 2.07
CA ASP C 78 10.46 32.51 2.39
C ASP C 78 9.71 32.29 3.69
N THR C 79 9.26 31.06 3.95
CA THR C 79 8.52 30.82 5.19
C THR C 79 9.43 30.95 6.41
N MET C 80 10.69 30.50 6.29
CA MET C 80 11.64 30.70 7.38
C MET C 80 11.80 32.19 7.70
N GLN C 81 11.97 33.01 6.66
CA GLN C 81 12.09 34.45 6.88
C GLN C 81 10.80 35.04 7.41
N PHE C 82 9.65 34.47 7.01
CA PHE C 82 8.37 35.06 7.37
C PHE C 82 8.04 34.85 8.85
N VAL C 83 8.16 33.61 9.34
CA VAL C 83 7.69 33.32 10.70
C VAL C 83 8.51 34.10 11.71
N ARG C 84 7.86 34.47 12.82
CA ARG C 84 8.59 35.17 13.87
C ARG C 84 9.54 34.25 14.61
N ALA C 85 9.20 32.97 14.74
CA ALA C 85 10.04 32.05 15.47
C ALA C 85 11.40 31.93 14.80
N PRO C 86 12.50 32.03 15.55
CA PRO C 86 13.83 31.85 14.93
C PRO C 86 14.06 30.41 14.54
N VAL C 87 14.55 30.21 13.32
CA VAL C 87 14.77 28.87 12.79
C VAL C 87 16.27 28.60 12.78
N SER C 88 16.70 27.70 13.66
CA SER C 88 18.08 27.22 13.62
C SER C 88 18.20 26.09 12.61
N THR C 89 19.27 26.11 11.83
CA THR C 89 19.54 25.09 10.83
C THR C 89 20.78 24.29 11.22
N ILE C 90 20.72 22.98 10.98
CA ILE C 90 21.83 22.06 11.27
C ILE C 90 21.93 21.10 10.09
N VAL C 91 23.06 21.09 9.40
CA VAL C 91 23.27 20.11 8.35
C VAL C 91 23.93 18.89 8.99
N ILE C 92 23.25 17.74 8.86
CA ILE C 92 23.79 16.43 9.19
C ILE C 92 23.92 15.70 7.86
N GLY C 93 25.08 15.19 7.57
CA GLY C 93 25.20 14.61 6.25
C GLY C 93 25.51 15.61 5.14
N MET C 94 24.49 16.04 4.39
CA MET C 94 24.71 16.81 3.17
C MET C 94 23.69 17.93 3.03
N ALA C 95 24.14 19.11 2.59
CA ALA C 95 23.24 20.20 2.23
C ALA C 95 23.70 20.77 0.89
N ALA C 96 23.07 20.34 -0.22
CA ALA C 96 23.51 20.78 -1.54
C ALA C 96 22.46 21.66 -2.20
N SER C 97 22.91 22.56 -3.04
CA SER C 97 22.05 23.37 -3.85
C SER C 97 21.01 24.12 -3.05
N MET C 98 19.74 23.94 -3.36
CA MET C 98 18.67 24.63 -2.63
C MET C 98 18.71 24.29 -1.14
N ALA C 99 19.18 23.11 -0.78
CA ALA C 99 19.32 22.78 0.64
C ALA C 99 20.43 23.57 1.30
N ALA C 100 21.47 23.93 0.55
CA ALA C 100 22.52 24.78 1.12
C ALA C 100 22.02 26.21 1.29
N VAL C 101 21.21 26.69 0.34
CA VAL C 101 20.59 28.00 0.53
C VAL C 101 19.76 28.01 1.80
N ILE C 102 18.97 26.95 2.04
CA ILE C 102 18.12 26.87 3.23
C ILE C 102 18.99 26.81 4.49
N LEU C 103 20.05 26.01 4.46
CA LEU C 103 20.98 25.99 5.58
C LEU C 103 21.48 27.39 5.90
N ALA C 104 21.97 28.09 4.87
CA ALA C 104 22.52 29.43 5.06
C ALA C 104 21.47 30.45 5.48
N ALA C 105 20.19 30.13 5.31
CA ALA C 105 19.10 31.04 5.63
C ALA C 105 18.66 30.94 7.09
N GLY C 106 19.25 30.03 7.85
CA GLY C 106 18.90 29.94 9.26
C GLY C 106 19.21 31.23 9.99
N GLU C 107 18.63 31.35 11.19
CA GLU C 107 18.87 32.51 12.02
C GLU C 107 20.36 32.67 12.25
N LYS C 108 20.87 33.88 11.99
CA LYS C 108 22.29 34.14 12.11
C LYS C 108 22.77 33.88 13.53
N GLY C 109 23.87 33.14 13.65
CA GLY C 109 24.34 32.68 14.93
C GLY C 109 23.87 31.27 15.29
N ARG C 110 22.87 30.75 14.58
CA ARG C 110 22.28 29.45 14.90
C ARG C 110 22.28 28.54 13.69
N ARG C 111 23.26 28.69 12.81
CA ARG C 111 23.44 27.80 11.67
C ARG C 111 24.63 26.91 11.97
N TYR C 112 24.40 25.59 11.97
CA TYR C 112 25.37 24.62 12.49
C TYR C 112 25.63 23.51 11.47
N ALA C 113 26.78 22.85 11.63
CA ALA C 113 27.13 21.68 10.84
C ALA C 113 27.82 20.66 11.73
N LEU C 114 27.52 19.38 11.51
CA LEU C 114 28.33 18.33 12.10
C LEU C 114 29.69 18.27 11.39
N PRO C 115 30.72 17.72 12.05
CA PRO C 115 32.09 17.89 11.55
C PRO C 115 32.33 17.33 10.17
N HIS C 116 31.69 16.21 9.81
CA HIS C 116 31.90 15.64 8.49
C HIS C 116 30.71 15.91 7.58
N ALA C 117 29.90 16.87 7.88
CA ALA C 117 28.85 17.24 7.00
C ALA C 117 29.44 17.91 5.81
N LYS C 118 28.71 17.89 4.73
CA LYS C 118 29.15 18.52 3.53
C LYS C 118 28.17 19.54 2.98
N VAL C 119 28.67 20.66 2.51
CA VAL C 119 27.86 21.66 1.83
C VAL C 119 28.34 21.83 0.39
N MET C 120 27.39 22.06 -0.54
CA MET C 120 27.72 22.31 -1.94
C MET C 120 26.76 23.33 -2.52
N ILE C 121 27.31 24.29 -3.27
CA ILE C 121 26.49 25.30 -3.94
C ILE C 121 26.82 25.24 -5.43
N HIS C 122 25.80 25.51 -6.26
CA HIS C 122 26.00 25.49 -7.70
C HIS C 122 24.82 26.21 -8.36
N GLN C 123 25.03 26.64 -9.59
CA GLN C 123 23.97 27.27 -10.35
C GLN C 123 22.83 26.29 -10.66
N PRO C 124 21.64 26.79 -10.97
CA PRO C 124 20.49 25.89 -11.19
C PRO C 124 20.56 25.13 -12.50
N TRP C 125 19.76 24.08 -12.57
CA TRP C 125 19.70 23.19 -13.71
C TRP C 125 18.27 23.14 -14.20
N GLY C 126 18.06 22.95 -15.48
CA GLY C 126 16.72 23.04 -16.00
C GLY C 126 16.55 22.31 -17.33
N GLY C 127 15.42 22.59 -17.97
CA GLY C 127 15.17 22.07 -19.29
C GLY C 127 14.06 22.87 -19.94
N VAL C 128 14.12 22.92 -21.24
CA VAL C 128 13.16 23.61 -22.03
C VAL C 128 12.91 22.80 -23.29
N ARG C 129 11.66 22.74 -23.70
CA ARG C 129 11.23 22.11 -24.94
C ARG C 129 10.20 23.06 -25.55
N GLY C 130 10.16 23.23 -26.86
CA GLY C 130 9.16 24.09 -27.43
C GLY C 130 9.60 24.91 -28.61
N THR C 131 8.75 25.81 -29.11
CA THR C 131 9.19 26.72 -30.15
C THR C 131 10.26 27.65 -29.59
N ALA C 132 10.98 28.30 -30.51
CA ALA C 132 11.99 29.27 -30.10
C ALA C 132 11.42 30.32 -29.16
N SER C 133 10.20 30.81 -29.44
CA SER C 133 9.53 31.77 -28.57
C SER C 133 9.36 31.22 -27.15
N ASP C 134 8.92 29.97 -27.03
CA ASP C 134 8.73 29.43 -25.68
C ASP C 134 10.06 29.23 -24.99
N ILE C 135 11.09 28.81 -25.73
CA ILE C 135 12.41 28.57 -25.16
C ILE C 135 13.00 29.87 -24.62
N ALA C 136 12.88 30.96 -25.38
CA ALA C 136 13.39 32.24 -24.92
C ALA C 136 12.75 32.63 -23.59
N ILE C 137 11.44 32.38 -23.44
CA ILE C 137 10.74 32.72 -22.20
C ILE C 137 11.28 31.89 -21.04
N GLN C 138 11.41 30.58 -21.23
N GLN C 138 11.44 30.59 -21.24
CA GLN C 138 11.86 29.71 -20.16
CA GLN C 138 11.86 29.72 -20.15
C GLN C 138 13.33 29.97 -19.83
C GLN C 138 13.35 29.84 -19.85
N ALA C 139 14.17 30.20 -20.84
CA ALA C 139 15.58 30.51 -20.57
C ALA C 139 15.71 31.79 -19.75
N GLN C 140 14.84 32.77 -19.99
CA GLN C 140 14.88 33.98 -19.18
C GLN C 140 14.53 33.70 -17.72
N GLU C 141 13.55 32.81 -17.48
CA GLU C 141 13.21 32.47 -16.10
C GLU C 141 14.37 31.78 -15.38
N ILE C 142 15.01 30.80 -16.03
CA ILE C 142 16.13 30.15 -15.36
C ILE C 142 17.28 31.14 -15.11
N LEU C 143 17.50 32.08 -16.03
CA LEU C 143 18.55 33.08 -15.81
C LEU C 143 18.21 34.01 -14.66
N LYS C 144 16.92 34.33 -14.48
CA LYS C 144 16.50 35.10 -13.30
C LYS C 144 16.65 34.31 -12.01
N ALA C 145 16.31 33.02 -12.04
CA ALA C 145 16.50 32.17 -10.86
C ALA C 145 17.98 32.09 -10.47
N LYS C 146 18.87 31.92 -11.45
CA LYS C 146 20.30 31.86 -11.17
C LYS C 146 20.80 33.12 -10.47
N LYS C 147 20.39 34.29 -10.96
CA LYS C 147 20.81 35.54 -10.35
C LYS C 147 20.26 35.66 -8.93
N LEU C 148 18.99 35.30 -8.74
CA LEU C 148 18.34 35.43 -7.44
C LEU C 148 19.02 34.57 -6.38
N LEU C 149 19.36 33.32 -6.74
CA LEU C 149 19.98 32.42 -5.78
C LEU C 149 21.37 32.90 -5.39
N ASN C 150 22.11 33.46 -6.34
CA ASN C 150 23.41 34.04 -6.01
C ASN C 150 23.25 35.24 -5.09
N GLU C 151 22.21 36.06 -5.31
CA GLU C 151 21.97 37.20 -4.44
C GLU C 151 21.58 36.74 -3.04
N ILE C 152 20.77 35.68 -2.94
CA ILE C 152 20.39 35.20 -1.62
C ILE C 152 21.62 34.67 -0.88
N LEU C 153 22.45 33.90 -1.58
CA LEU C 153 23.64 33.33 -0.96
C LEU C 153 24.60 34.41 -0.49
N ALA C 154 24.79 35.44 -1.31
CA ALA C 154 25.68 36.53 -0.96
C ALA C 154 25.19 37.29 0.27
N LYS C 155 23.88 37.51 0.32
CA LYS C 155 23.25 38.22 1.43
C LYS C 155 23.39 37.50 2.77
N HIS C 156 23.23 36.18 2.75
CA HIS C 156 23.32 35.39 3.97
C HIS C 156 24.74 34.93 4.31
N THR C 157 25.68 34.96 3.36
CA THR C 157 27.06 34.63 3.70
C THR C 157 27.90 35.88 3.96
N GLY C 158 27.47 37.04 3.47
CA GLY C 158 28.28 38.23 3.53
C GLY C 158 29.34 38.31 2.45
N GLN C 159 29.38 37.34 1.53
CA GLN C 159 30.34 37.32 0.44
C GLN C 159 29.91 38.29 -0.65
N PRO C 160 30.86 38.89 -1.37
CA PRO C 160 30.47 39.72 -2.51
C PRO C 160 29.74 38.88 -3.53
N LEU C 161 28.70 39.49 -4.14
CA LEU C 161 27.91 38.78 -5.15
C LEU C 161 28.78 38.23 -6.26
N GLU C 162 29.75 39.03 -6.70
CA GLU C 162 30.68 38.63 -7.74
C GLU C 162 31.46 37.36 -7.42
N LYS C 163 31.83 37.20 -6.16
CA LYS C 163 32.53 35.98 -5.77
C LYS C 163 31.59 34.77 -5.79
N VAL C 164 30.39 34.92 -5.23
CA VAL C 164 29.40 33.84 -5.21
C VAL C 164 29.07 33.38 -6.63
N GLU C 165 28.92 34.35 -7.54
CA GLU C 165 28.61 34.01 -8.93
C GLU C 165 29.75 33.22 -9.56
N LYS C 166 30.98 33.55 -9.21
CA LYS C 166 32.11 32.79 -9.73
C LYS C 166 32.16 31.40 -9.11
N ASP C 167 31.91 31.29 -7.81
CA ASP C 167 32.08 30.03 -7.12
C ASP C 167 31.02 29.00 -7.54
N THR C 168 29.79 29.44 -7.84
CA THR C 168 28.69 28.52 -8.17
C THR C 168 28.62 28.16 -9.65
N ASP C 169 29.60 28.58 -10.46
CA ASP C 169 29.55 28.25 -11.88
C ASP C 169 29.54 26.74 -12.11
N ARG C 170 30.30 25.98 -11.30
CA ARG C 170 30.24 24.53 -11.26
C ARG C 170 30.03 24.08 -9.82
N ASP C 171 29.90 22.76 -9.62
CA ASP C 171 29.71 22.23 -8.27
C ASP C 171 30.83 22.68 -7.34
N TYR C 172 30.46 23.34 -6.25
CA TYR C 172 31.40 23.99 -5.35
C TYR C 172 31.22 23.36 -3.97
N TYR C 173 32.07 22.39 -3.64
CA TYR C 173 31.97 21.60 -2.41
C TYR C 173 32.74 22.25 -1.27
N LEU C 174 32.14 22.23 -0.08
CA LEU C 174 32.77 22.76 1.12
C LEU C 174 32.69 21.74 2.24
N SER C 175 33.81 21.52 2.93
CA SER C 175 33.77 20.87 4.23
C SER C 175 33.05 21.78 5.23
N ALA C 176 32.73 21.22 6.41
CA ALA C 176 32.06 22.02 7.42
C ALA C 176 32.88 23.25 7.80
N GLN C 177 34.18 23.06 8.03
CA GLN C 177 35.05 24.17 8.37
C GLN C 177 35.14 25.17 7.22
N GLU C 178 35.16 24.69 5.98
CA GLU C 178 35.20 25.61 4.85
C GLU C 178 33.88 26.38 4.71
N ALA C 179 32.76 25.73 5.00
CA ALA C 179 31.48 26.41 4.97
C ALA C 179 31.38 27.47 6.06
N LEU C 180 32.01 27.23 7.21
CA LEU C 180 32.09 28.23 8.25
C LEU C 180 32.87 29.45 7.78
N GLU C 181 34.04 29.21 7.17
CA GLU C 181 34.83 30.33 6.64
C GLU C 181 34.11 31.06 5.51
N TYR C 182 33.30 30.34 4.72
CA TYR C 182 32.55 30.98 3.64
C TYR C 182 31.43 31.87 4.16
N GLY C 183 30.93 31.62 5.36
CA GLY C 183 29.79 32.33 5.90
C GLY C 183 28.45 31.61 5.76
N LEU C 184 28.47 30.33 5.35
CA LEU C 184 27.24 29.56 5.19
C LEU C 184 26.68 29.04 6.51
N ILE C 185 27.55 28.86 7.51
CA ILE C 185 27.15 28.42 8.83
C ILE C 185 27.91 29.26 9.85
N ASP C 186 27.50 29.13 11.11
CA ASP C 186 28.10 29.86 12.21
C ASP C 186 28.96 29.00 13.11
N GLN C 187 28.77 27.68 13.12
CA GLN C 187 29.53 26.87 14.06
C GLN C 187 29.56 25.43 13.59
N VAL C 188 30.73 24.81 13.70
CA VAL C 188 30.88 23.37 13.55
C VAL C 188 30.77 22.77 14.94
N VAL C 189 29.81 21.87 15.13
CA VAL C 189 29.57 21.28 16.44
C VAL C 189 30.04 19.83 16.41
N THR C 190 30.89 19.47 17.37
CA THR C 190 31.43 18.12 17.47
C THR C 190 30.83 17.33 18.61
N ARG C 191 30.77 17.91 19.81
CA ARG C 191 30.26 17.21 20.98
C ARG C 191 29.21 18.02 21.71
N GLU C 192 28.27 17.32 22.34
CA GLU C 192 27.19 17.96 23.06
C GLU C 192 27.69 18.37 24.44
N GLU C 193 27.44 19.62 24.81
CA GLU C 193 27.73 20.19 26.13
C GLU C 193 28.11 19.20 27.24
N UNK D 1 14.75 26.23 -12.68
CA UNK D 1 13.77 25.17 -12.42
C UNK D 1 14.26 24.26 -11.29
N UNK D 2 15.37 23.58 -11.53
CA UNK D 2 15.97 22.68 -10.54
C UNK D 2 17.33 23.21 -10.09
N UNK D 3 17.59 23.10 -8.79
CA UNK D 3 18.92 23.40 -8.25
C UNK D 3 19.36 22.26 -7.35
N VAL E 2 5.58 10.38 4.25
CA VAL E 2 6.15 10.67 5.55
C VAL E 2 5.58 12.00 6.06
N ILE E 3 4.29 12.01 6.33
CA ILE E 3 3.57 13.20 6.81
C ILE E 3 3.39 13.08 8.28
N PRO E 4 3.91 14.00 9.10
CA PRO E 4 3.89 13.84 10.55
C PRO E 4 2.51 14.11 11.15
N TYR E 5 2.38 13.79 12.42
CA TYR E 5 1.12 13.83 13.14
C TYR E 5 1.23 14.72 14.37
N VAL E 6 0.07 15.17 14.85
CA VAL E 6 -0.06 15.97 16.05
C VAL E 6 -1.18 15.35 16.88
N ILE E 7 -1.03 15.40 18.20
CA ILE E 7 -2.00 14.80 19.11
C ILE E 7 -2.68 15.88 19.92
N GLU E 8 -3.99 16.05 19.70
CA GLU E 8 -4.87 16.87 20.53
C GLU E 8 -4.32 18.27 20.75
N GLN E 9 -4.13 18.98 19.63
CA GLN E 9 -3.67 20.36 19.68
C GLN E 9 -4.78 21.29 19.21
N GLU E 14 -8.55 12.40 23.63
CA GLU E 14 -7.47 12.73 22.71
C GLU E 14 -7.96 12.87 21.27
N ARG E 15 -7.09 13.36 20.40
CA ARG E 15 -7.41 13.47 18.97
C ARG E 15 -6.09 13.52 18.20
N VAL E 16 -6.00 12.71 17.15
CA VAL E 16 -4.78 12.59 16.35
C VAL E 16 -5.02 13.23 14.98
N TYR E 17 -4.19 14.20 14.63
CA TYR E 17 -4.23 14.88 13.35
C TYR E 17 -2.93 14.66 12.60
N ASP E 18 -3.01 14.40 11.30
CA ASP E 18 -1.85 14.70 10.48
C ASP E 18 -1.72 16.22 10.35
N ILE E 19 -0.57 16.68 9.86
CA ILE E 19 -0.27 18.11 9.95
C ILE E 19 -1.28 18.92 9.14
N TYR E 20 -1.73 18.41 8.00
CA TYR E 20 -2.69 19.15 7.18
C TYR E 20 -4.07 19.16 7.81
N SER E 21 -4.49 18.04 8.41
CA SER E 21 -5.75 18.02 9.14
C SER E 21 -5.69 18.98 10.33
N ARG E 22 -4.52 19.04 10.98
CA ARG E 22 -4.34 19.97 12.10
C ARG E 22 -4.48 21.42 11.65
N LEU E 23 -3.89 21.77 10.50
CA LEU E 23 -4.02 23.14 10.02
C LEU E 23 -5.44 23.41 9.54
N LEU E 24 -6.11 22.38 9.00
CA LEU E 24 -7.51 22.55 8.63
C LEU E 24 -8.35 22.94 9.83
N LYS E 25 -7.99 22.51 11.00
CA LYS E 25 -8.69 22.88 12.20
C LYS E 25 -8.57 24.39 12.38
N ASP E 26 -7.49 25.01 11.91
CA ASP E 26 -7.28 26.44 11.98
C ASP E 26 -7.74 27.14 10.71
N ARG E 27 -8.60 26.46 9.93
CA ARG E 27 -9.25 27.01 8.74
C ARG E 27 -8.22 27.28 7.64
N ILE E 28 -7.23 26.40 7.53
CA ILE E 28 -6.18 26.52 6.52
C ILE E 28 -6.32 25.35 5.55
N ILE E 29 -6.35 25.65 4.26
CA ILE E 29 -6.41 24.66 3.20
C ILE E 29 -5.16 24.82 2.32
N PHE E 30 -4.59 23.68 1.88
CA PHE E 30 -3.46 23.69 0.96
C PHE E 30 -3.91 23.24 -0.42
N LEU E 31 -3.59 24.03 -1.43
CA LEU E 31 -3.68 23.63 -2.84
C LEU E 31 -2.23 23.53 -3.32
N GLY E 32 -1.62 22.36 -3.15
CA GLY E 32 -0.18 22.25 -3.31
C GLY E 32 0.26 21.24 -4.35
N THR E 33 -0.65 20.91 -5.26
N THR E 33 -0.64 20.88 -5.26
CA THR E 33 -0.37 19.91 -6.28
CA THR E 33 -0.39 19.86 -6.27
C THR E 33 -0.96 20.35 -7.61
C THR E 33 -0.98 20.32 -7.60
N PRO E 34 -0.60 19.69 -8.72
CA PRO E 34 -1.33 19.90 -9.96
C PRO E 34 -2.83 19.65 -9.77
N ILE E 35 -3.65 20.35 -10.53
CA ILE E 35 -5.09 20.37 -10.28
C ILE E 35 -5.75 19.37 -11.23
N ASP E 36 -6.36 18.34 -10.65
CA ASP E 36 -7.30 17.55 -11.45
C ASP E 36 -8.62 17.46 -10.70
N ALA E 37 -9.56 16.67 -11.22
CA ALA E 37 -10.88 16.60 -10.60
C ALA E 37 -10.77 16.21 -9.13
N GLN E 38 -9.92 15.24 -8.81
CA GLN E 38 -9.86 14.73 -7.44
C GLN E 38 -9.25 15.77 -6.50
N VAL E 39 -8.29 16.56 -6.98
CA VAL E 39 -7.77 17.65 -6.15
C VAL E 39 -8.85 18.72 -5.95
N ALA E 40 -9.56 19.07 -7.03
CA ALA E 40 -10.61 20.07 -6.92
C ALA E 40 -11.70 19.64 -5.95
N ASN E 41 -12.11 18.37 -6.01
CA ASN E 41 -13.17 17.89 -5.13
C ASN E 41 -12.76 17.97 -3.66
N VAL E 42 -11.50 17.63 -3.35
CA VAL E 42 -11.13 17.64 -1.94
C VAL E 42 -10.97 19.06 -1.43
N VAL E 43 -10.57 20.00 -2.30
CA VAL E 43 -10.51 21.40 -1.89
C VAL E 43 -11.92 21.97 -1.75
N VAL E 44 -12.82 21.63 -2.69
CA VAL E 44 -14.21 22.06 -2.55
C VAL E 44 -14.82 21.54 -1.25
N ALA E 45 -14.56 20.26 -0.92
CA ALA E 45 -15.09 19.67 0.31
C ALA E 45 -14.60 20.42 1.56
N GLN E 46 -13.32 20.78 1.60
CA GLN E 46 -12.83 21.51 2.76
C GLN E 46 -13.46 22.91 2.83
N LEU E 47 -13.62 23.55 1.68
CA LEU E 47 -14.27 24.86 1.66
C LEU E 47 -15.69 24.78 2.19
N LEU E 48 -16.46 23.78 1.72
CA LEU E 48 -17.84 23.63 2.19
C LEU E 48 -17.87 23.32 3.69
N PHE E 49 -16.96 22.47 4.15
CA PHE E 49 -16.92 22.09 5.56
C PHE E 49 -16.63 23.30 6.45
N LEU E 50 -15.56 24.05 6.12
CA LEU E 50 -15.18 25.20 6.95
C LEU E 50 -16.26 26.27 6.95
N ASP E 51 -16.88 26.51 5.79
CA ASP E 51 -17.94 27.51 5.71
C ASP E 51 -19.17 27.08 6.52
N ALA E 52 -19.46 25.79 6.59
CA ALA E 52 -20.59 25.32 7.40
C ALA E 52 -20.29 25.42 8.90
N GLN E 53 -19.03 25.25 9.29
CA GLN E 53 -18.67 25.41 10.69
C GLN E 53 -18.77 26.87 11.13
N ASN E 54 -18.39 27.80 10.26
CA ASN E 54 -18.54 29.22 10.51
C ASN E 54 -18.50 29.98 9.19
N PRO E 55 -19.64 30.53 8.74
CA PRO E 55 -19.68 31.26 7.47
C PRO E 55 -19.10 32.67 7.53
N ASN E 56 -18.69 33.14 8.72
CA ASN E 56 -18.19 34.49 8.89
C ASN E 56 -16.70 34.57 9.14
N GLN E 57 -16.02 33.45 9.37
CA GLN E 57 -14.60 33.48 9.65
C GLN E 57 -13.79 33.24 8.38
N GLU E 58 -12.69 33.97 8.27
CA GLU E 58 -11.81 33.87 7.12
C GLU E 58 -11.34 32.42 6.93
N ILE E 59 -11.14 32.05 5.67
CA ILE E 59 -10.45 30.82 5.28
C ILE E 59 -9.17 31.20 4.56
N LYS E 60 -8.08 30.48 4.85
CA LYS E 60 -6.79 30.72 4.23
C LYS E 60 -6.45 29.56 3.29
N LEU E 61 -6.28 29.87 2.00
CA LEU E 61 -5.94 28.90 0.96
C LEU E 61 -4.48 29.18 0.54
N TYR E 62 -3.56 28.32 0.97
CA TYR E 62 -2.17 28.42 0.56
C TYR E 62 -1.99 27.72 -0.79
N ILE E 63 -1.29 28.37 -1.71
CA ILE E 63 -1.20 27.91 -3.08
C ILE E 63 0.27 27.66 -3.43
N ASN E 64 0.54 26.45 -3.94
CA ASN E 64 1.84 26.07 -4.50
C ASN E 64 1.54 24.97 -5.53
N SER E 65 1.17 25.41 -6.73
CA SER E 65 0.62 24.53 -7.75
C SER E 65 0.96 25.07 -9.13
N PRO E 66 1.29 24.19 -10.09
CA PRO E 66 1.41 24.62 -11.49
C PRO E 66 0.10 24.72 -12.24
N GLY E 67 -1.04 24.58 -11.59
CA GLY E 67 -2.29 24.62 -12.32
C GLY E 67 -2.74 23.21 -12.71
N GLY E 68 -3.58 23.15 -13.74
CA GLY E 68 -4.10 21.89 -14.22
C GLY E 68 -5.36 22.02 -15.06
N GLU E 69 -6.28 21.07 -14.88
CA GLU E 69 -7.47 21.00 -15.71
C GLU E 69 -8.38 22.20 -15.49
N VAL E 70 -8.93 22.73 -16.57
CA VAL E 70 -9.74 23.95 -16.49
C VAL E 70 -11.02 23.70 -15.68
N ASP E 71 -11.76 22.64 -16.02
CA ASP E 71 -13.01 22.41 -15.28
C ASP E 71 -12.76 22.25 -13.78
N ALA E 72 -11.69 21.53 -13.42
CA ALA E 72 -11.38 21.34 -12.01
C ALA E 72 -11.02 22.67 -11.34
N GLY E 73 -10.20 23.50 -11.99
CA GLY E 73 -9.86 24.78 -11.38
C GLY E 73 -11.09 25.67 -11.22
N LEU E 74 -12.01 25.61 -12.18
CA LEU E 74 -13.22 26.43 -12.10
C LEU E 74 -14.16 25.95 -11.00
N ALA E 75 -14.14 24.65 -10.68
CA ALA E 75 -14.92 24.17 -9.54
C ALA E 75 -14.43 24.80 -8.25
N ILE E 76 -13.12 24.91 -8.09
CA ILE E 76 -12.57 25.62 -6.93
C ILE E 76 -12.95 27.09 -6.99
N TYR E 77 -12.76 27.72 -8.15
CA TYR E 77 -13.09 29.13 -8.28
C TYR E 77 -14.54 29.40 -7.89
N ASP E 78 -15.48 28.63 -8.46
CA ASP E 78 -16.89 28.84 -8.17
C ASP E 78 -17.19 28.59 -6.70
N THR E 79 -16.57 27.56 -6.11
CA THR E 79 -16.89 27.30 -4.70
C THR E 79 -16.40 28.44 -3.81
N MET E 80 -15.26 29.05 -4.15
CA MET E 80 -14.79 30.21 -3.39
C MET E 80 -15.83 31.33 -3.41
N GLN E 81 -16.39 31.64 -4.59
CA GLN E 81 -17.45 32.64 -4.64
C GLN E 81 -18.74 32.13 -4.00
N PHE E 82 -18.97 30.82 -4.05
CA PHE E 82 -20.22 30.25 -3.55
C PHE E 82 -20.31 30.39 -2.03
N VAL E 83 -19.24 30.05 -1.31
CA VAL E 83 -19.28 30.08 0.16
C VAL E 83 -19.31 31.52 0.66
N ARG E 84 -20.02 31.73 1.77
CA ARG E 84 -20.06 33.05 2.37
C ARG E 84 -18.75 33.42 3.05
N ALA E 85 -18.02 32.44 3.57
CA ALA E 85 -16.79 32.74 4.28
C ALA E 85 -15.78 33.37 3.31
N PRO E 86 -15.15 34.47 3.70
CA PRO E 86 -14.13 35.07 2.83
C PRO E 86 -12.89 34.19 2.77
N VAL E 87 -12.40 33.94 1.56
CA VAL E 87 -11.27 33.06 1.30
C VAL E 87 -10.07 33.91 0.94
N SER E 88 -9.08 33.94 1.82
CA SER E 88 -7.81 34.59 1.55
C SER E 88 -6.86 33.61 0.85
N THR E 89 -6.15 34.10 -0.16
CA THR E 89 -5.23 33.28 -0.93
C THR E 89 -3.81 33.76 -0.69
N ILE E 90 -2.88 32.82 -0.58
CA ILE E 90 -1.46 33.08 -0.36
C ILE E 90 -0.69 32.17 -1.30
N VAL E 91 0.05 32.75 -2.24
CA VAL E 91 0.92 31.93 -3.07
C VAL E 91 2.26 31.81 -2.35
N ILE E 92 2.64 30.57 -2.05
CA ILE E 92 3.97 30.20 -1.58
C ILE E 92 4.59 29.36 -2.69
N GLY E 93 5.77 29.72 -3.14
CA GLY E 93 6.26 28.98 -4.28
C GLY E 93 5.69 29.46 -5.61
N MET E 94 4.76 28.71 -6.20
N MET E 94 4.75 28.71 -6.18
CA MET E 94 4.29 29.01 -7.55
CA MET E 94 4.27 28.97 -7.52
C MET E 94 2.78 28.92 -7.61
C MET E 94 2.75 28.97 -7.55
N ALA E 95 2.18 29.80 -8.43
CA ALA E 95 0.75 29.75 -8.75
C ALA E 95 0.67 30.00 -10.25
N ALA E 96 0.59 28.93 -11.02
CA ALA E 96 0.59 29.05 -12.46
C ALA E 96 -0.77 28.66 -13.00
N SER E 97 -1.15 29.32 -14.08
CA SER E 97 -2.29 28.87 -14.86
C SER E 97 -3.58 28.86 -14.03
N MET E 98 -4.30 27.73 -13.91
CA MET E 98 -5.54 27.74 -13.12
C MET E 98 -5.25 28.11 -11.67
N ALA E 99 -4.04 27.80 -11.17
CA ALA E 99 -3.70 28.20 -9.81
C ALA E 99 -3.54 29.71 -9.70
N ALA E 100 -3.11 30.38 -10.77
CA ALA E 100 -3.05 31.84 -10.74
C ALA E 100 -4.44 32.45 -10.80
N VAL E 101 -5.36 31.81 -11.56
CA VAL E 101 -6.75 32.26 -11.55
C VAL E 101 -7.31 32.18 -10.14
N ILE E 102 -7.08 31.05 -9.46
CA ILE E 102 -7.58 30.85 -8.11
C ILE E 102 -6.92 31.84 -7.13
N LEU E 103 -5.60 32.06 -7.26
CA LEU E 103 -4.95 33.08 -6.45
C LEU E 103 -5.65 34.43 -6.58
N ALA E 104 -5.85 34.88 -7.83
CA ALA E 104 -6.45 36.18 -8.09
C ALA E 104 -7.90 36.25 -7.64
N ALA E 105 -8.54 35.11 -7.42
CA ALA E 105 -9.96 35.07 -7.08
C ALA E 105 -10.20 35.18 -5.59
N GLY E 106 -9.14 35.19 -4.77
CA GLY E 106 -9.31 35.37 -3.35
C GLY E 106 -10.00 36.68 -3.02
N GLU E 107 -10.46 36.79 -1.78
CA GLU E 107 -11.15 37.99 -1.32
C GLU E 107 -10.30 39.23 -1.56
N LYS E 108 -10.89 40.24 -2.20
CA LYS E 108 -10.16 41.46 -2.50
C LYS E 108 -9.64 42.08 -1.21
N GLY E 109 -8.34 42.41 -1.21
CA GLY E 109 -7.64 42.86 -0.02
C GLY E 109 -6.90 41.76 0.72
N ARG E 110 -7.17 40.49 0.43
CA ARG E 110 -6.60 39.37 1.18
C ARG E 110 -5.92 38.36 0.26
N ARG E 111 -5.38 38.84 -0.85
CA ARG E 111 -4.59 38.02 -1.78
C ARG E 111 -3.14 38.38 -1.58
N TYR E 112 -2.33 37.39 -1.19
CA TYR E 112 -0.98 37.63 -0.72
C TYR E 112 0.03 36.77 -1.47
N ALA E 113 1.30 37.22 -1.44
CA ALA E 113 2.42 36.46 -1.98
C ALA E 113 3.62 36.58 -1.05
N LEU E 114 4.34 35.48 -0.89
CA LEU E 114 5.66 35.54 -0.28
C LEU E 114 6.63 36.17 -1.26
N PRO E 115 7.74 36.76 -0.76
CA PRO E 115 8.57 37.63 -1.63
C PRO E 115 9.11 36.97 -2.87
N HIS E 116 9.48 35.69 -2.84
CA HIS E 116 10.03 35.04 -4.02
C HIS E 116 9.06 34.11 -4.71
N ALA E 117 7.78 34.16 -4.35
CA ALA E 117 6.81 33.37 -5.08
C ALA E 117 6.68 33.89 -6.51
N LYS E 118 6.23 33.01 -7.39
CA LYS E 118 6.09 33.28 -8.82
C LYS E 118 4.64 33.05 -9.22
N VAL E 119 4.14 33.89 -10.12
CA VAL E 119 2.82 33.73 -10.72
C VAL E 119 3.01 33.65 -12.23
N MET E 120 2.22 32.81 -12.89
CA MET E 120 2.27 32.69 -14.34
C MET E 120 0.87 32.49 -14.89
N ILE E 121 0.56 33.20 -15.97
CA ILE E 121 -0.74 33.07 -16.65
C ILE E 121 -0.47 32.79 -18.12
N HIS E 122 -1.40 32.06 -18.76
CA HIS E 122 -1.24 31.68 -20.15
C HIS E 122 -2.54 31.03 -20.61
N GLN E 123 -2.70 30.95 -21.93
CA GLN E 123 -3.93 30.38 -22.47
C GLN E 123 -3.96 28.87 -22.23
N PRO E 124 -5.13 28.25 -22.28
CA PRO E 124 -5.22 26.82 -22.00
C PRO E 124 -4.60 25.95 -23.10
N TRP E 125 -4.38 24.70 -22.75
CA TRP E 125 -3.77 23.69 -23.57
C TRP E 125 -4.65 22.44 -23.52
N GLY E 126 -4.64 21.62 -24.56
CA GLY E 126 -5.45 20.43 -24.59
C GLY E 126 -5.04 19.54 -25.74
N GLY E 127 -5.87 18.55 -26.00
CA GLY E 127 -5.65 17.66 -27.13
C GLY E 127 -6.93 16.96 -27.47
N VAL E 128 -7.02 16.51 -28.71
CA VAL E 128 -8.16 15.70 -29.14
C VAL E 128 -7.72 14.84 -30.32
N ARG E 129 -8.23 13.61 -30.37
CA ARG E 129 -8.20 12.78 -31.56
C ARG E 129 -9.64 12.42 -31.93
N GLY E 130 -9.87 12.18 -33.21
CA GLY E 130 -11.16 11.71 -33.67
C GLY E 130 -11.46 12.24 -35.06
N THR E 131 -12.72 12.05 -35.46
CA THR E 131 -13.18 12.56 -36.74
C THR E 131 -13.15 14.08 -36.75
N ALA E 132 -13.17 14.66 -37.96
CA ALA E 132 -13.21 16.11 -38.08
C ALA E 132 -14.38 16.71 -37.32
N SER E 133 -15.55 16.05 -37.38
CA SER E 133 -16.72 16.54 -36.64
C SER E 133 -16.43 16.62 -35.14
N ASP E 134 -15.83 15.58 -34.57
CA ASP E 134 -15.55 15.57 -33.14
C ASP E 134 -14.47 16.61 -32.79
N ILE E 135 -13.48 16.75 -33.66
CA ILE E 135 -12.41 17.71 -33.41
C ILE E 135 -12.95 19.13 -33.40
N ALA E 136 -13.83 19.45 -34.35
CA ALA E 136 -14.43 20.77 -34.35
C ALA E 136 -15.15 21.04 -33.04
N ILE E 137 -15.85 20.02 -32.49
CA ILE E 137 -16.55 20.22 -31.23
C ILE E 137 -15.56 20.50 -30.11
N GLN E 138 -14.47 19.73 -30.05
CA GLN E 138 -13.48 19.92 -29.01
C GLN E 138 -12.73 21.25 -29.16
N ALA E 139 -12.36 21.62 -30.40
CA ALA E 139 -11.74 22.93 -30.60
C ALA E 139 -12.65 24.07 -30.11
N GLN E 140 -13.97 23.96 -30.34
CA GLN E 140 -14.87 25.03 -29.89
C GLN E 140 -14.90 25.13 -28.37
N GLU E 141 -14.87 24.00 -27.66
CA GLU E 141 -14.83 24.04 -26.19
C GLU E 141 -13.56 24.72 -25.69
N ILE E 142 -12.41 24.40 -26.28
CA ILE E 142 -11.17 25.05 -25.86
C ILE E 142 -11.21 26.55 -26.10
N LEU E 143 -11.76 26.99 -27.23
CA LEU E 143 -11.78 28.42 -27.52
C LEU E 143 -12.72 29.15 -26.55
N LYS E 144 -13.84 28.51 -26.17
CA LYS E 144 -14.69 29.10 -25.13
C LYS E 144 -13.98 29.16 -23.78
N ALA E 145 -13.23 28.11 -23.44
CA ALA E 145 -12.48 28.13 -22.18
C ALA E 145 -11.45 29.24 -22.19
N LYS E 146 -10.73 29.39 -23.30
CA LYS E 146 -9.72 30.44 -23.39
C LYS E 146 -10.33 31.82 -23.17
N LYS E 147 -11.46 32.10 -23.81
CA LYS E 147 -12.07 33.40 -23.64
C LYS E 147 -12.56 33.59 -22.21
N LEU E 148 -13.18 32.54 -21.62
CA LEU E 148 -13.71 32.64 -20.26
C LEU E 148 -12.60 32.93 -19.25
N LEU E 149 -11.46 32.25 -19.38
CA LEU E 149 -10.38 32.46 -18.41
C LEU E 149 -9.79 33.86 -18.51
N ASN E 150 -9.68 34.41 -19.72
CA ASN E 150 -9.25 35.79 -19.89
C ASN E 150 -10.25 36.77 -19.25
N GLU E 151 -11.55 36.47 -19.38
CA GLU E 151 -12.56 37.32 -18.78
C GLU E 151 -12.51 37.28 -17.27
N ILE E 152 -12.29 36.08 -16.69
CA ILE E 152 -12.22 35.97 -15.24
C ILE E 152 -10.99 36.71 -14.70
N LEU E 153 -9.87 36.59 -15.39
CA LEU E 153 -8.65 37.28 -14.99
C LEU E 153 -8.80 38.79 -15.07
N ALA E 154 -9.42 39.28 -16.15
CA ALA E 154 -9.66 40.72 -16.29
C ALA E 154 -10.54 41.24 -15.16
N LYS E 155 -11.53 40.47 -14.78
CA LYS E 155 -12.43 40.83 -13.74
C LYS E 155 -11.77 40.95 -12.41
N HIS E 156 -10.90 40.03 -12.05
CA HIS E 156 -10.29 40.07 -10.71
C HIS E 156 -9.03 40.92 -10.64
N THR E 157 -8.40 41.25 -11.77
CA THR E 157 -7.24 42.13 -11.77
C THR E 157 -7.57 43.59 -12.05
N GLY E 158 -8.73 43.86 -12.64
CA GLY E 158 -9.04 45.19 -13.10
C GLY E 158 -8.38 45.55 -14.42
N GLN E 159 -7.69 44.60 -15.07
CA GLN E 159 -7.02 44.85 -16.35
C GLN E 159 -8.02 44.82 -17.51
N PRO E 160 -7.76 45.61 -18.56
CA PRO E 160 -8.59 45.51 -19.77
C PRO E 160 -8.49 44.14 -20.39
N LEU E 161 -9.63 43.66 -20.93
CA LEU E 161 -9.67 42.34 -21.50
C LEU E 161 -8.64 42.17 -22.60
N GLU E 162 -8.50 43.18 -23.46
CA GLU E 162 -7.55 43.08 -24.58
C GLU E 162 -6.12 42.93 -24.09
N LYS E 163 -5.78 43.55 -22.96
CA LYS E 163 -4.44 43.41 -22.42
C LYS E 163 -4.20 41.98 -21.93
N VAL E 164 -5.15 41.43 -21.16
CA VAL E 164 -5.02 40.07 -20.64
C VAL E 164 -4.89 39.07 -21.78
N GLU E 165 -5.69 39.24 -22.84
CA GLU E 165 -5.64 38.32 -23.97
C GLU E 165 -4.28 38.36 -24.64
N LYS E 166 -3.69 39.54 -24.75
CA LYS E 166 -2.37 39.63 -25.36
C LYS E 166 -1.30 39.04 -24.44
N ASP E 167 -1.42 39.27 -23.14
CA ASP E 167 -0.37 38.84 -22.22
C ASP E 167 -0.34 37.32 -22.06
N THR E 168 -1.50 36.65 -22.15
CA THR E 168 -1.56 35.21 -21.95
C THR E 168 -1.33 34.41 -23.23
N ASP E 169 -0.99 35.06 -24.35
CA ASP E 169 -0.78 34.32 -25.58
C ASP E 169 0.33 33.29 -25.42
N ARG E 170 1.39 33.63 -24.67
CA ARG E 170 2.42 32.70 -24.26
C ARG E 170 2.60 32.79 -22.74
N ASP E 171 3.47 31.94 -22.20
CA ASP E 171 3.72 31.92 -20.75
C ASP E 171 4.16 33.30 -20.26
N TYR E 172 3.42 33.84 -19.31
CA TYR E 172 3.59 35.20 -18.83
C TYR E 172 3.93 35.13 -17.33
N TYR E 173 5.20 35.22 -17.01
CA TYR E 173 5.68 35.05 -15.65
C TYR E 173 5.72 36.38 -14.91
N LEU E 174 5.31 36.36 -13.65
CA LEU E 174 5.36 37.55 -12.80
C LEU E 174 6.04 37.23 -11.48
N SER E 175 6.97 38.08 -11.06
CA SER E 175 7.42 38.09 -9.67
C SER E 175 6.27 38.54 -8.76
N ALA E 176 6.48 38.40 -7.45
CA ALA E 176 5.45 38.81 -6.49
C ALA E 176 5.12 40.30 -6.64
N GLN E 177 6.15 41.14 -6.75
CA GLN E 177 5.90 42.56 -6.90
C GLN E 177 5.19 42.86 -8.22
N GLU E 178 5.56 42.16 -9.30
CA GLU E 178 4.91 42.39 -10.59
C GLU E 178 3.46 41.93 -10.56
N ALA E 179 3.16 40.85 -9.84
CA ALA E 179 1.79 40.37 -9.70
C ALA E 179 0.92 41.36 -8.93
N LEU E 180 1.50 42.04 -7.94
CA LEU E 180 0.80 43.10 -7.24
C LEU E 180 0.46 44.24 -8.21
N GLU E 181 1.46 44.67 -8.99
CA GLU E 181 1.22 45.74 -9.96
C GLU E 181 0.22 45.32 -11.02
N TYR E 182 0.19 44.02 -11.39
CA TYR E 182 -0.77 43.53 -12.37
C TYR E 182 -2.18 43.50 -11.81
N GLY E 183 -2.33 43.39 -10.50
CA GLY E 183 -3.62 43.24 -9.87
C GLY E 183 -4.01 41.82 -9.50
N LEU E 184 -3.09 40.86 -9.58
CA LEU E 184 -3.40 39.49 -9.20
C LEU E 184 -3.37 39.27 -7.70
N ILE E 185 -2.66 40.11 -6.96
CA ILE E 185 -2.59 40.02 -5.50
C ILE E 185 -2.69 41.42 -4.95
N ASP E 186 -2.89 41.51 -3.63
CA ASP E 186 -3.00 42.78 -2.96
C ASP E 186 -1.77 43.16 -2.13
N GLN E 187 -0.92 42.21 -1.77
CA GLN E 187 0.19 42.55 -0.90
C GLN E 187 1.26 41.47 -0.96
N VAL E 188 2.51 41.90 -1.04
CA VAL E 188 3.68 41.02 -0.84
C VAL E 188 4.04 41.10 0.64
N VAL E 189 4.03 39.95 1.32
CA VAL E 189 4.33 39.90 2.76
C VAL E 189 5.68 39.24 2.94
N THR E 190 6.55 39.88 3.71
CA THR E 190 7.89 39.39 3.98
C THR E 190 8.04 38.81 5.38
N ARG E 191 7.57 39.53 6.40
CA ARG E 191 7.67 39.04 7.77
C ARG E 191 6.32 39.14 8.46
N GLU E 192 6.15 38.31 9.48
CA GLU E 192 4.86 38.10 10.14
C GLU E 192 4.58 39.30 11.04
N GLU E 193 3.58 40.08 10.69
CA GLU E 193 3.21 41.24 11.48
C GLU E 193 2.60 42.32 10.60
N UNK F 1 -9.48 19.80 -21.37
CA UNK F 1 -8.91 21.14 -21.43
C UNK F 1 -8.05 21.43 -20.19
N UNK F 2 -6.77 21.70 -20.43
CA UNK F 2 -5.83 21.99 -19.38
C UNK F 2 -5.33 23.42 -19.50
N UNK F 3 -5.15 24.06 -18.36
CA UNK F 3 -4.46 25.32 -18.34
C UNK F 3 -3.40 25.04 -17.30
N VAL G 2 -3.52 12.13 -0.10
CA VAL G 2 -3.64 13.16 0.92
C VAL G 2 -5.11 13.59 1.05
N ILE G 3 -5.83 12.94 1.95
CA ILE G 3 -7.20 13.28 2.28
C ILE G 3 -7.24 13.68 3.75
N PRO G 4 -7.60 14.92 4.07
CA PRO G 4 -7.49 15.37 5.47
C PRO G 4 -8.56 14.73 6.35
N TYR G 5 -8.40 14.96 7.65
CA TYR G 5 -9.24 14.32 8.65
C TYR G 5 -9.90 15.35 9.56
N VAL G 6 -11.00 14.94 10.16
CA VAL G 6 -11.77 15.76 11.09
C VAL G 6 -12.14 14.90 12.31
N ILE G 7 -12.29 15.55 13.46
CA ILE G 7 -12.63 14.83 14.68
C ILE G 7 -14.07 15.13 15.10
N ARG G 15 -14.68 9.07 16.43
CA ARG G 15 -14.19 10.43 16.45
C ARG G 15 -13.56 10.83 15.11
N VAL G 16 -12.87 9.88 14.47
CA VAL G 16 -12.05 10.15 13.30
C VAL G 16 -12.91 10.07 12.03
N TYR G 17 -12.93 11.17 11.27
CA TYR G 17 -13.52 11.23 9.94
C TYR G 17 -12.49 11.74 8.95
N ASP G 18 -12.42 11.13 7.76
CA ASP G 18 -11.89 11.89 6.64
C ASP G 18 -12.94 12.90 6.16
N ILE G 19 -12.53 13.85 5.31
CA ILE G 19 -13.39 15.00 5.00
C ILE G 19 -14.67 14.56 4.30
N TYR G 20 -14.59 13.52 3.47
CA TYR G 20 -15.80 13.04 2.80
C TYR G 20 -16.71 12.32 3.78
N SER G 21 -16.11 11.54 4.70
CA SER G 21 -16.90 10.90 5.74
C SER G 21 -17.55 11.93 6.65
N ARG G 22 -16.80 13.00 6.97
CA ARG G 22 -17.36 14.08 7.78
C ARG G 22 -18.54 14.73 7.07
N LEU G 23 -18.44 14.95 5.76
CA LEU G 23 -19.55 15.55 5.02
C LEU G 23 -20.70 14.57 4.87
N LEU G 24 -20.40 13.26 4.81
CA LEU G 24 -21.46 12.26 4.78
C LEU G 24 -22.34 12.34 6.02
N LYS G 25 -21.75 12.66 7.18
CA LYS G 25 -22.53 12.88 8.38
C LYS G 25 -23.57 13.99 8.19
N ASP G 26 -23.30 14.95 7.30
CA ASP G 26 -24.25 16.01 7.00
C ASP G 26 -25.09 15.70 5.76
N ARG G 27 -25.18 14.43 5.37
CA ARG G 27 -26.03 13.96 4.28
C ARG G 27 -25.56 14.47 2.91
N ILE G 28 -24.25 14.59 2.73
CA ILE G 28 -23.63 15.02 1.48
C ILE G 28 -22.83 13.86 0.91
N ILE G 29 -23.07 13.56 -0.37
CA ILE G 29 -22.34 12.54 -1.12
C ILE G 29 -21.68 13.19 -2.34
N PHE G 30 -20.45 12.75 -2.65
CA PHE G 30 -19.71 13.22 -3.82
C PHE G 30 -19.69 12.12 -4.89
N LEU G 31 -20.03 12.50 -6.12
CA LEU G 31 -19.78 11.66 -7.30
C LEU G 31 -18.71 12.40 -8.11
N GLY G 32 -17.44 12.12 -7.82
CA GLY G 32 -16.36 12.96 -8.30
C GLY G 32 -15.29 12.27 -9.11
N THR G 33 -15.63 11.12 -9.68
N THR G 33 -15.61 11.10 -9.66
CA THR G 33 -14.69 10.28 -10.40
CA THR G 33 -14.67 10.27 -10.40
C THR G 33 -15.42 9.67 -11.59
C THR G 33 -15.41 9.63 -11.55
N PRO G 34 -14.69 9.11 -12.55
CA PRO G 34 -15.36 8.30 -13.60
C PRO G 34 -16.14 7.17 -12.94
N ILE G 35 -17.23 6.76 -13.58
CA ILE G 35 -18.19 5.84 -12.96
C ILE G 35 -17.91 4.42 -13.42
N ASP G 36 -17.54 3.56 -12.49
CA ASP G 36 -17.56 2.13 -12.74
C ASP G 36 -18.39 1.43 -11.66
N ALA G 37 -18.40 0.09 -11.67
CA ALA G 37 -19.23 -0.63 -10.70
C ALA G 37 -18.86 -0.26 -9.28
N GLN G 38 -17.56 -0.11 -8.99
CA GLN G 38 -17.14 0.15 -7.62
C GLN G 38 -17.60 1.53 -7.16
N VAL G 39 -17.56 2.52 -8.05
CA VAL G 39 -18.04 3.86 -7.73
C VAL G 39 -19.56 3.82 -7.50
N ALA G 40 -20.30 3.14 -8.39
CA ALA G 40 -21.75 3.05 -8.23
C ALA G 40 -22.13 2.37 -6.92
N ASN G 41 -21.43 1.28 -6.56
CA ASN G 41 -21.78 0.56 -5.34
C ASN G 41 -21.62 1.43 -4.11
N VAL G 42 -20.55 2.23 -4.06
CA VAL G 42 -20.34 3.01 -2.83
C VAL G 42 -21.29 4.19 -2.78
N VAL G 43 -21.68 4.72 -3.94
CA VAL G 43 -22.68 5.78 -3.96
C VAL G 43 -24.06 5.22 -3.60
N VAL G 44 -24.39 4.04 -4.13
CA VAL G 44 -25.63 3.38 -3.73
C VAL G 44 -25.63 3.12 -2.23
N ALA G 45 -24.51 2.64 -1.70
CA ALA G 45 -24.44 2.33 -0.27
C ALA G 45 -24.68 3.57 0.58
N GLN G 46 -24.11 4.71 0.17
CA GLN G 46 -24.32 5.94 0.93
C GLN G 46 -25.76 6.41 0.85
N LEU G 47 -26.38 6.30 -0.34
CA LEU G 47 -27.78 6.69 -0.49
C LEU G 47 -28.68 5.84 0.38
N LEU G 48 -28.46 4.53 0.39
CA LEU G 48 -29.28 3.65 1.23
C LEU G 48 -29.05 3.95 2.71
N PHE G 49 -27.80 4.20 3.10
CA PHE G 49 -27.52 4.50 4.50
C PHE G 49 -28.25 5.78 4.94
N LEU G 50 -28.10 6.87 4.17
CA LEU G 50 -28.74 8.13 4.54
C LEU G 50 -30.26 8.00 4.54
N ASP G 51 -30.81 7.27 3.56
CA ASP G 51 -32.25 7.11 3.51
C ASP G 51 -32.78 6.31 4.69
N ALA G 52 -32.00 5.33 5.16
CA ALA G 52 -32.37 4.58 6.35
C ALA G 52 -32.23 5.42 7.62
N GLN G 53 -31.26 6.33 7.64
CA GLN G 53 -31.13 7.24 8.78
C GLN G 53 -32.33 8.16 8.89
N ASN G 54 -32.78 8.69 7.76
CA ASN G 54 -33.95 9.55 7.74
C ASN G 54 -34.50 9.60 6.34
N PRO G 55 -35.67 9.00 6.10
CA PRO G 55 -36.24 8.99 4.75
C PRO G 55 -36.88 10.32 4.33
N ASN G 56 -36.92 11.30 5.23
CA ASN G 56 -37.55 12.57 4.93
C ASN G 56 -36.57 13.72 4.74
N GLN G 57 -35.30 13.55 5.07
CA GLN G 57 -34.35 14.66 4.97
C GLN G 57 -33.61 14.64 3.64
N GLU G 58 -33.39 15.83 3.10
CA GLU G 58 -32.71 15.99 1.83
C GLU G 58 -31.34 15.31 1.87
N ILE G 59 -30.94 14.76 0.73
CA ILE G 59 -29.57 14.33 0.46
C ILE G 59 -29.00 15.22 -0.63
N LYS G 60 -27.74 15.63 -0.49
CA LYS G 60 -27.05 16.44 -1.48
C LYS G 60 -26.01 15.58 -2.18
N LEU G 61 -26.11 15.48 -3.51
CA LEU G 61 -25.19 14.74 -4.34
C LEU G 61 -24.40 15.75 -5.18
N TYR G 62 -23.15 15.98 -4.79
CA TYR G 62 -22.25 16.85 -5.54
C TYR G 62 -21.63 16.05 -6.69
N ILE G 63 -21.64 16.62 -7.89
CA ILE G 63 -21.23 15.89 -9.09
C ILE G 63 -20.09 16.61 -9.76
N ASN G 64 -19.00 15.86 -10.03
CA ASN G 64 -17.91 16.34 -10.84
C ASN G 64 -17.30 15.10 -11.49
N SER G 65 -17.89 14.70 -12.62
CA SER G 65 -17.55 13.39 -13.19
C SER G 65 -17.70 13.42 -14.70
N PRO G 66 -16.83 12.73 -15.44
CA PRO G 66 -17.01 12.57 -16.89
C PRO G 66 -17.98 11.48 -17.29
N GLY G 67 -18.65 10.86 -16.33
CA GLY G 67 -19.56 9.76 -16.66
C GLY G 67 -18.82 8.45 -16.54
N GLY G 68 -19.33 7.44 -17.25
CA GLY G 68 -18.70 6.13 -17.20
C GLY G 68 -19.65 5.02 -17.64
N GLU G 69 -19.55 3.87 -16.99
CA GLU G 69 -20.29 2.70 -17.43
C GLU G 69 -21.80 2.90 -17.29
N VAL G 70 -22.54 2.45 -18.29
CA VAL G 70 -23.98 2.68 -18.31
C VAL G 70 -24.66 1.94 -17.16
N ASP G 71 -24.37 0.65 -17.00
CA ASP G 71 -25.04 -0.11 -15.93
C ASP G 71 -24.74 0.50 -14.57
N ALA G 72 -23.48 0.91 -14.33
CA ALA G 72 -23.15 1.52 -13.06
C ALA G 72 -23.91 2.83 -12.86
N GLY G 73 -23.98 3.65 -13.91
CA GLY G 73 -24.67 4.92 -13.80
C GLY G 73 -26.15 4.74 -13.54
N LEU G 74 -26.75 3.74 -14.17
CA LEU G 74 -28.18 3.48 -13.98
C LEU G 74 -28.48 2.92 -12.59
N ALA G 75 -27.53 2.21 -11.97
CA ALA G 75 -27.71 1.79 -10.59
C ALA G 75 -27.81 2.99 -9.65
N ILE G 76 -26.98 4.02 -9.88
CA ILE G 76 -27.12 5.26 -9.12
C ILE G 76 -28.46 5.91 -9.43
N TYR G 77 -28.79 6.01 -10.72
CA TYR G 77 -30.05 6.61 -11.13
C TYR G 77 -31.23 5.91 -10.46
N ASP G 78 -31.27 4.58 -10.54
CA ASP G 78 -32.40 3.82 -9.98
C ASP G 78 -32.48 3.99 -8.48
N THR G 79 -31.34 4.01 -7.79
CA THR G 79 -31.36 4.13 -6.33
C THR G 79 -31.87 5.50 -5.89
N MET G 80 -31.50 6.57 -6.63
CA MET G 80 -32.05 7.90 -6.34
C MET G 80 -33.57 7.90 -6.46
N GLN G 81 -34.10 7.29 -7.52
CA GLN G 81 -35.55 7.26 -7.65
C GLN G 81 -36.18 6.37 -6.58
N PHE G 82 -35.47 5.33 -6.16
CA PHE G 82 -36.05 4.37 -5.24
C PHE G 82 -36.19 4.95 -3.83
N VAL G 83 -35.15 5.59 -3.31
CA VAL G 83 -35.19 6.04 -1.93
C VAL G 83 -36.25 7.12 -1.75
N ARG G 84 -36.89 7.11 -0.58
CA ARG G 84 -37.87 8.14 -0.30
C ARG G 84 -37.22 9.50 -0.10
N ALA G 85 -35.99 9.54 0.42
CA ALA G 85 -35.33 10.82 0.67
C ALA G 85 -35.13 11.57 -0.64
N PRO G 86 -35.48 12.87 -0.71
CA PRO G 86 -35.23 13.64 -1.94
C PRO G 86 -33.73 13.93 -2.11
N VAL G 87 -33.24 13.70 -3.33
CA VAL G 87 -31.82 13.84 -3.63
C VAL G 87 -31.64 15.09 -4.48
N SER G 88 -31.01 16.11 -3.91
CA SER G 88 -30.60 17.28 -4.69
C SER G 88 -29.26 17.02 -5.36
N THR G 89 -29.17 17.41 -6.62
CA THR G 89 -27.95 17.23 -7.39
C THR G 89 -27.35 18.61 -7.67
N ILE G 90 -26.03 18.71 -7.58
CA ILE G 90 -25.30 19.96 -7.80
C ILE G 90 -24.06 19.62 -8.62
N VAL G 91 -23.98 20.12 -9.84
CA VAL G 91 -22.78 19.92 -10.63
C VAL G 91 -21.82 21.06 -10.31
N ILE G 92 -20.65 20.68 -9.81
CA ILE G 92 -19.49 21.54 -9.65
C ILE G 92 -18.47 21.00 -10.65
N GLY G 93 -17.91 21.85 -11.48
CA GLY G 93 -17.03 21.29 -12.48
C GLY G 93 -17.73 20.78 -13.73
N MET G 94 -17.82 19.46 -13.90
N MET G 94 -17.82 19.47 -13.89
CA MET G 94 -18.41 18.88 -15.11
CA MET G 94 -18.44 18.91 -15.09
C MET G 94 -19.35 17.75 -14.75
C MET G 94 -19.38 17.77 -14.72
N ALA G 95 -20.38 17.58 -15.57
CA ALA G 95 -21.25 16.40 -15.51
C ALA G 95 -21.50 15.96 -16.95
N ALA G 96 -20.78 14.92 -17.40
CA ALA G 96 -20.85 14.41 -18.76
C ALA G 96 -21.43 13.00 -18.75
N SER G 97 -22.25 12.68 -19.78
CA SER G 97 -22.88 11.37 -20.07
C SER G 97 -23.61 10.88 -18.82
N MET G 98 -23.27 9.69 -18.27
CA MET G 98 -24.07 9.13 -17.16
C MET G 98 -24.13 10.10 -16.00
N ALA G 99 -23.07 10.91 -15.80
CA ALA G 99 -23.11 11.93 -14.75
C ALA G 99 -24.13 13.01 -15.08
N ALA G 100 -24.33 13.31 -16.38
CA ALA G 100 -25.37 14.28 -16.72
C ALA G 100 -26.76 13.66 -16.55
N VAL G 101 -26.91 12.38 -16.90
CA VAL G 101 -28.19 11.73 -16.63
C VAL G 101 -28.50 11.79 -15.14
N ILE G 102 -27.49 11.50 -14.30
CA ILE G 102 -27.69 11.50 -12.85
C ILE G 102 -28.02 12.91 -12.35
N LEU G 103 -27.31 13.93 -12.85
CA LEU G 103 -27.63 15.30 -12.50
C LEU G 103 -29.10 15.63 -12.81
N ALA G 104 -29.54 15.34 -14.04
CA ALA G 104 -30.89 15.66 -14.46
C ALA G 104 -31.94 14.85 -13.71
N ALA G 105 -31.52 13.78 -13.05
CA ALA G 105 -32.40 12.87 -12.33
C ALA G 105 -32.64 13.29 -10.89
N GLY G 106 -31.99 14.35 -10.43
CA GLY G 106 -32.24 14.84 -9.10
C GLY G 106 -33.70 15.26 -8.91
N GLU G 107 -34.06 15.45 -7.65
CA GLU G 107 -35.41 15.89 -7.28
C GLU G 107 -35.81 17.15 -8.04
N LYS G 108 -37.01 17.12 -8.62
CA LYS G 108 -37.49 18.24 -9.44
C LYS G 108 -37.51 19.50 -8.61
N GLY G 109 -36.90 20.57 -9.13
CA GLY G 109 -36.71 21.79 -8.34
C GLY G 109 -35.41 21.87 -7.56
N ARG G 110 -34.65 20.78 -7.42
CA ARG G 110 -33.44 20.79 -6.59
C ARG G 110 -32.23 20.30 -7.37
N ARG G 111 -32.21 20.57 -8.67
CA ARG G 111 -31.08 20.26 -9.53
C ARG G 111 -30.37 21.57 -9.83
N TYR G 112 -29.09 21.66 -9.44
CA TYR G 112 -28.35 22.93 -9.45
C TYR G 112 -27.03 22.80 -10.19
N ALA G 113 -26.53 23.96 -10.64
CA ALA G 113 -25.19 24.07 -11.21
C ALA G 113 -24.53 25.35 -10.71
N LEU G 114 -23.23 25.28 -10.44
CA LEU G 114 -22.43 26.47 -10.23
C LEU G 114 -22.21 27.18 -11.56
N PRO G 115 -21.87 28.46 -11.54
CA PRO G 115 -21.94 29.25 -12.79
C PRO G 115 -21.06 28.77 -13.94
N HIS G 116 -19.85 28.26 -13.67
CA HIS G 116 -18.98 27.84 -14.76
C HIS G 116 -18.95 26.33 -14.91
N ALA G 117 -19.85 25.61 -14.24
CA ALA G 117 -19.93 24.18 -14.43
C ALA G 117 -20.45 23.87 -15.84
N LYS G 118 -20.11 22.73 -16.34
CA LYS G 118 -20.48 22.29 -17.64
C LYS G 118 -21.19 20.92 -17.66
N VAL G 119 -22.16 20.77 -18.52
CA VAL G 119 -22.87 19.53 -18.77
C VAL G 119 -22.65 19.10 -20.22
N MET G 120 -22.53 17.80 -20.41
CA MET G 120 -22.41 17.28 -21.76
C MET G 120 -23.18 15.97 -21.84
N ILE G 121 -23.93 15.78 -22.92
CA ILE G 121 -24.71 14.59 -23.14
C ILE G 121 -24.30 14.03 -24.48
N HIS G 122 -24.35 12.70 -24.60
N HIS G 122 -24.29 12.71 -24.58
CA HIS G 122 -23.79 12.01 -25.76
CA HIS G 122 -23.89 12.05 -25.81
C HIS G 122 -24.28 10.56 -25.72
C HIS G 122 -24.32 10.59 -25.75
N GLN G 123 -24.39 9.95 -26.91
CA GLN G 123 -24.80 8.55 -26.96
C GLN G 123 -23.69 7.66 -26.39
N PRO G 124 -24.03 6.42 -26.01
CA PRO G 124 -23.03 5.56 -25.38
C PRO G 124 -21.99 5.05 -26.35
N TRP G 125 -20.82 4.68 -25.86
N TRP G 125 -20.78 4.63 -25.77
CA TRP G 125 -19.77 4.14 -26.73
CA TRP G 125 -19.61 4.13 -26.45
C TRP G 125 -19.29 2.89 -25.98
C TRP G 125 -19.32 2.75 -25.90
N GLY G 126 -18.92 1.84 -26.74
CA GLY G 126 -18.56 0.54 -26.26
C GLY G 126 -17.65 -0.17 -27.23
N GLY G 127 -17.50 -1.46 -27.01
CA GLY G 127 -16.74 -2.30 -27.92
C GLY G 127 -17.11 -3.73 -27.68
N VAL G 128 -16.85 -4.56 -28.70
CA VAL G 128 -17.00 -6.00 -28.56
C VAL G 128 -16.13 -6.66 -29.61
N ARG G 129 -15.56 -7.81 -29.26
CA ARG G 129 -14.95 -8.71 -30.23
C ARG G 129 -15.67 -10.05 -30.13
N GLY G 130 -15.68 -10.81 -31.21
CA GLY G 130 -16.21 -12.15 -31.19
C GLY G 130 -16.80 -12.52 -32.53
N THR G 131 -17.50 -13.65 -32.54
CA THR G 131 -18.17 -14.10 -33.75
C THR G 131 -19.29 -13.14 -34.12
N ALA G 132 -19.74 -13.25 -35.37
CA ALA G 132 -20.85 -12.42 -35.85
C ALA G 132 -22.08 -12.57 -34.96
N SER G 133 -22.40 -13.80 -34.52
CA SER G 133 -23.53 -14.00 -33.63
C SER G 133 -23.35 -13.22 -32.33
N ASP G 134 -22.14 -13.28 -31.75
CA ASP G 134 -21.89 -12.60 -30.49
C ASP G 134 -21.93 -11.09 -30.66
N ILE G 135 -21.40 -10.60 -31.78
CA ILE G 135 -21.40 -9.17 -32.06
C ILE G 135 -22.83 -8.66 -32.22
N ALA G 136 -23.65 -9.40 -32.96
CA ALA G 136 -25.05 -8.99 -33.12
C ALA G 136 -25.74 -8.84 -31.77
N ILE G 137 -25.48 -9.77 -30.83
CA ILE G 137 -26.08 -9.65 -29.50
C ILE G 137 -25.61 -8.38 -28.80
N GLN G 138 -24.31 -8.09 -28.88
N GLN G 138 -24.31 -8.10 -28.87
CA GLN G 138 -23.79 -6.94 -28.15
CA GLN G 138 -23.78 -6.94 -28.15
C GLN G 138 -24.23 -5.63 -28.78
C GLN G 138 -24.23 -5.62 -28.78
N ALA G 139 -24.36 -5.59 -30.11
CA ALA G 139 -24.84 -4.37 -30.77
C ALA G 139 -26.29 -4.08 -30.40
N GLN G 140 -27.11 -5.11 -30.26
CA GLN G 140 -28.49 -4.83 -29.87
C GLN G 140 -28.58 -4.30 -28.45
N GLU G 141 -27.70 -4.79 -27.54
CA GLU G 141 -27.69 -4.26 -26.19
C GLU G 141 -27.27 -2.79 -26.17
N ILE G 142 -26.20 -2.41 -26.91
CA ILE G 142 -25.81 -1.00 -26.91
C ILE G 142 -26.90 -0.15 -27.55
N LEU G 143 -27.62 -0.72 -28.51
CA LEU G 143 -28.73 -0.04 -29.16
C LEU G 143 -29.86 0.23 -28.16
N LYS G 144 -30.15 -0.74 -27.30
CA LYS G 144 -31.19 -0.58 -26.29
C LYS G 144 -30.76 0.42 -25.24
N ALA G 145 -29.49 0.37 -24.85
CA ALA G 145 -28.97 1.35 -23.91
C ALA G 145 -29.07 2.77 -24.48
N LYS G 146 -28.73 2.95 -25.76
CA LYS G 146 -28.79 4.28 -26.38
C LYS G 146 -30.22 4.81 -26.36
N LYS G 147 -31.19 3.97 -26.73
CA LYS G 147 -32.58 4.40 -26.73
C LYS G 147 -33.05 4.71 -25.31
N LEU G 148 -32.69 3.84 -24.35
CA LEU G 148 -33.16 4.01 -22.98
C LEU G 148 -32.66 5.32 -22.38
N LEU G 149 -31.38 5.65 -22.62
CA LEU G 149 -30.81 6.87 -22.07
C LEU G 149 -31.44 8.12 -22.68
N ASN G 150 -31.75 8.08 -23.96
CA ASN G 150 -32.48 9.20 -24.55
C ASN G 150 -33.87 9.33 -23.94
N GLU G 151 -34.52 8.20 -23.64
CA GLU G 151 -35.84 8.25 -23.03
C GLU G 151 -35.78 8.83 -21.62
N ILE G 152 -34.77 8.44 -20.84
CA ILE G 152 -34.63 8.94 -19.48
C ILE G 152 -34.37 10.44 -19.49
N LEU G 153 -33.50 10.91 -20.39
CA LEU G 153 -33.21 12.33 -20.50
C LEU G 153 -34.45 13.11 -20.92
N ALA G 154 -35.19 12.57 -21.89
CA ALA G 154 -36.43 13.24 -22.31
C ALA G 154 -37.40 13.36 -21.13
N LYS G 155 -37.50 12.35 -20.31
CA LYS G 155 -38.39 12.39 -19.21
C LYS G 155 -38.04 13.43 -18.19
N HIS G 156 -36.80 13.53 -17.82
CA HIS G 156 -36.41 14.43 -16.75
C HIS G 156 -36.18 15.85 -17.24
N THR G 157 -36.01 16.07 -18.55
CA THR G 157 -35.86 17.42 -19.09
C THR G 157 -37.15 17.98 -19.67
N GLY G 158 -38.13 17.13 -20.00
CA GLY G 158 -39.32 17.57 -20.69
C GLY G 158 -39.15 17.80 -22.18
N GLN G 159 -37.98 17.49 -22.73
CA GLN G 159 -37.72 17.65 -24.16
C GLN G 159 -38.35 16.50 -24.95
N PRO G 160 -38.76 16.75 -26.20
CA PRO G 160 -39.27 15.66 -27.05
C PRO G 160 -38.18 14.63 -27.34
N LEU G 161 -38.57 13.37 -27.43
CA LEU G 161 -37.58 12.30 -27.63
C LEU G 161 -36.78 12.53 -28.91
N GLU G 162 -37.42 12.95 -30.02
CA GLU G 162 -36.61 13.15 -31.24
C GLU G 162 -35.54 14.23 -31.07
N LYS G 163 -35.80 15.26 -30.26
CA LYS G 163 -34.76 16.27 -30.04
C LYS G 163 -33.57 15.69 -29.28
N VAL G 164 -33.84 14.95 -28.20
CA VAL G 164 -32.73 14.36 -27.41
C VAL G 164 -31.88 13.45 -28.29
N GLU G 165 -32.53 12.64 -29.14
CA GLU G 165 -31.82 11.73 -30.03
C GLU G 165 -30.96 12.49 -31.04
N LYS G 166 -31.47 13.62 -31.56
CA LYS G 166 -30.62 14.40 -32.46
C LYS G 166 -29.48 15.06 -31.70
N ASP G 167 -29.73 15.56 -30.49
CA ASP G 167 -28.70 16.32 -29.77
C ASP G 167 -27.56 15.43 -29.29
N THR G 168 -27.86 14.20 -28.88
CA THR G 168 -26.82 13.34 -28.31
C THR G 168 -26.07 12.55 -29.36
N ASP G 169 -26.32 12.80 -30.65
CA ASP G 169 -25.62 12.05 -31.69
C ASP G 169 -24.11 12.24 -31.58
N ARG G 170 -23.67 13.46 -31.29
CA ARG G 170 -22.26 13.72 -30.96
C ARG G 170 -22.21 14.47 -29.63
N ASP G 171 -20.99 14.70 -29.13
CA ASP G 171 -20.82 15.36 -27.84
C ASP G 171 -21.54 16.71 -27.86
N TYR G 172 -22.46 16.89 -26.91
CA TYR G 172 -23.34 18.06 -26.88
C TYR G 172 -23.08 18.80 -25.57
N TYR G 173 -22.21 19.82 -25.63
CA TYR G 173 -21.77 20.55 -24.46
C TYR G 173 -22.69 21.73 -24.17
N LEU G 174 -23.01 21.91 -22.90
CA LEU G 174 -23.87 23.00 -22.45
C LEU G 174 -23.21 23.71 -21.27
N SER G 175 -23.22 25.04 -21.30
CA SER G 175 -22.94 25.86 -20.13
C SER G 175 -24.05 25.65 -19.09
N ALA G 176 -23.83 26.20 -17.88
CA ALA G 176 -24.85 26.08 -16.85
C ALA G 176 -26.16 26.72 -17.31
N GLN G 177 -26.09 27.92 -17.92
CA GLN G 177 -27.32 28.57 -18.38
C GLN G 177 -27.99 27.79 -19.51
N GLU G 178 -27.19 27.22 -20.41
CA GLU G 178 -27.75 26.42 -21.50
C GLU G 178 -28.35 25.13 -20.98
N ALA G 179 -27.75 24.52 -19.95
CA ALA G 179 -28.34 23.32 -19.35
C ALA G 179 -29.66 23.65 -18.68
N LEU G 180 -29.76 24.87 -18.11
CA LEU G 180 -31.00 25.36 -17.57
C LEU G 180 -32.05 25.46 -18.67
N GLU G 181 -31.68 26.05 -19.83
CA GLU G 181 -32.64 26.11 -20.92
C GLU G 181 -33.02 24.72 -21.41
N TYR G 182 -32.10 23.77 -21.37
CA TYR G 182 -32.41 22.41 -21.84
C TYR G 182 -33.39 21.71 -20.92
N GLY G 183 -33.42 22.07 -19.64
CA GLY G 183 -34.22 21.35 -18.67
C GLY G 183 -33.44 20.31 -17.89
N LEU G 184 -32.10 20.32 -17.98
CA LEU G 184 -31.28 19.38 -17.22
C LEU G 184 -31.10 19.81 -15.77
N ILE G 185 -31.25 21.11 -15.47
CA ILE G 185 -31.17 21.60 -14.10
C ILE G 185 -32.30 22.59 -13.89
N ASP G 186 -32.51 22.97 -12.63
CA ASP G 186 -33.55 23.93 -12.30
C ASP G 186 -33.03 25.30 -11.93
N GLN G 187 -31.76 25.44 -11.59
CA GLN G 187 -31.28 26.74 -11.14
C GLN G 187 -29.75 26.80 -11.23
N VAL G 188 -29.23 27.93 -11.71
CA VAL G 188 -27.80 28.25 -11.62
C VAL G 188 -27.61 29.06 -10.34
N VAL G 189 -26.77 28.57 -9.42
CA VAL G 189 -26.56 29.21 -8.13
C VAL G 189 -25.16 29.79 -8.07
N THR G 190 -25.05 31.04 -7.63
CA THR G 190 -23.79 31.74 -7.49
C THR G 190 -23.34 31.84 -6.04
N ARG G 191 -24.29 32.08 -5.14
CA ARG G 191 -24.05 32.16 -3.72
C ARG G 191 -24.91 31.11 -3.03
N GLU G 192 -24.45 30.68 -1.84
CA GLU G 192 -25.04 29.49 -1.22
C GLU G 192 -26.42 29.74 -0.61
N GLU G 193 -26.81 30.98 -0.34
CA GLU G 193 -28.15 31.25 0.17
C GLU G 193 -29.25 30.75 -0.77
N ALA G 194 -28.95 30.61 -2.06
CA ALA G 194 -29.91 30.19 -3.07
C ALA G 194 -30.40 28.75 -2.91
N LEU G 195 -29.77 27.94 -2.07
CA LEU G 195 -30.22 26.55 -1.91
C LEU G 195 -31.13 26.34 -0.69
N UNK H 1 -22.96 0.10 -22.93
CA UNK H 1 -21.77 -0.28 -22.19
C UNK H 1 -21.19 0.92 -21.43
N UNK H 2 -20.57 1.85 -22.15
CA UNK H 2 -20.00 3.05 -21.54
C UNK H 2 -20.64 4.29 -22.15
N UNK H 3 -20.97 5.23 -21.27
CA UNK H 3 -21.36 6.55 -21.71
C UNK H 3 -20.55 7.52 -20.88
N ILE I 3 -13.40 4.53 0.22
CA ILE I 3 -14.52 4.09 1.05
C ILE I 3 -14.65 4.94 2.32
N PRO I 4 -15.78 5.62 2.47
CA PRO I 4 -15.94 6.54 3.60
C PRO I 4 -16.20 5.81 4.91
N TYR I 5 -16.14 6.57 5.99
CA TYR I 5 -16.21 6.06 7.35
C TYR I 5 -17.39 6.70 8.08
N VAL I 6 -17.86 6.01 9.12
CA VAL I 6 -18.97 6.46 9.96
C VAL I 6 -18.60 6.26 11.42
N ILE I 7 -19.02 7.19 12.29
CA ILE I 7 -18.80 7.10 13.72
C ILE I 7 -20.15 6.94 14.41
N GLU I 8 -20.18 6.11 15.46
CA GLU I 8 -21.38 5.86 16.26
C GLU I 8 -22.55 5.37 15.40
N ARG I 15 -15.26 1.95 17.13
CA ARG I 15 -16.50 2.69 17.10
C ARG I 15 -16.75 3.34 15.72
N VAL I 16 -15.78 3.19 14.83
CA VAL I 16 -15.89 3.72 13.47
C VAL I 16 -16.07 2.55 12.50
N TYR I 17 -16.88 2.77 11.47
CA TYR I 17 -17.19 1.80 10.43
C TYR I 17 -16.87 2.38 9.07
N ASP I 18 -16.31 1.56 8.18
CA ASP I 18 -16.49 1.90 6.77
C ASP I 18 -17.94 1.61 6.37
N ILE I 19 -18.36 2.15 5.22
CA ILE I 19 -19.78 2.13 4.88
C ILE I 19 -20.26 0.70 4.71
N TYR I 20 -19.41 -0.17 4.18
CA TYR I 20 -19.83 -1.56 3.99
C TYR I 20 -19.91 -2.29 5.31
N SER I 21 -18.96 -2.06 6.21
CA SER I 21 -19.06 -2.64 7.55
C SER I 21 -20.27 -2.08 8.29
N ARG I 22 -20.58 -0.80 8.07
CA ARG I 22 -21.77 -0.21 8.68
C ARG I 22 -23.05 -0.90 8.18
N LEU I 23 -23.12 -1.18 6.89
CA LEU I 23 -24.30 -1.86 6.36
C LEU I 23 -24.38 -3.31 6.80
N LEU I 24 -23.23 -3.97 7.01
CA LEU I 24 -23.26 -5.34 7.55
C LEU I 24 -23.92 -5.39 8.93
N LYS I 25 -23.80 -4.32 9.67
CA LYS I 25 -24.43 -4.22 10.94
C LYS I 25 -25.93 -4.36 10.75
N ASP I 26 -26.47 -3.87 9.67
CA ASP I 26 -27.89 -3.99 9.31
C ASP I 26 -28.21 -5.24 8.46
N ARG I 27 -27.31 -6.23 8.44
CA ARG I 27 -27.53 -7.51 7.74
C ARG I 27 -27.56 -7.33 6.23
N ILE I 28 -26.76 -6.40 5.70
CA ILE I 28 -26.66 -6.14 4.27
C ILE I 28 -25.26 -6.54 3.80
N ILE I 29 -25.19 -7.36 2.75
CA ILE I 29 -23.93 -7.78 2.13
C ILE I 29 -23.95 -7.31 0.68
N PHE I 30 -22.81 -6.83 0.19
CA PHE I 30 -22.65 -6.43 -1.21
C PHE I 30 -21.85 -7.47 -1.97
N LEU I 31 -22.37 -7.88 -3.12
CA LEU I 31 -21.62 -8.67 -4.09
C LEU I 31 -21.44 -7.75 -5.31
N GLY I 32 -20.36 -6.97 -5.31
CA GLY I 32 -20.26 -5.87 -6.26
C GLY I 32 -19.04 -5.91 -7.17
N THR I 33 -18.48 -7.08 -7.36
N THR I 33 -18.42 -7.08 -7.29
CA THR I 33 -17.25 -7.22 -8.12
CA THR I 33 -17.19 -7.24 -8.07
C THR I 33 -17.29 -8.53 -8.90
C THR I 33 -17.26 -8.54 -8.87
N PRO I 34 -16.36 -8.76 -9.82
CA PRO I 34 -16.20 -10.09 -10.40
C PRO I 34 -15.97 -11.11 -9.29
N ILE I 35 -16.38 -12.35 -9.52
CA ILE I 35 -16.39 -13.37 -8.48
C ILE I 35 -15.15 -14.25 -8.63
N ASP I 36 -14.29 -14.23 -7.63
CA ASP I 36 -13.26 -15.27 -7.58
C ASP I 36 -13.31 -15.94 -6.22
N ALA I 37 -12.37 -16.85 -5.94
CA ALA I 37 -12.42 -17.54 -4.66
C ALA I 37 -12.43 -16.55 -3.54
N GLN I 38 -11.62 -15.54 -3.59
CA GLN I 38 -11.50 -14.61 -2.52
C GLN I 38 -12.78 -13.85 -2.22
N VAL I 39 -13.45 -13.42 -3.26
CA VAL I 39 -14.73 -12.74 -3.12
C VAL I 39 -15.75 -13.69 -2.52
N ALA I 40 -15.79 -14.92 -3.01
CA ALA I 40 -16.71 -15.92 -2.48
C ALA I 40 -16.46 -16.18 -0.99
N ASN I 41 -15.19 -16.31 -0.58
CA ASN I 41 -14.88 -16.62 0.82
C ASN I 41 -15.38 -15.52 1.75
N VAL I 42 -15.23 -14.24 1.36
CA VAL I 42 -15.63 -13.18 2.28
C VAL I 42 -17.15 -13.04 2.31
N VAL I 43 -17.83 -13.32 1.20
CA VAL I 43 -19.29 -13.30 1.18
C VAL I 43 -19.83 -14.46 2.01
N VAL I 44 -19.20 -15.64 1.88
CA VAL I 44 -19.60 -16.80 2.69
C VAL I 44 -19.40 -16.48 4.17
N ALA I 45 -18.24 -15.89 4.51
CA ALA I 45 -17.98 -15.55 5.91
C ALA I 45 -19.06 -14.62 6.46
N GLN I 46 -19.48 -13.64 5.66
CA GLN I 46 -20.52 -12.72 6.11
C GLN I 46 -21.85 -13.42 6.28
N LEU I 47 -22.20 -14.32 5.34
CA LEU I 47 -23.46 -15.07 5.46
C LEU I 47 -23.47 -15.92 6.73
N LEU I 48 -22.36 -16.63 6.99
CA LEU I 48 -22.28 -17.48 8.17
C LEU I 48 -22.35 -16.65 9.45
N PHE I 49 -21.65 -15.51 9.46
CA PHE I 49 -21.67 -14.64 10.62
C PHE I 49 -23.08 -14.13 10.92
N LEU I 50 -23.75 -13.58 9.90
CA LEU I 50 -25.09 -13.03 10.12
C LEU I 50 -26.07 -14.12 10.55
N ASP I 51 -25.96 -15.30 9.94
CA ASP I 51 -26.86 -16.38 10.32
C ASP I 51 -26.61 -16.85 11.75
N ALA I 52 -25.36 -16.82 12.21
CA ALA I 52 -25.07 -17.18 13.59
C ALA I 52 -25.57 -16.10 14.56
N GLN I 53 -25.50 -14.83 14.16
CA GLN I 53 -26.12 -13.76 14.96
C GLN I 53 -27.63 -13.96 15.07
N ASN I 54 -28.30 -14.24 13.98
CA ASN I 54 -29.74 -14.49 14.06
C ASN I 54 -30.17 -15.34 12.88
N PRO I 55 -30.51 -16.60 13.11
CA PRO I 55 -30.91 -17.48 12.01
C PRO I 55 -32.31 -17.22 11.50
N ASN I 56 -33.06 -16.31 12.13
CA ASN I 56 -34.44 -16.04 11.71
C ASN I 56 -34.61 -14.70 11.01
N GLN I 57 -33.61 -13.82 11.02
CA GLN I 57 -33.76 -12.51 10.42
C GLN I 57 -33.21 -12.50 9.00
N GLU I 58 -33.92 -11.80 8.13
CA GLU I 58 -33.54 -11.69 6.73
C GLU I 58 -32.12 -11.12 6.59
N ILE I 59 -31.42 -11.60 5.57
CA ILE I 59 -30.17 -11.03 5.08
C ILE I 59 -30.45 -10.47 3.68
N LYS I 60 -29.88 -9.30 3.38
CA LYS I 60 -30.02 -8.68 2.07
C LYS I 60 -28.69 -8.72 1.32
N LEU I 61 -28.70 -9.33 0.13
CA LEU I 61 -27.51 -9.44 -0.72
C LEU I 61 -27.73 -8.55 -1.94
N TYR I 62 -27.07 -7.39 -1.97
CA TYR I 62 -27.14 -6.53 -3.14
C TYR I 62 -26.13 -7.00 -4.17
N ILE I 63 -26.55 -7.06 -5.43
CA ILE I 63 -25.76 -7.68 -6.48
C ILE I 63 -25.50 -6.67 -7.57
N ASN I 64 -24.20 -6.47 -7.91
CA ASN I 64 -23.83 -5.68 -9.08
C ASN I 64 -22.49 -6.27 -9.53
N SER I 65 -22.58 -7.32 -10.35
CA SER I 65 -21.44 -8.17 -10.66
C SER I 65 -21.58 -8.77 -12.06
N PRO I 66 -20.48 -8.85 -12.81
CA PRO I 66 -20.49 -9.55 -14.10
C PRO I 66 -20.33 -11.06 -13.99
N GLY I 67 -20.34 -11.62 -12.78
CA GLY I 67 -20.16 -13.05 -12.62
C GLY I 67 -18.70 -13.37 -12.36
N GLY I 68 -18.33 -14.62 -12.64
CA GLY I 68 -16.94 -15.03 -12.46
C GLY I 68 -16.78 -16.54 -12.37
N GLU I 69 -15.86 -16.98 -11.52
CA GLU I 69 -15.49 -18.39 -11.46
C GLU I 69 -16.67 -19.23 -10.98
N VAL I 70 -16.86 -20.38 -11.62
CA VAL I 70 -18.02 -21.23 -11.32
C VAL I 70 -17.93 -21.75 -9.89
N ASP I 71 -16.79 -22.36 -9.51
CA ASP I 71 -16.67 -22.93 -8.17
C ASP I 71 -16.89 -21.86 -7.10
N ALA I 72 -16.35 -20.66 -7.31
CA ALA I 72 -16.57 -19.59 -6.34
C ALA I 72 -18.05 -19.19 -6.26
N GLY I 73 -18.70 -19.05 -7.41
CA GLY I 73 -20.11 -18.65 -7.40
C GLY I 73 -20.99 -19.70 -6.73
N LEU I 74 -20.67 -20.97 -6.94
CA LEU I 74 -21.44 -22.06 -6.35
C LEU I 74 -21.22 -22.16 -4.84
N ALA I 75 -20.05 -21.73 -4.35
CA ALA I 75 -19.87 -21.65 -2.89
C ALA I 75 -20.82 -20.64 -2.28
N ILE I 76 -21.02 -19.50 -2.94
CA ILE I 76 -22.01 -18.54 -2.48
C ILE I 76 -23.41 -19.15 -2.59
N TYR I 77 -23.71 -19.75 -3.74
CA TYR I 77 -25.03 -20.35 -3.93
C TYR I 77 -25.35 -21.37 -2.83
N ASP I 78 -24.42 -22.29 -2.59
CA ASP I 78 -24.65 -23.34 -1.59
C ASP I 78 -24.79 -22.77 -0.19
N THR I 79 -23.99 -21.76 0.14
CA THR I 79 -24.06 -21.19 1.49
C THR I 79 -25.41 -20.48 1.69
N MET I 80 -25.92 -19.82 0.65
CA MET I 80 -27.26 -19.23 0.74
C MET I 80 -28.31 -20.30 1.06
N GLN I 81 -28.27 -21.42 0.36
CA GLN I 81 -29.23 -22.50 0.66
C GLN I 81 -28.97 -23.10 2.03
N PHE I 82 -27.71 -23.11 2.46
CA PHE I 82 -27.36 -23.78 3.71
C PHE I 82 -27.89 -23.03 4.92
N VAL I 83 -27.66 -21.72 4.98
CA VAL I 83 -28.02 -20.97 6.17
C VAL I 83 -29.54 -20.95 6.35
N ARG I 84 -29.97 -20.95 7.62
CA ARG I 84 -31.39 -20.88 7.93
C ARG I 84 -31.95 -19.49 7.63
N ALA I 85 -31.13 -18.44 7.76
CA ALA I 85 -31.59 -17.09 7.56
C ALA I 85 -32.02 -16.90 6.11
N PRO I 86 -33.20 -16.35 5.84
CA PRO I 86 -33.60 -16.11 4.44
C PRO I 86 -32.76 -15.01 3.81
N VAL I 87 -32.26 -15.27 2.62
CA VAL I 87 -31.38 -14.33 1.91
C VAL I 87 -32.18 -13.71 0.77
N SER I 88 -32.49 -12.44 0.93
CA SER I 88 -33.10 -11.67 -0.14
C SER I 88 -31.99 -11.16 -1.07
N THR I 89 -32.22 -11.25 -2.38
CA THR I 89 -31.26 -10.79 -3.38
C THR I 89 -31.85 -9.61 -4.12
N ILE I 90 -31.00 -8.62 -4.42
CA ILE I 90 -31.41 -7.41 -5.12
C ILE I 90 -30.32 -7.06 -6.13
N VAL I 91 -30.66 -7.09 -7.41
CA VAL I 91 -29.72 -6.63 -8.43
C VAL I 91 -29.92 -5.13 -8.64
N ILE I 92 -28.84 -4.39 -8.45
CA ILE I 92 -28.70 -2.98 -8.81
C ILE I 92 -27.64 -2.96 -9.88
N GLY I 93 -27.92 -2.33 -11.01
CA GLY I 93 -26.91 -2.44 -12.05
C GLY I 93 -26.99 -3.73 -12.86
N MET I 94 -26.08 -4.67 -12.66
N MET I 94 -26.09 -4.67 -12.64
CA MET I 94 -26.05 -5.86 -13.50
CA MET I 94 -26.04 -5.86 -13.48
C MET I 94 -25.85 -7.10 -12.65
C MET I 94 -25.85 -7.10 -12.63
N ALA I 95 -26.41 -8.21 -13.11
CA ALA I 95 -26.17 -9.54 -12.51
C ALA I 95 -26.02 -10.49 -13.69
N ALA I 96 -24.77 -10.81 -14.04
CA ALA I 96 -24.48 -11.64 -15.21
C ALA I 96 -23.87 -12.96 -14.78
N SER I 97 -24.22 -14.02 -15.52
CA SER I 97 -23.61 -15.34 -15.42
C SER I 97 -23.71 -15.86 -13.99
N MET I 98 -22.59 -16.16 -13.28
CA MET I 98 -22.72 -16.71 -11.93
C MET I 98 -23.47 -15.76 -11.01
N ALA I 99 -23.37 -14.44 -11.25
CA ALA I 99 -24.13 -13.50 -10.44
C ALA I 99 -25.63 -13.58 -10.74
N ALA I 100 -26.01 -13.97 -11.95
CA ALA I 100 -27.44 -14.16 -12.22
C ALA I 100 -27.96 -15.42 -11.53
N VAL I 101 -27.11 -16.46 -11.47
CA VAL I 101 -27.47 -17.67 -10.70
C VAL I 101 -27.69 -17.31 -9.25
N ILE I 102 -26.79 -16.51 -8.67
CA ILE I 102 -26.93 -16.12 -7.27
C ILE I 102 -28.18 -15.28 -7.06
N LEU I 103 -28.44 -14.32 -7.96
CA LEU I 103 -29.68 -13.54 -7.87
C LEU I 103 -30.91 -14.46 -7.83
N ALA I 104 -30.98 -15.40 -8.78
CA ALA I 104 -32.12 -16.29 -8.89
C ALA I 104 -32.24 -17.23 -7.70
N ALA I 105 -31.17 -17.38 -6.92
CA ALA I 105 -31.10 -18.32 -5.80
C ALA I 105 -31.55 -17.72 -4.48
N GLY I 106 -31.89 -16.43 -4.45
CA GLY I 106 -32.41 -15.83 -3.26
C GLY I 106 -33.72 -16.48 -2.83
N GLU I 107 -34.11 -16.20 -1.58
CA GLU I 107 -35.35 -16.71 -1.02
C GLU I 107 -36.52 -16.41 -1.94
N LYS I 108 -37.29 -17.45 -2.26
CA LYS I 108 -38.43 -17.27 -3.15
C LYS I 108 -39.39 -16.24 -2.58
N GLY I 109 -39.79 -15.28 -3.41
CA GLY I 109 -40.56 -14.14 -2.96
C GLY I 109 -39.71 -12.92 -2.63
N ARG I 110 -38.40 -13.08 -2.50
CA ARG I 110 -37.57 -11.96 -2.04
C ARG I 110 -36.42 -11.68 -3.00
N ARG I 111 -36.61 -11.94 -4.29
CA ARG I 111 -35.59 -11.63 -5.31
C ARG I 111 -36.10 -10.43 -6.08
N TYR I 112 -35.30 -9.35 -6.09
CA TYR I 112 -35.77 -8.06 -6.56
C TYR I 112 -34.81 -7.51 -7.61
N ALA I 113 -35.33 -6.61 -8.44
CA ALA I 113 -34.49 -5.87 -9.39
C ALA I 113 -34.94 -4.42 -9.40
N LEU I 114 -33.97 -3.50 -9.52
CA LEU I 114 -34.31 -2.13 -9.82
C LEU I 114 -34.74 -2.04 -11.28
N PRO I 115 -35.50 -1.01 -11.67
CA PRO I 115 -36.14 -1.01 -12.99
C PRO I 115 -35.18 -1.08 -14.16
N HIS I 116 -33.99 -0.47 -14.06
CA HIS I 116 -33.06 -0.49 -15.18
C HIS I 116 -31.91 -1.45 -14.95
N ALA I 117 -32.02 -2.29 -13.94
CA ALA I 117 -30.99 -3.33 -13.76
C ALA I 117 -31.04 -4.35 -14.90
N LYS I 118 -29.92 -4.97 -15.18
CA LYS I 118 -29.79 -5.96 -16.22
C LYS I 118 -29.37 -7.35 -15.68
N VAL I 119 -29.97 -8.41 -16.19
CA VAL I 119 -29.61 -9.80 -15.94
C VAL I 119 -29.14 -10.44 -17.24
N MET I 120 -28.14 -11.31 -17.15
CA MET I 120 -27.66 -12.05 -18.30
C MET I 120 -27.27 -13.44 -17.84
N ILE I 121 -27.65 -14.45 -18.62
CA ILE I 121 -27.30 -15.84 -18.35
C ILE I 121 -26.63 -16.41 -19.60
N HIS I 122 -25.68 -17.31 -19.40
CA HIS I 122 -24.97 -17.88 -20.54
C HIS I 122 -24.19 -19.08 -20.03
N GLN I 123 -23.76 -19.91 -20.97
CA GLN I 123 -23.06 -21.12 -20.62
C GLN I 123 -21.64 -20.79 -20.15
N PRO I 124 -21.00 -21.69 -19.41
CA PRO I 124 -19.67 -21.38 -18.86
C PRO I 124 -18.60 -21.31 -19.95
N TRP I 125 -17.48 -20.67 -19.59
N TRP I 125 -17.49 -20.71 -19.57
CA TRP I 125 -16.36 -20.61 -20.49
CA TRP I 125 -16.35 -20.46 -20.42
C TRP I 125 -15.09 -20.92 -19.73
C TRP I 125 -15.06 -20.87 -19.74
N GLY I 126 -14.08 -21.35 -20.47
CA GLY I 126 -12.86 -21.81 -19.84
C GLY I 126 -11.73 -22.06 -20.82
N GLY I 127 -10.70 -22.72 -20.30
CA GLY I 127 -9.57 -23.09 -21.12
C GLY I 127 -8.74 -24.19 -20.50
N VAL I 128 -7.98 -24.87 -21.33
CA VAL I 128 -7.02 -25.86 -20.86
C VAL I 128 -5.93 -25.99 -21.92
N ARG I 129 -4.68 -26.17 -21.48
CA ARG I 129 -3.60 -26.61 -22.33
C ARG I 129 -3.10 -27.93 -21.76
N GLY I 130 -2.60 -28.79 -22.63
CA GLY I 130 -2.00 -30.03 -22.18
C GLY I 130 -2.17 -31.13 -23.19
N THR I 131 -1.85 -32.35 -22.75
CA THR I 131 -2.04 -33.50 -23.62
C THR I 131 -3.52 -33.74 -23.89
N ALA I 132 -3.78 -34.52 -24.95
CA ALA I 132 -5.16 -34.86 -25.29
C ALA I 132 -5.88 -35.48 -24.10
N SER I 133 -5.19 -36.35 -23.35
CA SER I 133 -5.77 -36.97 -22.16
C SER I 133 -6.18 -35.92 -21.14
N ASP I 134 -5.33 -34.92 -20.91
CA ASP I 134 -5.67 -33.90 -19.93
C ASP I 134 -6.79 -33.00 -20.44
N ILE I 135 -6.81 -32.74 -21.74
CA ILE I 135 -7.88 -31.92 -22.31
C ILE I 135 -9.22 -32.64 -22.19
N ALA I 136 -9.23 -33.95 -22.48
CA ALA I 136 -10.47 -34.72 -22.35
C ALA I 136 -11.04 -34.61 -20.95
N ILE I 137 -10.19 -34.67 -19.94
CA ILE I 137 -10.66 -34.54 -18.55
C ILE I 137 -11.26 -33.16 -18.32
N GLN I 138 -10.57 -32.09 -18.76
CA GLN I 138 -11.09 -30.73 -18.50
C GLN I 138 -12.37 -30.45 -19.27
N ALA I 139 -12.52 -31.00 -20.50
CA ALA I 139 -13.72 -30.76 -21.29
C ALA I 139 -14.94 -31.41 -20.63
N GLN I 140 -14.69 -32.57 -20.04
CA GLN I 140 -15.71 -33.27 -19.29
C GLN I 140 -16.13 -32.47 -18.07
N GLU I 141 -15.21 -31.87 -17.32
CA GLU I 141 -15.59 -31.03 -16.21
C GLU I 141 -16.40 -29.78 -16.63
N ILE I 142 -15.99 -29.04 -17.64
CA ILE I 142 -16.82 -27.97 -18.21
C ILE I 142 -18.16 -28.42 -18.68
N LEU I 143 -18.27 -29.61 -19.24
CA LEU I 143 -19.58 -30.03 -19.70
C LEU I 143 -20.50 -30.35 -18.53
N LYS I 144 -19.95 -30.94 -17.46
CA LYS I 144 -20.74 -31.16 -16.25
C LYS I 144 -21.13 -29.85 -15.59
N ALA I 145 -20.22 -28.87 -15.57
CA ALA I 145 -20.56 -27.57 -15.00
C ALA I 145 -21.70 -26.92 -15.79
N LYS I 146 -21.66 -26.99 -17.13
CA LYS I 146 -22.68 -26.38 -17.97
C LYS I 146 -24.05 -26.98 -17.67
N LYS I 147 -24.11 -28.31 -17.58
CA LYS I 147 -25.36 -28.98 -17.29
C LYS I 147 -25.86 -28.60 -15.90
N LEU I 148 -24.95 -28.57 -14.92
CA LEU I 148 -25.34 -28.25 -13.56
C LEU I 148 -25.92 -26.84 -13.45
N LEU I 149 -25.28 -25.86 -14.09
CA LEU I 149 -25.79 -24.49 -14.00
C LEU I 149 -27.14 -24.34 -14.68
N ASN I 150 -27.33 -25.02 -15.81
CA ASN I 150 -28.64 -25.00 -16.46
C ASN I 150 -29.70 -25.64 -15.57
N GLU I 151 -29.34 -26.70 -14.85
CA GLU I 151 -30.28 -27.37 -13.96
C GLU I 151 -30.65 -26.48 -12.77
N ILE I 152 -29.67 -25.76 -12.21
CA ILE I 152 -29.95 -24.85 -11.10
C ILE I 152 -30.86 -23.72 -11.57
N LEU I 153 -30.58 -23.15 -12.75
CA LEU I 153 -31.43 -22.09 -13.26
C LEU I 153 -32.85 -22.60 -13.54
N ALA I 154 -32.96 -23.81 -14.10
CA ALA I 154 -34.29 -24.36 -14.33
C ALA I 154 -35.05 -24.52 -13.02
N LYS I 155 -34.35 -24.97 -12.01
CA LYS I 155 -34.93 -25.17 -10.74
C LYS I 155 -35.49 -23.92 -10.10
N HIS I 156 -34.73 -22.85 -10.09
CA HIS I 156 -35.13 -21.61 -9.43
C HIS I 156 -36.03 -20.71 -10.29
N THR I 157 -36.06 -20.89 -11.61
CA THR I 157 -36.92 -20.08 -12.45
C THR I 157 -38.23 -20.76 -12.79
N GLY I 158 -38.30 -22.08 -12.66
CA GLY I 158 -39.45 -22.84 -13.10
C GLY I 158 -39.50 -23.10 -14.60
N GLN I 159 -38.48 -22.70 -15.35
CA GLN I 159 -38.45 -22.94 -16.78
C GLN I 159 -38.05 -24.37 -17.09
N PRO I 160 -38.55 -24.94 -18.18
CA PRO I 160 -38.12 -26.27 -18.59
C PRO I 160 -36.63 -26.28 -18.91
N LEU I 161 -35.96 -27.37 -18.60
CA LEU I 161 -34.53 -27.47 -18.78
C LEU I 161 -34.12 -27.26 -20.20
N GLU I 162 -34.89 -27.79 -21.11
CA GLU I 162 -34.58 -27.64 -22.50
C GLU I 162 -34.58 -26.18 -22.92
N LYS I 163 -35.49 -25.38 -22.43
CA LYS I 163 -35.50 -24.00 -22.74
C LYS I 163 -34.28 -23.27 -22.20
N VAL I 164 -33.96 -23.52 -20.93
CA VAL I 164 -32.78 -22.89 -20.33
C VAL I 164 -31.53 -23.23 -21.11
N GLU I 165 -31.40 -24.50 -21.51
CA GLU I 165 -30.21 -24.91 -22.28
C GLU I 165 -30.15 -24.19 -23.63
N LYS I 166 -31.29 -23.98 -24.26
CA LYS I 166 -31.28 -23.27 -25.53
C LYS I 166 -30.95 -21.79 -25.30
N ASP I 167 -31.51 -21.19 -24.24
CA ASP I 167 -31.34 -19.75 -24.03
C ASP I 167 -29.91 -19.41 -23.65
N THR I 168 -29.23 -20.27 -22.89
CA THR I 168 -27.88 -19.91 -22.43
C THR I 168 -26.78 -20.28 -23.42
N ASP I 169 -27.14 -20.74 -24.62
CA ASP I 169 -26.12 -21.11 -25.60
C ASP I 169 -25.23 -19.93 -25.95
N ARG I 170 -25.81 -18.72 -26.06
CA ARG I 170 -25.05 -17.48 -26.21
C ARG I 170 -25.53 -16.49 -25.14
N ASP I 171 -24.87 -15.33 -25.07
CA ASP I 171 -25.24 -14.34 -24.06
C ASP I 171 -26.72 -13.99 -24.19
N TYR I 172 -27.47 -14.18 -23.10
CA TYR I 172 -28.92 -14.04 -23.09
C TYR I 172 -29.27 -12.93 -22.09
N TYR I 173 -29.47 -11.70 -22.60
CA TYR I 173 -29.68 -10.51 -21.79
C TYR I 173 -31.17 -10.30 -21.51
N LEU I 174 -31.51 -9.91 -20.27
CA LEU I 174 -32.88 -9.65 -19.86
C LEU I 174 -32.99 -8.32 -19.15
N SER I 175 -33.99 -7.51 -19.51
CA SER I 175 -34.39 -6.38 -18.68
C SER I 175 -34.99 -6.89 -17.37
N ALA I 176 -35.20 -5.97 -16.41
CA ALA I 176 -35.81 -6.35 -15.13
C ALA I 176 -37.17 -7.01 -15.34
N GLN I 177 -38.03 -6.39 -16.16
CA GLN I 177 -39.34 -6.99 -16.43
C GLN I 177 -39.20 -8.35 -17.13
N GLU I 178 -38.22 -8.48 -18.04
CA GLU I 178 -38.02 -9.77 -18.69
C GLU I 178 -37.49 -10.80 -17.71
N ALA I 179 -36.66 -10.37 -16.77
CA ALA I 179 -36.16 -11.29 -15.74
C ALA I 179 -37.29 -11.75 -14.84
N LEU I 180 -38.26 -10.87 -14.55
CA LEU I 180 -39.46 -11.26 -13.83
C LEU I 180 -40.25 -12.31 -14.62
N GLU I 181 -40.44 -12.06 -15.92
CA GLU I 181 -41.16 -13.01 -16.76
C GLU I 181 -40.44 -14.35 -16.82
N TYR I 182 -39.10 -14.33 -16.79
CA TYR I 182 -38.30 -15.55 -16.85
C TYR I 182 -38.40 -16.36 -15.57
N GLY I 183 -38.69 -15.72 -14.44
CA GLY I 183 -38.65 -16.41 -13.15
C GLY I 183 -37.36 -16.25 -12.38
N LEU I 184 -36.47 -15.35 -12.81
CA LEU I 184 -35.20 -15.10 -12.13
C LEU I 184 -35.35 -14.19 -10.92
N ILE I 185 -36.42 -13.38 -10.88
CA ILE I 185 -36.72 -12.50 -9.76
C ILE I 185 -38.22 -12.57 -9.50
N ASP I 186 -38.64 -12.00 -8.36
CA ASP I 186 -40.03 -12.00 -7.98
C ASP I 186 -40.72 -10.65 -8.15
N GLN I 187 -39.96 -9.56 -8.24
CA GLN I 187 -40.60 -8.25 -8.30
C GLN I 187 -39.61 -7.23 -8.82
N VAL I 188 -40.08 -6.36 -9.70
CA VAL I 188 -39.32 -5.18 -10.09
C VAL I 188 -39.74 -4.07 -9.14
N VAL I 189 -38.78 -3.48 -8.42
CA VAL I 189 -39.09 -2.47 -7.41
C VAL I 189 -38.63 -1.12 -7.93
N THR I 190 -39.54 -0.15 -7.94
CA THR I 190 -39.23 1.19 -8.42
C THR I 190 -39.08 2.20 -7.30
N ARG I 191 -40.01 2.25 -6.35
CA ARG I 191 -39.88 3.17 -5.23
C ARG I 191 -40.16 2.48 -3.91
N GLU I 192 -39.67 3.11 -2.84
CA GLU I 192 -39.58 2.50 -1.52
C GLU I 192 -40.94 2.29 -0.86
N GLU I 193 -42.03 2.74 -1.47
CA GLU I 193 -43.37 2.41 -0.95
C GLU I 193 -43.75 1.05 -1.52
N ALA I 194 -43.62 0.01 -0.70
CA ALA I 194 -43.88 -1.38 -1.08
C ALA I 194 -42.92 -1.86 -2.17
N UNK J 1 -12.88 -23.03 -14.94
CA UNK J 1 -14.30 -22.92 -15.27
C UNK J 1 -14.87 -21.55 -14.84
N UNK J 2 -15.16 -20.70 -15.83
CA UNK J 2 -15.67 -19.36 -15.59
C UNK J 2 -17.10 -19.25 -16.09
N UNK J 3 -17.93 -18.57 -15.31
CA UNK J 3 -19.26 -18.24 -15.75
C UNK J 3 -19.49 -16.76 -15.50
N VAL K 2 -10.76 -5.76 0.14
CA VAL K 2 -11.82 -5.14 0.94
C VAL K 2 -12.45 -6.15 1.91
N ILE K 3 -12.09 -6.05 3.18
CA ILE K 3 -12.51 -6.99 4.21
C ILE K 3 -13.35 -6.22 5.23
N PRO K 4 -14.62 -6.55 5.44
CA PRO K 4 -15.43 -5.77 6.37
C PRO K 4 -15.08 -6.09 7.82
N TYR K 5 -15.57 -5.24 8.72
CA TYR K 5 -15.23 -5.26 10.13
C TYR K 5 -16.47 -5.42 11.00
N VAL K 6 -16.25 -5.93 12.21
CA VAL K 6 -17.24 -6.12 13.27
C VAL K 6 -16.65 -5.60 14.57
N ILE K 7 -17.50 -5.14 15.48
CA ILE K 7 -17.04 -4.53 16.73
C ILE K 7 -17.27 -5.38 17.98
N GLU K 8 -18.13 -6.40 17.94
CA GLU K 8 -18.33 -7.28 19.10
C GLU K 8 -19.09 -8.55 18.73
N GLU K 14 -15.96 -1.62 22.93
CA GLU K 14 -15.76 -1.97 21.52
C GLU K 14 -14.41 -2.66 21.29
N ARG K 15 -14.43 -3.75 20.53
CA ARG K 15 -13.22 -4.45 20.11
C ARG K 15 -13.36 -4.80 18.64
N VAL K 16 -12.58 -4.13 17.79
CA VAL K 16 -12.77 -4.20 16.34
C VAL K 16 -12.19 -5.49 15.81
N TYR K 17 -13.02 -6.27 15.10
CA TYR K 17 -12.61 -7.49 14.42
C TYR K 17 -12.83 -7.33 12.93
N ASP K 18 -11.88 -7.76 12.11
CA ASP K 18 -12.27 -8.08 10.76
C ASP K 18 -13.07 -9.40 10.77
N ILE K 19 -13.77 -9.67 9.66
CA ILE K 19 -14.72 -10.77 9.67
C ILE K 19 -14.00 -12.11 9.88
N TYR K 20 -12.79 -12.25 9.35
CA TYR K 20 -12.08 -13.52 9.52
C TYR K 20 -11.62 -13.70 10.96
N SER K 21 -11.13 -12.62 11.58
CA SER K 21 -10.77 -12.65 12.99
C SER K 21 -11.98 -12.91 13.86
N ARG K 22 -13.12 -12.33 13.49
CA ARG K 22 -14.34 -12.55 14.26
C ARG K 22 -14.73 -14.02 14.26
N LEU K 23 -14.63 -14.68 13.10
CA LEU K 23 -14.98 -16.10 13.04
C LEU K 23 -13.93 -16.95 13.75
N LEU K 24 -12.65 -16.53 13.75
CA LEU K 24 -11.64 -17.24 14.54
C LEU K 24 -11.99 -17.25 16.02
N LYS K 25 -12.61 -16.17 16.51
CA LYS K 25 -13.11 -16.17 17.88
C LYS K 25 -14.13 -17.29 18.10
N ASP K 26 -14.84 -17.71 17.06
CA ASP K 26 -15.77 -18.84 17.15
C ASP K 26 -15.13 -20.15 16.70
N ARG K 27 -13.79 -20.21 16.65
CA ARG K 27 -13.02 -21.41 16.36
C ARG K 27 -13.19 -21.85 14.90
N ILE K 28 -13.33 -20.88 14.00
CA ILE K 28 -13.43 -21.14 12.56
C ILE K 28 -12.17 -20.59 11.89
N ILE K 29 -11.52 -21.43 11.07
CA ILE K 29 -10.35 -21.07 10.27
C ILE K 29 -10.69 -21.24 8.80
N PHE K 30 -10.21 -20.33 7.96
CA PHE K 30 -10.40 -20.43 6.52
C PHE K 30 -9.10 -20.83 5.83
N LEU K 31 -9.17 -21.86 5.00
CA LEU K 31 -8.11 -22.19 4.04
C LEU K 31 -8.70 -21.92 2.64
N GLY K 32 -8.52 -20.67 2.16
CA GLY K 32 -9.26 -20.22 0.98
C GLY K 32 -8.41 -19.73 -0.17
N THR K 33 -7.11 -20.02 -0.15
N THR K 33 -7.10 -19.99 -0.11
CA THR K 33 -6.16 -19.56 -1.13
CA THR K 33 -6.16 -19.53 -1.11
C THR K 33 -5.32 -20.74 -1.59
C THR K 33 -5.29 -20.69 -1.57
N PRO K 34 -4.54 -20.56 -2.67
CA PRO K 34 -3.50 -21.55 -2.98
C PRO K 34 -2.55 -21.65 -1.79
N ILE K 35 -1.97 -22.82 -1.61
CA ILE K 35 -1.19 -23.13 -0.41
C ILE K 35 0.28 -22.90 -0.73
N ASP K 36 0.88 -21.93 -0.04
CA ASP K 36 2.34 -21.86 0.01
C ASP K 36 2.80 -21.85 1.46
N ALA K 37 4.10 -21.63 1.70
CA ALA K 37 4.62 -21.67 3.07
C ALA K 37 3.88 -20.69 3.97
N GLN K 38 3.62 -19.48 3.49
CA GLN K 38 3.04 -18.44 4.34
C GLN K 38 1.59 -18.77 4.69
N VAL K 39 0.85 -19.38 3.75
CA VAL K 39 -0.52 -19.80 4.05
C VAL K 39 -0.51 -20.91 5.09
N ALA K 40 0.39 -21.90 4.91
CA ALA K 40 0.50 -22.98 5.87
C ALA K 40 0.85 -22.45 7.24
N ASN K 41 1.79 -21.51 7.32
CA ASN K 41 2.23 -21.00 8.61
C ASN K 41 1.08 -20.35 9.36
N VAL K 42 0.26 -19.57 8.66
CA VAL K 42 -0.79 -18.86 9.37
C VAL K 42 -1.92 -19.82 9.75
N VAL K 43 -2.16 -20.86 8.95
CA VAL K 43 -3.16 -21.86 9.33
C VAL K 43 -2.68 -22.69 10.51
N VAL K 44 -1.38 -23.04 10.50
CA VAL K 44 -0.77 -23.74 11.63
C VAL K 44 -0.85 -22.89 12.89
N ALA K 45 -0.52 -21.60 12.77
CA ALA K 45 -0.59 -20.71 13.93
C ALA K 45 -2.00 -20.66 14.51
N GLN K 46 -3.02 -20.58 13.65
CA GLN K 46 -4.39 -20.55 14.16
C GLN K 46 -4.77 -21.87 14.83
N LEU K 47 -4.35 -23.00 14.25
CA LEU K 47 -4.66 -24.30 14.84
C LEU K 47 -4.05 -24.43 16.22
N LEU K 48 -2.76 -24.06 16.37
CA LEU K 48 -2.11 -24.14 17.67
C LEU K 48 -2.77 -23.19 18.67
N PHE K 49 -3.12 -22.00 18.21
CA PHE K 49 -3.76 -21.04 19.11
C PHE K 49 -5.08 -21.58 19.63
N LEU K 50 -5.95 -22.04 18.71
CA LEU K 50 -7.27 -22.54 19.14
C LEU K 50 -7.14 -23.75 20.05
N ASP K 51 -6.21 -24.65 19.75
CA ASP K 51 -5.99 -25.82 20.58
C ASP K 51 -5.45 -25.44 21.95
N ALA K 52 -4.65 -24.38 22.04
CA ALA K 52 -4.16 -23.93 23.35
C ALA K 52 -5.27 -23.28 24.15
N GLN K 53 -6.16 -22.54 23.49
N GLN K 53 -6.14 -22.52 23.48
CA GLN K 53 -7.30 -21.97 24.20
CA GLN K 53 -7.32 -21.97 24.15
C GLN K 53 -8.21 -23.06 24.77
C GLN K 53 -8.16 -23.08 24.78
N ASN K 54 -8.44 -24.12 24.00
CA ASN K 54 -9.25 -25.24 24.49
C ASN K 54 -8.92 -26.49 23.68
N PRO K 55 -8.24 -27.47 24.27
CA PRO K 55 -7.88 -28.67 23.52
C PRO K 55 -9.04 -29.64 23.30
N ASN K 56 -10.22 -29.35 23.87
CA ASN K 56 -11.34 -30.27 23.78
C ASN K 56 -12.46 -29.79 22.86
N GLN K 57 -12.43 -28.54 22.40
CA GLN K 57 -13.49 -27.99 21.58
C GLN K 57 -13.16 -28.13 20.10
N GLU K 58 -14.18 -28.43 19.30
CA GLU K 58 -14.04 -28.58 17.87
C GLU K 58 -13.48 -27.31 17.22
N ILE K 59 -12.69 -27.52 16.18
CA ILE K 59 -12.27 -26.46 15.26
C ILE K 59 -12.89 -26.78 13.91
N LYS K 60 -13.37 -25.74 13.23
CA LYS K 60 -13.96 -25.86 11.90
C LYS K 60 -13.01 -25.23 10.90
N LEU K 61 -12.56 -26.01 9.93
CA LEU K 61 -11.64 -25.57 8.88
C LEU K 61 -12.43 -25.57 7.58
N TYR K 62 -12.80 -24.37 7.12
CA TYR K 62 -13.48 -24.23 5.83
C TYR K 62 -12.45 -24.18 4.72
N ILE K 63 -12.70 -24.94 3.66
CA ILE K 63 -11.72 -25.14 2.60
C ILE K 63 -12.32 -24.69 1.28
N ASN K 64 -11.61 -23.81 0.59
CA ASN K 64 -11.91 -23.39 -0.77
C ASN K 64 -10.54 -23.03 -1.37
N SER K 65 -9.84 -24.06 -1.86
CA SER K 65 -8.44 -23.92 -2.26
C SER K 65 -8.12 -24.87 -3.40
N PRO K 66 -7.33 -24.44 -4.38
CA PRO K 66 -6.88 -25.33 -5.44
C PRO K 66 -5.66 -26.17 -5.08
N GLY K 67 -5.23 -26.14 -3.83
CA GLY K 67 -4.04 -26.87 -3.41
C GLY K 67 -2.82 -25.98 -3.46
N GLY K 68 -1.66 -26.62 -3.55
CA GLY K 68 -0.41 -25.88 -3.63
C GLY K 68 0.78 -26.73 -3.25
N GLU K 69 1.77 -26.13 -2.60
CA GLU K 69 3.04 -26.80 -2.32
C GLU K 69 2.86 -27.96 -1.34
N VAL K 70 3.52 -29.08 -1.64
CA VAL K 70 3.35 -30.32 -0.86
C VAL K 70 3.84 -30.12 0.58
N ASP K 71 5.07 -29.61 0.75
CA ASP K 71 5.60 -29.42 2.11
C ASP K 71 4.69 -28.52 2.94
N ALA K 72 4.19 -27.43 2.35
CA ALA K 72 3.25 -26.57 3.07
C ALA K 72 1.95 -27.29 3.39
N GLY K 73 1.41 -28.04 2.44
CA GLY K 73 0.17 -28.75 2.71
C GLY K 73 0.34 -29.79 3.80
N LEU K 74 1.50 -30.45 3.83
CA LEU K 74 1.74 -31.46 4.86
C LEU K 74 1.94 -30.84 6.24
N ALA K 75 2.46 -29.62 6.31
CA ALA K 75 2.55 -28.95 7.61
C ALA K 75 1.16 -28.73 8.22
N ILE K 76 0.18 -28.36 7.40
CA ILE K 76 -1.19 -28.26 7.88
C ILE K 76 -1.71 -29.64 8.26
N TYR K 77 -1.50 -30.63 7.39
CA TYR K 77 -1.94 -31.99 7.66
C TYR K 77 -1.40 -32.50 9.00
N ASP K 78 -0.09 -32.38 9.21
CA ASP K 78 0.54 -32.86 10.43
C ASP K 78 0.03 -32.10 11.66
N THR K 79 -0.17 -30.79 11.52
CA THR K 79 -0.63 -30.00 12.67
C THR K 79 -2.06 -30.40 13.06
N MET K 80 -2.90 -30.70 12.05
CA MET K 80 -4.25 -31.20 12.33
C MET K 80 -4.20 -32.49 13.12
N GLN K 81 -3.32 -33.43 12.72
CA GLN K 81 -3.20 -34.67 13.47
C GLN K 81 -2.61 -34.43 14.84
N PHE K 82 -1.73 -33.44 14.96
CA PHE K 82 -1.01 -33.22 16.21
C PHE K 82 -1.93 -32.69 17.30
N VAL K 83 -2.74 -31.67 16.99
CA VAL K 83 -3.51 -31.03 18.05
C VAL K 83 -4.55 -32.00 18.60
N ARG K 84 -4.82 -31.87 19.91
CA ARG K 84 -5.85 -32.69 20.51
C ARG K 84 -7.24 -32.26 20.06
N ALA K 85 -7.41 -30.98 19.76
CA ALA K 85 -8.73 -30.49 19.38
C ALA K 85 -9.17 -31.17 18.09
N PRO K 86 -10.39 -31.71 18.02
CA PRO K 86 -10.86 -32.31 16.76
C PRO K 86 -11.07 -31.24 15.70
N VAL K 87 -10.55 -31.49 14.51
CA VAL K 87 -10.63 -30.51 13.43
C VAL K 87 -11.64 -31.01 12.41
N SER K 88 -12.78 -30.33 12.35
CA SER K 88 -13.76 -30.61 11.32
C SER K 88 -13.41 -29.85 10.05
N THR K 89 -13.53 -30.53 8.91
CA THR K 89 -13.23 -29.92 7.63
C THR K 89 -14.50 -29.81 6.80
N ILE K 90 -14.65 -28.70 6.10
CA ILE K 90 -15.83 -28.45 5.26
C ILE K 90 -15.35 -27.82 3.97
N VAL K 91 -15.58 -28.48 2.85
CA VAL K 91 -15.25 -27.90 1.57
C VAL K 91 -16.48 -27.11 1.08
N ILE K 92 -16.26 -25.82 0.83
CA ILE K 92 -17.19 -24.94 0.15
C ILE K 92 -16.49 -24.52 -1.14
N GLY K 93 -17.14 -24.70 -2.27
CA GLY K 93 -16.37 -24.43 -3.48
C GLY K 93 -15.50 -25.57 -3.95
N MET K 94 -14.19 -25.55 -3.65
N MET K 94 -14.18 -25.55 -3.68
CA MET K 94 -13.26 -26.53 -4.22
CA MET K 94 -13.28 -26.55 -4.24
C MET K 94 -12.19 -26.91 -3.22
C MET K 94 -12.19 -26.92 -3.24
N ALA K 95 -11.80 -28.19 -3.24
CA ALA K 95 -10.67 -28.68 -2.47
C ALA K 95 -9.88 -29.58 -3.41
N ALA K 96 -8.79 -29.05 -3.98
CA ALA K 96 -8.03 -29.79 -4.98
C ALA K 96 -6.65 -30.11 -4.44
N SER K 97 -6.18 -31.30 -4.80
CA SER K 97 -4.82 -31.75 -4.54
C SER K 97 -4.48 -31.67 -3.06
N MET K 98 -3.46 -30.87 -2.65
CA MET K 98 -3.14 -30.82 -1.21
C MET K 98 -4.34 -30.37 -0.39
N ALA K 99 -5.22 -29.53 -0.94
CA ALA K 99 -6.40 -29.15 -0.17
C ALA K 99 -7.37 -30.31 -0.03
N ALA K 100 -7.39 -31.23 -1.01
CA ALA K 100 -8.22 -32.43 -0.87
C ALA K 100 -7.64 -33.37 0.17
N VAL K 101 -6.30 -33.43 0.24
CA VAL K 101 -5.66 -34.21 1.29
C VAL K 101 -6.05 -33.69 2.65
N ILE K 102 -6.00 -32.36 2.82
CA ILE K 102 -6.35 -31.76 4.11
C ILE K 102 -7.83 -32.02 4.45
N LEU K 103 -8.73 -31.86 3.47
CA LEU K 103 -10.14 -32.16 3.70
C LEU K 103 -10.34 -33.58 4.21
N ALA K 104 -9.75 -34.56 3.50
CA ALA K 104 -9.91 -35.96 3.86
C ALA K 104 -9.25 -36.27 5.20
N ALA K 105 -8.39 -35.39 5.69
CA ALA K 105 -7.68 -35.60 6.95
C ALA K 105 -8.46 -35.07 8.15
N GLY K 106 -9.62 -34.44 7.95
CA GLY K 106 -10.39 -33.97 9.07
C GLY K 106 -10.81 -35.10 10.00
N GLU K 107 -11.23 -34.72 11.20
CA GLU K 107 -11.70 -35.70 12.17
C GLU K 107 -12.77 -36.56 11.53
N LYS K 108 -12.58 -37.87 11.60
CA LYS K 108 -13.51 -38.77 10.93
C LYS K 108 -14.92 -38.66 11.50
N GLY K 109 -15.90 -38.59 10.61
CA GLY K 109 -17.25 -38.28 11.01
C GLY K 109 -17.59 -36.82 10.90
N ARG K 110 -16.58 -35.98 10.74
CA ARG K 110 -16.76 -34.53 10.71
C ARG K 110 -16.14 -33.93 9.47
N ARG K 111 -16.13 -34.67 8.37
CA ARG K 111 -15.64 -34.18 7.08
C ARG K 111 -16.85 -33.94 6.19
N TYR K 112 -17.04 -32.70 5.76
CA TYR K 112 -18.28 -32.29 5.12
C TYR K 112 -18.02 -31.59 3.79
N ALA K 113 -19.06 -31.61 2.95
CA ALA K 113 -19.09 -30.88 1.69
C ALA K 113 -20.47 -30.28 1.47
N LEU K 114 -20.49 -29.05 0.97
CA LEU K 114 -21.72 -28.48 0.45
C LEU K 114 -22.06 -29.18 -0.86
N PRO K 115 -23.32 -29.14 -1.27
CA PRO K 115 -23.77 -30.03 -2.36
C PRO K 115 -23.06 -29.84 -3.68
N HIS K 116 -22.68 -28.62 -4.05
CA HIS K 116 -22.03 -28.41 -5.33
C HIS K 116 -20.56 -28.18 -5.16
N ALA K 117 -20.02 -28.46 -3.97
CA ALA K 117 -18.59 -28.37 -3.76
C ALA K 117 -17.91 -29.45 -4.60
N LYS K 118 -16.65 -29.24 -4.92
CA LYS K 118 -15.92 -30.21 -5.69
C LYS K 118 -14.57 -30.56 -5.10
N VAL K 119 -14.20 -31.81 -5.30
CA VAL K 119 -12.92 -32.34 -4.87
C VAL K 119 -12.14 -32.84 -6.08
N MET K 120 -10.84 -32.64 -6.04
CA MET K 120 -10.00 -33.16 -7.11
C MET K 120 -8.68 -33.65 -6.52
N ILE K 121 -8.22 -34.81 -6.96
CA ILE K 121 -6.97 -35.37 -6.48
C ILE K 121 -6.10 -35.68 -7.69
N HIS K 122 -4.79 -35.54 -7.52
CA HIS K 122 -3.89 -35.79 -8.63
C HIS K 122 -2.46 -35.87 -8.08
N GLN K 123 -1.59 -36.47 -8.87
CA GLN K 123 -0.21 -36.62 -8.43
C GLN K 123 0.48 -35.26 -8.44
N PRO K 124 1.58 -35.12 -7.70
CA PRO K 124 2.24 -33.81 -7.62
C PRO K 124 2.89 -33.42 -8.91
N TRP K 125 3.16 -32.14 -9.01
N TRP K 125 3.17 -32.15 -9.02
CA TRP K 125 3.73 -31.49 -10.16
CA TRP K 125 3.86 -31.61 -10.15
C TRP K 125 4.93 -30.72 -9.70
C TRP K 125 4.95 -30.71 -9.70
N GLY K 126 5.92 -30.59 -10.55
CA GLY K 126 7.10 -29.90 -10.12
C GLY K 126 7.98 -29.47 -11.27
N GLY K 127 9.17 -29.04 -10.91
CA GLY K 127 10.17 -28.65 -11.88
C GLY K 127 11.52 -28.72 -11.21
N VAL K 128 12.55 -28.86 -12.03
CA VAL K 128 13.92 -28.81 -11.56
C VAL K 128 14.78 -28.41 -12.75
N ARG K 129 15.81 -27.61 -12.47
CA ARG K 129 16.93 -27.40 -13.37
C ARG K 129 18.23 -27.73 -12.66
N GLY K 130 19.24 -28.10 -13.41
CA GLY K 130 20.57 -28.32 -12.87
C GLY K 130 21.29 -29.41 -13.63
N THR K 131 22.42 -29.83 -13.06
CA THR K 131 23.16 -30.97 -13.59
C THR K 131 22.34 -32.25 -13.42
N ALA K 132 22.77 -33.29 -14.15
CA ALA K 132 22.12 -34.60 -14.02
C ALA K 132 22.10 -35.06 -12.56
N SER K 133 23.20 -34.85 -11.82
CA SER K 133 23.26 -35.22 -10.41
C SER K 133 22.19 -34.49 -9.60
N ASP K 134 22.04 -33.18 -9.82
CA ASP K 134 21.02 -32.44 -9.10
C ASP K 134 19.62 -32.84 -9.52
N ILE K 135 19.42 -33.11 -10.82
CA ILE K 135 18.10 -33.52 -11.28
C ILE K 135 17.73 -34.84 -10.65
N ALA K 136 18.68 -35.78 -10.57
CA ALA K 136 18.39 -37.09 -9.98
C ALA K 136 17.91 -36.95 -8.54
N ILE K 137 18.53 -36.06 -7.76
CA ILE K 137 18.12 -35.85 -6.37
C ILE K 137 16.70 -35.29 -6.31
N GLN K 138 16.39 -34.30 -7.15
N GLN K 138 16.38 -34.31 -7.16
CA GLN K 138 15.05 -33.71 -7.10
CA GLN K 138 15.05 -33.69 -7.10
C GLN K 138 13.98 -34.67 -7.58
C GLN K 138 13.97 -34.66 -7.60
N ALA K 139 14.28 -35.49 -8.60
CA ALA K 139 13.31 -36.48 -9.06
C ALA K 139 13.03 -37.51 -7.98
N GLN K 140 14.07 -37.87 -7.20
CA GLN K 140 13.95 -38.79 -6.07
C GLN K 140 12.95 -38.28 -5.06
N GLU K 141 13.06 -37.00 -4.76
CA GLU K 141 12.21 -36.35 -3.78
C GLU K 141 10.76 -36.25 -4.26
N ILE K 142 10.54 -35.86 -5.51
CA ILE K 142 9.13 -35.77 -5.95
C ILE K 142 8.49 -37.15 -6.00
N LEU K 143 9.26 -38.17 -6.36
CA LEU K 143 8.67 -39.50 -6.40
C LEU K 143 8.34 -40.01 -5.00
N LYS K 144 9.15 -39.66 -3.99
CA LYS K 144 8.80 -39.98 -2.61
C LYS K 144 7.54 -39.22 -2.18
N ALA K 145 7.42 -37.96 -2.60
CA ALA K 145 6.21 -37.21 -2.28
C ALA K 145 4.98 -37.84 -2.94
N LYS K 146 5.10 -38.26 -4.20
CA LYS K 146 3.96 -38.86 -4.89
C LYS K 146 3.46 -40.09 -4.15
N LYS K 147 4.39 -40.95 -3.72
CA LYS K 147 4.02 -42.17 -3.01
C LYS K 147 3.41 -41.85 -1.65
N LEU K 148 4.01 -40.89 -0.94
CA LEU K 148 3.52 -40.54 0.39
C LEU K 148 2.09 -40.04 0.34
N LEU K 149 1.79 -39.17 -0.63
CA LEU K 149 0.45 -38.59 -0.72
C LEU K 149 -0.58 -39.65 -1.08
N ASN K 150 -0.21 -40.60 -1.94
CA ASN K 150 -1.12 -41.70 -2.24
C ASN K 150 -1.37 -42.55 -1.01
N GLU K 151 -0.35 -42.75 -0.18
CA GLU K 151 -0.51 -43.52 1.05
C GLU K 151 -1.38 -42.78 2.04
N ILE K 152 -1.20 -41.46 2.15
CA ILE K 152 -2.03 -40.68 3.06
C ILE K 152 -3.49 -40.69 2.62
N LEU K 153 -3.72 -40.58 1.31
CA LEU K 153 -5.10 -40.63 0.81
C LEU K 153 -5.72 -42.01 1.02
N ALA K 154 -4.94 -43.07 0.77
CA ALA K 154 -5.47 -44.42 1.01
C ALA K 154 -5.85 -44.60 2.47
N LYS K 155 -5.03 -44.13 3.36
CA LYS K 155 -5.27 -44.23 4.74
C LYS K 155 -6.55 -43.58 5.19
N HIS K 156 -6.80 -42.38 4.74
CA HIS K 156 -7.97 -41.63 5.19
C HIS K 156 -9.23 -41.97 4.42
N THR K 157 -9.14 -42.60 3.25
CA THR K 157 -10.35 -43.00 2.53
C THR K 157 -10.71 -44.47 2.73
N GLY K 158 -9.74 -45.30 3.10
CA GLY K 158 -9.93 -46.74 3.12
C GLY K 158 -9.81 -47.39 1.75
N GLN K 159 -9.47 -46.63 0.70
CA GLN K 159 -9.32 -47.21 -0.63
C GLN K 159 -7.99 -47.96 -0.75
N PRO K 160 -7.94 -49.02 -1.58
CA PRO K 160 -6.65 -49.68 -1.82
C PRO K 160 -5.67 -48.68 -2.44
N LEU K 161 -4.39 -48.83 -2.08
CA LEU K 161 -3.37 -47.89 -2.57
C LEU K 161 -3.35 -47.86 -4.09
N GLU K 162 -3.45 -49.04 -4.73
CA GLU K 162 -3.39 -49.10 -6.19
C GLU K 162 -4.55 -48.38 -6.84
N LYS K 163 -5.72 -48.38 -6.21
CA LYS K 163 -6.83 -47.59 -6.77
C LYS K 163 -6.51 -46.10 -6.70
N VAL K 164 -6.03 -45.63 -5.55
CA VAL K 164 -5.66 -44.22 -5.43
C VAL K 164 -4.60 -43.83 -6.47
N GLU K 165 -3.59 -44.70 -6.70
CA GLU K 165 -2.50 -44.41 -7.63
C GLU K 165 -2.99 -44.33 -9.08
N LYS K 166 -3.91 -45.21 -9.38
CA LYS K 166 -4.53 -45.20 -10.65
C LYS K 166 -5.41 -43.96 -10.84
N ASP K 167 -6.16 -43.57 -9.82
CA ASP K 167 -7.12 -42.49 -9.96
C ASP K 167 -6.37 -41.16 -10.03
N THR K 168 -5.27 -41.01 -9.30
CA THR K 168 -4.55 -39.75 -9.26
C THR K 168 -3.49 -39.62 -10.34
N ASP K 169 -3.40 -40.59 -11.27
CA ASP K 169 -2.42 -40.47 -12.33
C ASP K 169 -2.67 -39.19 -13.15
N ARG K 170 -3.93 -38.85 -13.38
CA ARG K 170 -4.30 -37.56 -13.97
C ARG K 170 -5.32 -36.89 -13.07
N ASP K 171 -5.73 -35.67 -13.43
CA ASP K 171 -6.72 -34.94 -12.64
C ASP K 171 -8.00 -35.77 -12.49
N TYR K 172 -8.40 -35.99 -11.26
CA TYR K 172 -9.53 -36.88 -10.92
C TYR K 172 -10.56 -36.09 -10.12
N TYR K 173 -11.64 -35.64 -10.81
CA TYR K 173 -12.66 -34.77 -10.22
C TYR K 173 -13.80 -35.59 -9.61
N LEU K 174 -14.26 -35.15 -8.43
CA LEU K 174 -15.39 -35.79 -7.75
C LEU K 174 -16.41 -34.73 -7.38
N SER K 175 -17.68 -35.01 -7.64
CA SER K 175 -18.74 -34.26 -7.01
C SER K 175 -18.77 -34.55 -5.51
N ALA K 176 -19.57 -33.77 -4.77
CA ALA K 176 -19.67 -33.99 -3.34
C ALA K 176 -20.13 -35.42 -3.03
N GLN K 177 -21.15 -35.90 -3.75
CA GLN K 177 -21.64 -37.26 -3.53
C GLN K 177 -20.59 -38.30 -3.89
N GLU K 178 -19.84 -38.07 -4.96
CA GLU K 178 -18.77 -39.00 -5.33
C GLU K 178 -17.66 -38.98 -4.30
N ALA K 179 -17.37 -37.80 -3.73
CA ALA K 179 -16.35 -37.73 -2.70
C ALA K 179 -16.77 -38.50 -1.46
N LEU K 180 -18.07 -38.49 -1.15
CA LEU K 180 -18.61 -39.29 -0.07
C LEU K 180 -18.41 -40.77 -0.34
N GLU K 181 -18.78 -41.21 -1.55
CA GLU K 181 -18.64 -42.62 -1.92
C GLU K 181 -17.18 -43.03 -1.96
N TYR K 182 -16.28 -42.10 -2.31
CA TYR K 182 -14.84 -42.37 -2.34
C TYR K 182 -14.26 -42.55 -0.93
N GLY K 183 -14.89 -41.98 0.08
CA GLY K 183 -14.34 -41.98 1.42
C GLY K 183 -13.57 -40.73 1.79
N LEU K 184 -13.62 -39.68 0.98
CA LEU K 184 -12.90 -38.44 1.26
C LEU K 184 -13.64 -37.56 2.26
N ILE K 185 -14.96 -37.69 2.37
CA ILE K 185 -15.77 -36.96 3.34
C ILE K 185 -16.77 -37.95 3.92
N ASP K 186 -17.44 -37.50 4.99
CA ASP K 186 -18.44 -38.30 5.69
C ASP K 186 -19.87 -37.88 5.41
N GLN K 187 -20.11 -36.65 4.96
CA GLN K 187 -21.49 -36.23 4.80
C GLN K 187 -21.57 -35.04 3.85
N VAL K 188 -22.56 -35.07 2.96
CA VAL K 188 -22.92 -33.90 2.14
C VAL K 188 -24.01 -33.14 2.88
N VAL K 189 -23.76 -31.88 3.18
CA VAL K 189 -24.72 -31.08 3.94
C VAL K 189 -25.38 -30.06 3.02
N THR K 190 -26.70 -30.07 3.02
CA THR K 190 -27.46 -29.12 2.22
C THR K 190 -28.06 -28.02 3.07
N ARG K 191 -28.63 -28.36 4.22
CA ARG K 191 -29.29 -27.38 5.06
C ARG K 191 -28.75 -27.40 6.47
N GLU K 192 -28.82 -26.23 7.10
CA GLU K 192 -28.29 -26.04 8.45
C GLU K 192 -29.31 -26.62 9.42
N GLU K 193 -28.93 -27.67 10.14
CA GLU K 193 -29.75 -28.28 11.19
C GLU K 193 -31.24 -28.45 10.81
N UNK L 1 6.80 -31.56 -5.11
CA UNK L 1 7.02 -30.13 -4.90
C UNK L 1 5.69 -29.38 -4.76
N UNK L 2 4.89 -29.37 -5.83
CA UNK L 2 3.58 -28.73 -5.83
C UNK L 2 2.50 -29.79 -6.02
N UNK L 3 1.42 -29.65 -5.28
CA UNK L 3 0.27 -30.48 -5.53
C UNK L 3 -0.98 -29.59 -5.55
N VAL M 2 -4.25 -11.90 4.16
CA VAL M 2 -5.09 -11.82 5.34
C VAL M 2 -4.46 -12.57 6.53
N ILE M 3 -4.05 -11.80 7.54
CA ILE M 3 -3.53 -12.35 8.78
C ILE M 3 -4.50 -11.94 9.89
N PRO M 4 -5.13 -12.89 10.57
CA PRO M 4 -6.20 -12.55 11.51
C PRO M 4 -5.67 -11.96 12.82
N TYR M 5 -6.59 -11.47 13.62
CA TYR M 5 -6.29 -10.71 14.83
C TYR M 5 -6.93 -11.36 16.06
N VAL M 6 -6.37 -11.00 17.22
CA VAL M 6 -6.89 -11.43 18.51
C VAL M 6 -6.93 -10.21 19.44
N ILE M 7 -7.96 -10.15 20.29
CA ILE M 7 -8.11 -9.09 21.27
C ILE M 7 -8.08 -9.71 22.67
N GLU M 8 -7.25 -9.15 23.55
CA GLU M 8 -7.16 -9.65 24.91
C GLU M 8 -7.87 -8.72 25.90
N TYR M 17 -3.58 -7.81 18.91
CA TYR M 17 -2.55 -8.69 18.39
C TYR M 17 -2.94 -9.27 17.02
N ASP M 18 -2.03 -9.28 16.05
CA ASP M 18 -2.16 -10.25 14.98
C ASP M 18 -1.76 -11.62 15.52
N ILE M 19 -2.05 -12.68 14.75
CA ILE M 19 -1.92 -14.03 15.30
C ILE M 19 -0.47 -14.33 15.70
N TYR M 20 0.50 -13.79 14.96
CA TYR M 20 1.91 -14.02 15.29
C TYR M 20 2.31 -13.23 16.52
N SER M 21 1.85 -11.98 16.65
CA SER M 21 2.10 -11.20 17.86
C SER M 21 1.46 -11.87 19.06
N ARG M 22 0.27 -12.44 18.86
CA ARG M 22 -0.38 -13.16 19.96
C ARG M 22 0.45 -14.36 20.40
N LEU M 23 1.01 -15.10 19.46
CA LEU M 23 1.83 -16.25 19.83
C LEU M 23 3.15 -15.81 20.45
N LEU M 24 3.67 -14.64 20.06
CA LEU M 24 4.86 -14.11 20.70
C LEU M 24 4.65 -13.88 22.20
N LYS M 25 3.45 -13.42 22.60
CA LYS M 25 3.07 -13.38 24.01
C LYS M 25 3.20 -14.74 24.70
N ASP M 26 3.05 -15.86 23.99
CA ASP M 26 3.27 -17.16 24.58
C ASP M 26 4.69 -17.69 24.33
N ARG M 27 5.62 -16.79 23.98
CA ARG M 27 7.05 -17.11 23.79
C ARG M 27 7.27 -18.02 22.58
N ILE M 28 6.48 -17.80 21.54
CA ILE M 28 6.60 -18.54 20.28
C ILE M 28 7.02 -17.57 19.18
N ILE M 29 8.05 -17.95 18.42
CA ILE M 29 8.53 -17.21 17.27
C ILE M 29 8.42 -18.09 16.03
N PHE M 30 8.06 -17.51 14.90
CA PHE M 30 8.01 -18.21 13.62
C PHE M 30 9.19 -17.79 12.74
N LEU M 31 9.92 -18.77 12.21
CA LEU M 31 10.89 -18.57 11.12
C LEU M 31 10.30 -19.29 9.91
N GLY M 32 9.48 -18.57 9.13
CA GLY M 32 8.64 -19.22 8.12
C GLY M 32 8.80 -18.69 6.70
N THR M 33 9.91 -18.03 6.44
N THR M 33 9.90 -18.01 6.44
CA THR M 33 10.20 -17.39 5.16
CA THR M 33 10.19 -17.37 5.16
C THR M 33 11.63 -17.67 4.79
C THR M 33 11.62 -17.63 4.80
N PRO M 34 12.02 -17.45 3.52
CA PRO M 34 13.45 -17.43 3.18
C PRO M 34 14.17 -16.39 4.03
N ILE M 35 15.43 -16.66 4.31
CA ILE M 35 16.16 -15.87 5.30
C ILE M 35 16.98 -14.82 4.59
N ASP M 36 16.67 -13.55 4.83
CA ASP M 36 17.62 -12.50 4.48
C ASP M 36 17.90 -11.65 5.72
N ALA M 37 18.63 -10.54 5.56
CA ALA M 37 19.00 -9.73 6.72
C ALA M 37 17.78 -9.26 7.50
N GLN M 38 16.71 -8.84 6.81
CA GLN M 38 15.57 -8.30 7.56
C GLN M 38 14.85 -9.40 8.34
N VAL M 39 14.81 -10.62 7.80
CA VAL M 39 14.22 -11.73 8.54
C VAL M 39 15.08 -12.06 9.75
N ALA M 40 16.41 -12.11 9.56
CA ALA M 40 17.29 -12.39 10.69
C ALA M 40 17.15 -11.32 11.76
N ASN M 41 17.09 -10.05 11.36
CA ASN M 41 16.99 -8.98 12.34
C ASN M 41 15.72 -9.11 13.18
N VAL M 42 14.59 -9.44 12.54
CA VAL M 42 13.34 -9.47 13.29
C VAL M 42 13.27 -10.70 14.20
N VAL M 43 13.89 -11.81 13.80
CA VAL M 43 13.94 -12.99 14.66
C VAL M 43 14.89 -12.74 15.82
N VAL M 44 16.03 -12.11 15.55
CA VAL M 44 16.96 -11.73 16.60
C VAL M 44 16.27 -10.80 17.59
N ALA M 45 15.52 -9.83 17.08
CA ALA M 45 14.82 -8.91 17.96
C ALA M 45 13.85 -9.65 18.88
N GLN M 46 13.14 -10.64 18.33
CA GLN M 46 12.18 -11.39 19.14
C GLN M 46 12.89 -12.25 20.19
N LEU M 47 14.01 -12.86 19.81
CA LEU M 47 14.77 -13.66 20.76
C LEU M 47 15.28 -12.80 21.93
N LEU M 48 15.84 -11.62 21.61
CA LEU M 48 16.36 -10.74 22.65
C LEU M 48 15.24 -10.23 23.54
N PHE M 49 14.09 -9.89 22.94
CA PHE M 49 12.96 -9.43 23.72
C PHE M 49 12.49 -10.49 24.70
N LEU M 50 12.27 -11.71 24.20
CA LEU M 50 11.77 -12.78 25.08
C LEU M 50 12.77 -13.11 26.17
N ASP M 51 14.06 -13.11 25.84
CA ASP M 51 15.09 -13.40 26.84
C ASP M 51 15.18 -12.31 27.91
N ALA M 52 14.95 -11.04 27.53
CA ALA M 52 14.93 -9.98 28.53
C ALA M 52 13.68 -10.04 29.40
N GLN M 53 12.56 -10.47 28.83
CA GLN M 53 11.36 -10.68 29.64
C GLN M 53 11.60 -11.75 30.70
N ASN M 54 12.15 -12.87 30.28
CA ASN M 54 12.45 -13.94 31.21
C ASN M 54 13.55 -14.82 30.66
N PRO M 55 14.75 -14.75 31.24
CA PRO M 55 15.88 -15.54 30.72
C PRO M 55 15.84 -17.00 31.11
N ASN M 56 14.86 -17.44 31.91
CA ASN M 56 14.82 -18.82 32.35
C ASN M 56 13.73 -19.66 31.70
N GLN M 57 12.77 -19.06 30.99
CA GLN M 57 11.69 -19.82 30.37
C GLN M 57 11.94 -20.11 28.91
N GLU M 58 11.51 -21.29 28.49
CA GLU M 58 11.71 -21.76 27.13
C GLU M 58 11.15 -20.79 26.11
N ILE M 59 11.83 -20.70 24.98
CA ILE M 59 11.33 -20.05 23.77
C ILE M 59 11.15 -21.14 22.74
N LYS M 60 10.06 -21.11 21.98
CA LYS M 60 9.82 -22.10 20.93
C LYS M 60 9.92 -21.43 19.57
N LEU M 61 10.79 -21.96 18.72
CA LEU M 61 11.02 -21.45 17.37
C LEU M 61 10.47 -22.44 16.35
N TYR M 62 9.34 -22.10 15.72
CA TYR M 62 8.77 -22.93 14.66
C TYR M 62 9.40 -22.59 13.33
N ILE M 63 9.79 -23.62 12.57
CA ILE M 63 10.60 -23.43 11.39
C ILE M 63 9.90 -24.03 10.18
N ASN M 64 9.75 -23.22 9.13
CA ASN M 64 9.26 -23.66 7.85
C ASN M 64 9.87 -22.72 6.82
N SER M 65 11.10 -23.03 6.42
CA SER M 65 11.94 -22.11 5.66
C SER M 65 12.85 -22.88 4.71
N PRO M 66 13.08 -22.38 3.49
CA PRO M 66 14.06 -22.99 2.60
C PRO M 66 15.50 -22.54 2.84
N GLY M 67 15.75 -21.77 3.90
CA GLY M 67 17.08 -21.25 4.15
C GLY M 67 17.24 -19.88 3.54
N GLY M 68 18.50 -19.50 3.35
CA GLY M 68 18.77 -18.20 2.76
C GLY M 68 20.20 -17.78 3.00
N GLU M 69 20.41 -16.48 3.23
CA GLU M 69 21.75 -15.93 3.32
C GLU M 69 22.50 -16.47 4.54
N VAL M 70 23.79 -16.77 4.34
CA VAL M 70 24.59 -17.36 5.40
C VAL M 70 24.74 -16.41 6.57
N ASP M 71 25.18 -15.17 6.29
CA ASP M 71 25.38 -14.19 7.37
C ASP M 71 24.09 -13.99 8.15
N ALA M 72 22.96 -13.89 7.44
CA ALA M 72 21.68 -13.74 8.13
C ALA M 72 21.35 -14.97 8.97
N GLY M 73 21.58 -16.16 8.42
CA GLY M 73 21.29 -17.35 9.20
C GLY M 73 22.17 -17.47 10.43
N LEU M 74 23.44 -17.09 10.29
CA LEU M 74 24.36 -17.17 11.42
C LEU M 74 24.01 -16.16 12.50
N ALA M 75 23.40 -15.02 12.13
CA ALA M 75 22.96 -14.08 13.15
C ALA M 75 21.92 -14.70 14.05
N ILE M 76 20.97 -15.45 13.46
CA ILE M 76 19.97 -16.17 14.25
C ILE M 76 20.65 -17.24 15.09
N TYR M 77 21.50 -18.05 14.46
CA TYR M 77 22.23 -19.09 15.18
C TYR M 77 23.00 -18.51 16.36
N ASP M 78 23.79 -17.46 16.13
CA ASP M 78 24.59 -16.89 17.22
C ASP M 78 23.72 -16.34 18.33
N THR M 79 22.59 -15.71 17.99
CA THR M 79 21.73 -15.15 19.03
C THR M 79 21.08 -16.26 19.87
N MET M 80 20.71 -17.37 19.22
CA MET M 80 20.21 -18.53 19.97
C MET M 80 21.23 -19.02 20.99
N GLN M 81 22.50 -19.12 20.58
CA GLN M 81 23.52 -19.53 21.53
C GLN M 81 23.76 -18.47 22.60
N PHE M 82 23.59 -17.20 22.26
CA PHE M 82 23.91 -16.12 23.19
C PHE M 82 22.89 -16.02 24.33
N VAL M 83 21.58 -16.03 24.01
CA VAL M 83 20.57 -15.77 25.04
C VAL M 83 20.58 -16.88 26.08
N ARG M 84 20.30 -16.50 27.33
CA ARG M 84 20.22 -17.48 28.40
C ARG M 84 18.98 -18.37 28.24
N ALA M 85 17.91 -17.82 27.68
CA ALA M 85 16.68 -18.60 27.55
C ALA M 85 16.92 -19.80 26.63
N PRO M 86 16.50 -21.00 27.01
CA PRO M 86 16.64 -22.15 26.10
C PRO M 86 15.67 -22.00 24.93
N VAL M 87 16.17 -22.23 23.72
CA VAL M 87 15.39 -22.09 22.50
C VAL M 87 15.09 -23.47 21.96
N SER M 88 13.83 -23.87 22.05
CA SER M 88 13.39 -25.13 21.46
C SER M 88 13.06 -24.88 19.99
N THR M 89 13.45 -25.82 19.11
CA THR M 89 13.19 -25.70 17.68
C THR M 89 12.26 -26.79 17.21
N ILE M 90 11.34 -26.44 16.31
CA ILE M 90 10.34 -27.39 15.77
C ILE M 90 10.19 -27.13 14.29
N VAL M 91 10.53 -28.10 13.45
CA VAL M 91 10.31 -27.95 12.02
C VAL M 91 8.92 -28.49 11.69
N ILE M 92 8.11 -27.62 11.11
CA ILE M 92 6.85 -27.95 10.47
C ILE M 92 7.08 -27.65 8.99
N GLY M 93 6.75 -28.60 8.13
CA GLY M 93 7.08 -28.36 6.73
C GLY M 93 8.52 -28.68 6.39
N MET M 94 9.32 -27.65 6.06
N MET M 94 9.32 -27.65 6.11
CA MET M 94 10.69 -27.86 5.60
CA MET M 94 10.66 -27.84 5.60
C MET M 94 11.65 -27.03 6.41
C MET M 94 11.66 -27.00 6.37
N ALA M 95 12.87 -27.54 6.58
CA ALA M 95 13.98 -26.79 7.17
C ALA M 95 15.21 -27.12 6.33
N ALA M 96 15.55 -26.23 5.40
CA ALA M 96 16.62 -26.48 4.45
C ALA M 96 17.75 -25.50 4.67
N SER M 97 18.98 -26.01 4.48
CA SER M 97 20.19 -25.19 4.43
C SER M 97 20.33 -24.37 5.71
N MET M 98 20.38 -23.03 5.65
CA MET M 98 20.59 -22.28 6.90
C MET M 98 19.49 -22.57 7.92
N ALA M 99 18.26 -22.83 7.46
CA ALA M 99 17.20 -23.16 8.41
C ALA M 99 17.40 -24.53 9.05
N ALA M 100 18.04 -25.46 8.34
CA ALA M 100 18.35 -26.74 8.97
C ALA M 100 19.45 -26.58 10.02
N VAL M 101 20.41 -25.70 9.76
CA VAL M 101 21.43 -25.37 10.77
C VAL M 101 20.75 -24.81 12.01
N ILE M 102 19.82 -23.89 11.83
CA ILE M 102 19.13 -23.27 12.97
C ILE M 102 18.32 -24.32 13.73
N LEU M 103 17.62 -25.20 13.00
CA LEU M 103 16.90 -26.30 13.65
C LEU M 103 17.84 -27.14 14.51
N ALA M 104 18.95 -27.58 13.93
CA ALA M 104 19.86 -28.44 14.67
C ALA M 104 20.49 -27.73 15.86
N ALA M 105 20.45 -26.40 15.89
CA ALA M 105 21.08 -25.60 16.94
C ALA M 105 20.16 -25.38 18.13
N GLY M 106 18.93 -25.88 18.08
CA GLY M 106 18.05 -25.76 19.23
C GLY M 106 18.61 -26.46 20.45
N GLU M 107 18.02 -26.13 21.60
CA GLU M 107 18.43 -26.73 22.86
C GLU M 107 18.38 -28.25 22.75
N LYS M 108 19.51 -28.89 23.07
CA LYS M 108 19.60 -30.34 22.92
C LYS M 108 18.55 -31.04 23.76
N GLY M 109 17.82 -31.96 23.15
CA GLY M 109 16.67 -32.57 23.79
C GLY M 109 15.35 -31.90 23.48
N ARG M 110 15.38 -30.70 22.90
CA ARG M 110 14.17 -29.94 22.61
C ARG M 110 14.12 -29.56 21.13
N ARG M 111 14.68 -30.39 20.26
CA ARG M 111 14.62 -30.20 18.82
C ARG M 111 13.62 -31.22 18.27
N TYR M 112 12.56 -30.73 17.62
CA TYR M 112 11.42 -31.56 17.25
C TYR M 112 11.10 -31.42 15.76
N ALA M 113 10.40 -32.44 15.25
CA ALA M 113 9.88 -32.44 13.88
C ALA M 113 8.51 -33.06 13.88
N LEU M 114 7.61 -32.51 13.06
CA LEU M 114 6.37 -33.17 12.75
C LEU M 114 6.66 -34.33 11.80
N PRO M 115 5.76 -35.33 11.74
CA PRO M 115 6.12 -36.60 11.07
C PRO M 115 6.47 -36.47 9.61
N HIS M 116 5.81 -35.59 8.85
CA HIS M 116 6.14 -35.48 7.44
C HIS M 116 6.97 -34.23 7.12
N ALA M 117 7.47 -33.54 8.14
CA ALA M 117 8.33 -32.38 7.93
C ALA M 117 9.67 -32.82 7.32
N LYS M 118 10.35 -31.93 6.61
CA LYS M 118 11.62 -32.45 6.17
C LYS M 118 12.77 -31.47 6.37
N VAL M 119 13.96 -32.05 6.41
CA VAL M 119 15.23 -31.34 6.57
C VAL M 119 16.13 -31.59 5.37
N MET M 120 16.87 -30.56 4.96
CA MET M 120 17.79 -30.69 3.86
C MET M 120 19.03 -29.89 4.19
N ILE M 121 20.21 -30.48 3.96
CA ILE M 121 21.45 -29.75 4.22
C ILE M 121 22.27 -29.74 2.94
N HIS M 122 23.05 -28.67 2.74
CA HIS M 122 23.85 -28.55 1.53
C HIS M 122 24.86 -27.42 1.69
N GLN M 123 25.91 -27.47 0.87
CA GLN M 123 26.94 -26.44 0.94
C GLN M 123 26.37 -25.10 0.45
N PRO M 124 27.00 -23.99 0.80
CA PRO M 124 26.44 -22.69 0.42
C PRO M 124 26.54 -22.45 -1.07
N TRP M 125 25.76 -21.48 -1.50
CA TRP M 125 25.60 -21.07 -2.85
C TRP M 125 25.91 -19.59 -2.96
N GLY M 126 26.47 -19.13 -4.05
CA GLY M 126 26.82 -17.74 -4.08
C GLY M 126 27.04 -17.26 -5.48
N GLY M 127 27.63 -16.09 -5.57
CA GLY M 127 27.99 -15.53 -6.85
C GLY M 127 29.12 -14.56 -6.60
N VAL M 128 29.86 -14.27 -7.66
CA VAL M 128 30.89 -13.26 -7.59
C VAL M 128 31.02 -12.66 -8.98
N ARG M 129 31.17 -11.33 -9.01
CA ARG M 129 31.57 -10.62 -10.22
C ARG M 129 32.75 -9.72 -9.89
N GLY M 130 33.58 -9.49 -10.89
CA GLY M 130 34.65 -8.50 -10.75
C GLY M 130 35.92 -8.98 -11.42
N THR M 131 37.01 -8.27 -11.15
CA THR M 131 38.32 -8.67 -11.61
C THR M 131 38.76 -9.96 -10.92
N ALA M 132 39.83 -10.57 -11.46
CA ALA M 132 40.35 -11.79 -10.85
C ALA M 132 40.70 -11.59 -9.38
N SER M 133 41.30 -10.45 -9.03
CA SER M 133 41.63 -10.15 -7.63
C SER M 133 40.39 -10.16 -6.75
N ASP M 134 39.31 -9.51 -7.22
CA ASP M 134 38.09 -9.46 -6.41
C ASP M 134 37.43 -10.83 -6.32
N ILE M 135 37.48 -11.61 -7.40
CA ILE M 135 36.89 -12.95 -7.39
C ILE M 135 37.61 -13.86 -6.41
N ALA M 136 38.95 -13.79 -6.40
CA ALA M 136 39.72 -14.59 -5.46
C ALA M 136 39.32 -14.30 -4.01
N ILE M 137 39.08 -13.02 -3.68
CA ILE M 137 38.67 -12.66 -2.32
C ILE M 137 37.30 -13.25 -1.99
N GLN M 138 36.34 -13.11 -2.91
N GLN M 138 36.35 -13.13 -2.92
CA GLN M 138 35.00 -13.62 -2.65
CA GLN M 138 35.00 -13.60 -2.65
C GLN M 138 34.98 -15.14 -2.58
C GLN M 138 34.92 -15.13 -2.64
N ALA M 139 35.73 -15.81 -3.45
CA ALA M 139 35.82 -17.27 -3.41
C ALA M 139 36.34 -17.78 -2.08
N GLN M 140 37.31 -17.10 -1.51
CA GLN M 140 37.79 -17.52 -0.21
C GLN M 140 36.84 -17.22 0.92
N GLU M 141 36.03 -16.17 0.84
CA GLU M 141 35.01 -16.02 1.87
C GLU M 141 33.97 -17.15 1.81
N ILE M 142 33.51 -17.52 0.61
CA ILE M 142 32.52 -18.60 0.54
C ILE M 142 33.13 -19.92 0.96
N LEU M 143 34.41 -20.17 0.66
CA LEU M 143 35.04 -21.42 1.07
C LEU M 143 35.21 -21.47 2.58
N LYS M 144 35.49 -20.32 3.22
CA LYS M 144 35.49 -20.27 4.68
C LYS M 144 34.10 -20.51 5.25
N ALA M 145 33.07 -19.94 4.61
CA ALA M 145 31.69 -20.16 5.05
C ALA M 145 31.31 -21.65 4.94
N LYS M 146 31.70 -22.30 3.84
CA LYS M 146 31.38 -23.71 3.67
C LYS M 146 31.97 -24.54 4.80
N LYS M 147 33.23 -24.30 5.13
CA LYS M 147 33.88 -25.06 6.20
C LYS M 147 33.20 -24.81 7.54
N LEU M 148 32.85 -23.55 7.82
CA LEU M 148 32.29 -23.23 9.12
C LEU M 148 30.92 -23.89 9.30
N LEU M 149 30.09 -23.88 8.25
CA LEU M 149 28.76 -24.48 8.36
C LEU M 149 28.87 -25.99 8.55
N ASN M 150 29.83 -26.63 7.89
CA ASN M 150 30.06 -28.06 8.13
C ASN M 150 30.50 -28.31 9.56
N GLU M 151 31.32 -27.42 10.11
CA GLU M 151 31.77 -27.59 11.49
C GLU M 151 30.60 -27.41 12.46
N ILE M 152 29.75 -26.42 12.21
CA ILE M 152 28.61 -26.19 13.10
C ILE M 152 27.65 -27.38 13.06
N LEU M 153 27.39 -27.91 11.87
CA LEU M 153 26.52 -29.07 11.74
C LEU M 153 27.11 -30.30 12.43
N ALA M 154 28.42 -30.53 12.26
CA ALA M 154 29.09 -31.64 12.94
C ALA M 154 28.98 -31.49 14.45
N LYS M 155 29.13 -30.32 14.95
CA LYS M 155 29.03 -30.08 16.36
C LYS M 155 27.66 -30.40 16.92
N HIS M 156 26.62 -29.94 16.27
CA HIS M 156 25.29 -30.10 16.82
C HIS M 156 24.66 -31.44 16.48
N THR M 157 25.14 -32.16 15.48
CA THR M 157 24.61 -33.49 15.22
C THR M 157 25.42 -34.58 15.87
N GLY M 158 26.68 -34.31 16.20
CA GLY M 158 27.57 -35.36 16.65
C GLY M 158 28.17 -36.19 15.54
N GLN M 159 27.91 -35.86 14.26
CA GLN M 159 28.50 -36.57 13.15
C GLN M 159 29.96 -36.16 12.95
N PRO M 160 30.82 -37.07 12.46
CA PRO M 160 32.20 -36.66 12.13
C PRO M 160 32.19 -35.60 11.04
N LEU M 161 33.12 -34.65 11.17
CA LEU M 161 33.17 -33.54 10.22
C LEU M 161 33.33 -34.06 8.79
N GLU M 162 34.14 -35.11 8.59
CA GLU M 162 34.36 -35.62 7.24
C GLU M 162 33.07 -36.16 6.63
N LYS M 163 32.21 -36.77 7.46
CA LYS M 163 30.94 -37.24 6.95
C LYS M 163 30.03 -36.08 6.54
N VAL M 164 29.90 -35.06 7.40
CA VAL M 164 29.07 -33.90 7.08
C VAL M 164 29.53 -33.24 5.78
N GLU M 165 30.86 -33.11 5.60
CA GLU M 165 31.39 -32.48 4.40
C GLU M 165 31.03 -33.27 3.15
N LYS M 166 31.05 -34.60 3.24
CA LYS M 166 30.64 -35.43 2.11
C LYS M 166 29.14 -35.34 1.87
N ASP M 167 28.33 -35.37 2.93
CA ASP M 167 26.89 -35.42 2.74
C ASP M 167 26.32 -34.13 2.16
N THR M 168 26.92 -32.98 2.50
CA THR M 168 26.41 -31.68 2.04
C THR M 168 27.00 -31.25 0.70
N ASP M 169 27.78 -32.11 0.04
CA ASP M 169 28.32 -31.73 -1.26
C ASP M 169 27.20 -31.40 -2.25
N ARG M 170 26.10 -32.15 -2.19
CA ARG M 170 24.89 -31.83 -2.94
C ARG M 170 23.69 -31.84 -2.00
N ASP M 171 22.51 -31.49 -2.53
CA ASP M 171 21.31 -31.43 -1.70
C ASP M 171 21.06 -32.76 -1.04
N TYR M 172 20.97 -32.74 0.29
CA TYR M 172 20.91 -33.95 1.11
C TYR M 172 19.62 -33.89 1.92
N TYR M 173 18.58 -34.57 1.44
CA TYR M 173 17.25 -34.54 2.04
C TYR M 173 17.07 -35.63 3.08
N LEU M 174 16.46 -35.28 4.20
CA LEU M 174 16.18 -36.22 5.27
C LEU M 174 14.69 -36.15 5.64
N SER M 175 14.07 -37.32 5.78
CA SER M 175 12.76 -37.40 6.44
C SER M 175 12.92 -37.05 7.92
N ALA M 176 11.80 -36.88 8.62
CA ALA M 176 11.88 -36.59 10.06
C ALA M 176 12.62 -37.69 10.81
N GLN M 177 12.28 -38.95 10.53
CA GLN M 177 12.94 -40.07 11.20
C GLN M 177 14.42 -40.14 10.84
N GLU M 178 14.76 -39.87 9.58
CA GLU M 178 16.16 -39.86 9.17
C GLU M 178 16.92 -38.69 9.79
N ALA M 179 16.26 -37.54 9.97
CA ALA M 179 16.92 -36.42 10.64
C ALA M 179 17.19 -36.73 12.10
N LEU M 180 16.28 -37.49 12.73
CA LEU M 180 16.49 -37.96 14.08
C LEU M 180 17.72 -38.85 14.16
N GLU M 181 17.83 -39.81 13.23
CA GLU M 181 18.98 -40.70 13.22
C GLU M 181 20.27 -39.94 12.93
N TYR M 182 20.19 -38.89 12.09
CA TYR M 182 21.37 -38.10 11.75
C TYR M 182 21.88 -37.30 12.95
N GLY M 183 21.00 -36.98 13.90
CA GLY M 183 21.30 -36.13 15.02
C GLY M 183 20.88 -34.68 14.87
N LEU M 184 20.11 -34.33 13.85
CA LEU M 184 19.66 -32.96 13.64
C LEU M 184 18.48 -32.57 14.52
N ILE M 185 17.71 -33.55 15.01
CA ILE M 185 16.62 -33.32 15.94
C ILE M 185 16.68 -34.40 17.02
N ASP M 186 15.87 -34.22 18.06
CA ASP M 186 15.82 -35.15 19.16
C ASP M 186 14.56 -36.01 19.19
N GLN M 187 13.48 -35.58 18.53
CA GLN M 187 12.24 -36.32 18.64
C GLN M 187 11.30 -35.97 17.50
N VAL M 188 10.67 -36.99 16.93
CA VAL M 188 9.58 -36.80 16.00
C VAL M 188 8.29 -36.87 16.81
N VAL M 189 7.48 -35.81 16.76
CA VAL M 189 6.25 -35.77 17.54
C VAL M 189 5.09 -35.93 16.58
N THR M 190 4.26 -36.91 16.85
CA THR M 190 3.09 -37.13 16.01
C THR M 190 1.86 -36.61 16.70
N ARG M 191 1.74 -36.84 17.99
CA ARG M 191 0.57 -36.49 18.76
C ARG M 191 0.82 -35.69 19.95
N GLU M 192 -0.14 -34.94 20.34
CA GLU M 192 0.06 -33.94 21.38
C GLU M 192 0.05 -34.56 22.78
N GLU M 193 -1.02 -35.24 23.15
CA GLU M 193 -1.11 -35.94 24.43
C GLU M 193 -0.92 -34.97 25.60
N UNK N 1 27.13 -14.99 -0.03
CA UNK N 1 26.97 -16.39 0.33
C UNK N 1 25.53 -16.69 0.79
N UNK N 2 24.85 -17.54 0.03
CA UNK N 2 23.50 -17.99 0.35
C UNK N 2 23.52 -19.48 0.63
N UNK N 3 22.79 -19.90 1.65
CA UNK N 3 22.59 -21.32 1.89
C UNK N 3 21.10 -21.56 2.06
C1 PEG O . 44.07 -4.45 20.52
O1 PEG O . 44.45 -5.61 21.20
C2 PEG O . 45.12 -4.12 19.47
O2 PEG O . 44.61 -3.17 18.57
C3 PEG O . 45.37 -3.04 17.41
C4 PEG O . 46.27 -1.81 17.49
O4 PEG O . 47.41 -2.03 16.71
C1 PEG P . 42.86 -9.18 11.08
O1 PEG P . 43.40 -9.03 12.38
C2 PEG P . 43.94 -9.36 10.02
O2 PEG P . 43.94 -10.68 9.54
C3 PEG P . 45.19 -11.31 9.68
C4 PEG P . 45.11 -12.74 9.16
O4 PEG P . 45.23 -12.74 7.77
C1 PEG Q . 27.38 4.48 31.86
O1 PEG Q . 28.43 5.18 31.27
C2 PEG Q . 26.36 4.11 30.78
O2 PEG Q . 25.64 2.97 31.14
C3 PEG Q . 26.43 1.85 31.43
C4 PEG Q . 25.58 0.57 31.39
O4 PEG Q . 26.39 -0.52 31.69
C1 PEG R . 33.60 34.68 9.16
O1 PEG R . 34.72 33.84 9.05
C2 PEG R . 33.45 35.45 7.85
O2 PEG R . 32.71 34.68 6.94
C3 PEG R . 32.79 35.13 5.61
C4 PEG R . 32.20 36.53 5.47
O4 PEG R . 32.87 37.21 4.46
C1 PEG S . 26.28 37.86 6.88
O1 PEG S . 25.20 38.27 7.67
C2 PEG S . 26.72 36.46 7.26
O2 PEG S . 27.88 36.51 8.03
C3 PEG S . 28.56 35.29 8.13
C4 PEG S . 29.92 35.53 8.79
O4 PEG S . 29.76 36.02 10.08
C1 PEG T . 40.59 24.93 -5.67
O1 PEG T . 40.79 24.93 -7.07
C2 PEG T . 39.21 24.38 -5.36
O2 PEG T . 38.23 25.28 -5.81
C3 PEG T . 36.97 25.09 -5.23
C4 PEG T . 37.05 25.39 -3.72
O4 PEG T . 35.94 24.82 -3.08
C1 PEG U . -20.41 26.31 -33.43
O1 PEG U . -19.47 25.48 -34.07
C2 PEG U . -19.91 27.75 -33.39
O2 PEG U . -19.60 28.16 -34.70
C3 PEG U . -19.09 29.45 -34.76
C4 PEG U . -18.29 29.63 -36.06
O4 PEG U . -17.02 30.15 -35.74
C1 PEG V . -6.12 45.71 -7.45
O1 PEG V . -6.43 46.90 -6.77
C2 PEG V . -7.02 45.59 -8.68
O2 PEG V . -8.17 44.84 -8.41
C3 PEG V . -9.26 45.17 -9.22
C4 PEG V . -10.48 44.35 -8.84
O4 PEG V . -11.60 45.20 -8.79
C1 PEG W . -2.89 47.54 -9.27
O1 PEG W . -2.18 48.71 -9.59
C2 PEG W . -4.23 47.54 -10.00
O2 PEG W . -4.10 46.91 -11.25
C3 PEG W . -5.17 47.14 -12.11
C4 PEG W . -5.03 48.54 -12.71
O4 PEG W . -5.92 48.69 -13.78
C1 PEG X . -36.94 23.41 -20.25
O1 PEG X . -37.19 24.65 -19.65
C2 PEG X . -38.26 22.68 -20.55
O2 PEG X . -38.26 22.26 -21.89
C3 PEG X . -39.47 21.69 -22.30
C4 PEG X . -40.60 22.70 -22.17
O4 PEG X . -41.83 22.02 -22.05
C1 PEG Y . -38.31 3.78 -13.68
O1 PEG Y . -39.47 3.03 -13.38
C2 PEG Y . -37.67 4.34 -12.41
O2 PEG Y . -36.37 3.81 -12.25
C3 PEG Y . -35.74 4.04 -11.02
C4 PEG Y . -36.54 3.42 -9.88
O4 PEG Y . -35.76 3.00 -8.79
C1 PEG Z . -23.12 31.50 -20.47
O1 PEG Z . -23.75 30.52 -21.26
C2 PEG Z . -22.73 30.85 -19.17
O2 PEG Z . -23.77 30.05 -18.68
C3 PEG Z . -23.56 29.72 -17.34
C4 PEG Z . -23.37 31.02 -16.56
O4 PEG Z . -23.36 30.72 -15.18
C1 PEG AA . -39.60 18.63 -17.08
O1 PEG AA . -40.34 17.79 -16.23
C2 PEG AA . -38.45 19.28 -16.30
O2 PEG AA . -37.99 20.43 -16.95
C3 PEG AA . -38.84 21.55 -16.85
C4 PEG AA . -38.18 22.63 -15.99
O4 PEG AA . -39.18 23.34 -15.30
C1 PEG BA . -33.28 -12.85 -25.86
O1 PEG BA . -32.93 -12.16 -24.70
C2 PEG BA . -34.78 -13.08 -25.83
O2 PEG BA . -35.17 -13.76 -26.99
C3 PEG BA . -35.75 -12.95 -27.98
C4 PEG BA . -37.02 -12.30 -27.45
O4 PEG BA . -36.82 -10.93 -27.33
C1 PEG CA . -34.21 -23.57 -3.27
O1 PEG CA . -33.55 -24.65 -2.66
C2 PEG CA . -35.61 -24.00 -3.71
O2 PEG CA . -35.78 -23.81 -5.09
C3 PEG CA . -36.93 -24.41 -5.62
C4 PEG CA . -36.85 -25.94 -5.49
O4 PEG CA . -37.62 -26.56 -6.49
C1 PEG DA . 1.81 -21.59 -4.52
O1 PEG DA . 1.03 -20.42 -4.62
C2 PEG DA . 0.99 -22.80 -4.99
O2 PEG DA . 0.21 -22.44 -6.10
C3 PEG DA . 0.24 -23.38 -7.14
C4 PEG DA . -0.92 -24.36 -6.99
O4 PEG DA . -2.14 -23.72 -7.22
C1 PEG EA . 22.25 -40.08 16.67
O1 PEG EA . 21.92 -41.01 17.66
C2 PEG EA . 23.58 -39.41 17.00
O2 PEG EA . 24.15 -38.89 15.83
C3 PEG EA . 25.51 -39.18 15.68
C4 PEG EA . 25.68 -40.58 15.11
O4 PEG EA . 27.02 -40.98 15.23
#